data_1XHX
#
_entry.id   1XHX
#
_cell.length_a   96.256
_cell.length_b   149.911
_cell.length_c   199.024
_cell.angle_alpha   90.00
_cell.angle_beta   90.00
_cell.angle_gamma   90.00
#
_symmetry.space_group_name_H-M   'P 21 21 21'
#
loop_
_entity.id
_entity.type
_entity.pdbx_description
1 polymer 'DNA polymerase'
2 non-polymer 'MAGNESIUM ION'
3 non-polymer 'SULFATE ION'
4 water water
#
_entity_poly.entity_id   1
_entity_poly.type   'polypeptide(L)'
_entity_poly.pdbx_seq_one_letter_code
;MKHMPRKMYSCAFETTTKVEDCRVWAYGYMNIEDHSEYKIGNSLDEFMAWVLKVQADLYFHNLKFAGAFIINWLERNGFK
WSADGLPNTYNTIISRMGQWYMIDICLGYKGKRKIHTVIYDSLKKLPFPVKKIAKDFKLTVLKGDIDYHKERPVGYKITP
EEYAYIKNDIQIIAEALLIQFKQGLDRMTAGSDSLKGFKDIITTKKFKKVFPTLSLGLDKEVRYAYRGGFTWLNDRFKEK
EIGEGMVFDVNSLYPAQMYSRLLPYGEPIVFEGKYVWDEDYPLHIQHIRCEFELKEGYIPTIQIKRSRFYKGNEYLKSSG
GEIADLWLSNVDLELMKEHYDLYNVEYISGLKFKATTGLFKDFIDKWTYIKTTSEGAIKQLAKLMLNSLYGKFASNPDVT
GKVPYLKENGALGFRLGEEETKDPVYTPMGVFITAWARYTTITAAQACYDRIIYCDTDSIHLTGTEIPDVIKDIVDPKKL
GYWAHESTFKRAKYLRQKTYIQDIYMKEVDGKLVEGSPDDYTDIKFSVKCAGMTDKIKKEVTFENFKVGFSRKMKPKPVQ
VPGGVVLVDDTFTIK
;
_entity_poly.pdbx_strand_id   A,B,C,D
#
# COMPACT_ATOMS: atom_id res chain seq x y z
N PRO A 5 -10.03 31.11 -87.88
CA PRO A 5 -8.83 30.80 -87.07
C PRO A 5 -8.87 31.62 -85.81
N ARG A 6 -8.61 31.09 -84.67
CA ARG A 6 -8.73 32.02 -83.54
C ARG A 6 -7.58 33.02 -83.52
N LYS A 7 -7.89 34.26 -83.17
CA LYS A 7 -6.86 35.29 -83.09
C LYS A 7 -6.06 35.12 -81.82
N MET A 8 -4.96 35.88 -81.71
CA MET A 8 -4.08 35.83 -80.54
C MET A 8 -3.65 37.24 -80.17
N TYR A 9 -3.74 37.58 -78.89
CA TYR A 9 -3.36 38.90 -78.43
C TYR A 9 -2.41 38.87 -77.25
N SER A 10 -1.60 39.91 -77.13
CA SER A 10 -0.65 40.07 -76.04
C SER A 10 -1.30 41.10 -75.13
N CYS A 11 -1.50 40.76 -73.86
CA CYS A 11 -2.17 41.69 -72.95
C CYS A 11 -1.38 42.05 -71.70
N ALA A 12 -1.81 43.13 -71.06
CA ALA A 12 -1.17 43.61 -69.84
C ALA A 12 -2.10 44.50 -69.02
N PHE A 13 -1.84 44.56 -67.72
CA PHE A 13 -2.62 45.38 -66.81
C PHE A 13 -1.66 46.23 -66.00
N GLU A 14 -2.19 47.29 -65.39
CA GLU A 14 -1.39 48.17 -64.57
C GLU A 14 -2.25 48.39 -63.34
N THR A 15 -1.85 47.76 -62.23
CA THR A 15 -2.59 47.80 -60.98
C THR A 15 -2.13 48.81 -59.93
N THR A 16 -3.03 49.07 -58.98
CA THR A 16 -2.80 49.98 -57.87
C THR A 16 -2.14 49.23 -56.72
N THR A 17 -1.33 49.93 -55.92
CA THR A 17 -0.63 49.32 -54.81
C THR A 17 -1.39 49.37 -53.49
N LYS A 18 -2.44 50.19 -53.43
CA LYS A 18 -3.25 50.31 -52.21
C LYS A 18 -3.92 48.98 -51.87
N VAL A 19 -3.76 48.56 -50.61
CA VAL A 19 -4.35 47.31 -50.14
C VAL A 19 -5.87 47.41 -50.14
N GLU A 20 -6.37 48.64 -50.03
CA GLU A 20 -7.81 48.91 -50.00
C GLU A 20 -8.36 49.17 -51.39
N ASP A 21 -7.75 50.12 -52.09
CA ASP A 21 -8.17 50.48 -53.45
C ASP A 21 -7.38 49.66 -54.48
N CYS A 22 -7.78 48.40 -54.66
CA CYS A 22 -7.13 47.51 -55.61
C CYS A 22 -7.94 47.39 -56.90
N ARG A 23 -7.41 47.95 -57.98
CA ARG A 23 -8.10 47.91 -59.26
C ARG A 23 -7.17 48.22 -60.42
N VAL A 24 -7.58 47.83 -61.61
CA VAL A 24 -6.80 48.08 -62.82
C VAL A 24 -6.90 49.56 -63.18
N TRP A 25 -5.76 50.23 -63.38
CA TRP A 25 -5.79 51.64 -63.74
C TRP A 25 -5.33 51.89 -65.16
N ALA A 26 -5.00 50.81 -65.86
CA ALA A 26 -4.54 50.88 -67.26
C ALA A 26 -4.51 49.47 -67.83
N TYR A 27 -4.85 49.34 -69.10
CA TYR A 27 -4.85 48.05 -69.75
C TYR A 27 -4.36 48.20 -71.19
N GLY A 28 -4.08 47.08 -71.83
CA GLY A 28 -3.59 47.13 -73.19
C GLY A 28 -3.56 45.76 -73.84
N TYR A 29 -3.90 45.71 -75.12
CA TYR A 29 -3.88 44.44 -75.84
C TYR A 29 -3.37 44.67 -77.25
N MET A 30 -2.68 43.68 -77.79
CA MET A 30 -2.15 43.81 -79.14
C MET A 30 -2.27 42.51 -79.89
N ASN A 31 -2.69 42.61 -81.13
CA ASN A 31 -2.84 41.45 -81.99
C ASN A 31 -1.45 40.94 -82.33
N ILE A 32 -1.17 39.70 -81.95
CA ILE A 32 0.12 39.08 -82.19
C ILE A 32 0.48 38.99 -83.67
N GLU A 33 -0.53 38.81 -84.53
CA GLU A 33 -0.29 38.69 -85.96
C GLU A 33 -0.46 40.01 -86.70
N ASP A 34 -0.74 41.09 -85.97
CA ASP A 34 -0.92 42.40 -86.57
C ASP A 34 -0.77 43.43 -85.47
N HIS A 35 0.46 43.85 -85.21
CA HIS A 35 0.76 44.79 -84.15
C HIS A 35 0.18 46.19 -84.36
N SER A 36 -0.38 46.42 -85.54
CA SER A 36 -0.98 47.72 -85.81
C SER A 36 -2.32 47.75 -85.10
N GLU A 37 -2.86 46.57 -84.80
CA GLU A 37 -4.13 46.43 -84.11
C GLU A 37 -3.84 46.38 -82.61
N TYR A 38 -4.02 47.49 -81.92
CA TYR A 38 -3.76 47.52 -80.49
C TYR A 38 -4.56 48.64 -79.84
N LYS A 39 -4.78 48.52 -78.53
CA LYS A 39 -5.56 49.49 -77.79
C LYS A 39 -5.09 49.57 -76.35
N ILE A 40 -5.03 50.79 -75.82
CA ILE A 40 -4.63 51.01 -74.44
C ILE A 40 -5.71 51.83 -73.75
N GLY A 41 -6.42 51.21 -72.81
CA GLY A 41 -7.47 51.92 -72.10
C GLY A 41 -7.16 52.17 -70.65
N ASN A 42 -8.20 52.37 -69.85
CA ASN A 42 -8.05 52.62 -68.42
C ASN A 42 -9.30 52.18 -67.65
N SER A 43 -9.95 51.14 -68.15
CA SER A 43 -11.16 50.60 -67.52
C SER A 43 -11.30 49.10 -67.76
N LEU A 44 -11.26 48.34 -66.67
CA LEU A 44 -11.39 46.89 -66.74
C LEU A 44 -12.70 46.48 -67.37
N ASP A 45 -13.75 47.23 -67.07
CA ASP A 45 -15.06 46.93 -67.63
C ASP A 45 -14.99 47.06 -69.14
N GLU A 46 -14.30 48.10 -69.61
CA GLU A 46 -14.15 48.31 -71.05
C GLU A 46 -13.37 47.14 -71.65
N PHE A 47 -12.37 46.67 -70.93
CA PHE A 47 -11.53 45.56 -71.38
C PHE A 47 -12.31 44.25 -71.38
N MET A 48 -12.97 43.95 -70.26
CA MET A 48 -13.74 42.72 -70.15
C MET A 48 -14.87 42.63 -71.19
N ALA A 49 -15.39 43.79 -71.57
CA ALA A 49 -16.46 43.83 -72.57
C ALA A 49 -15.87 43.33 -73.88
N TRP A 50 -14.62 43.71 -74.13
CA TRP A 50 -13.88 43.32 -75.32
C TRP A 50 -13.58 41.82 -75.27
N VAL A 51 -13.09 41.38 -74.11
CA VAL A 51 -12.74 39.98 -73.90
C VAL A 51 -13.91 39.04 -74.23
N LEU A 52 -15.12 39.47 -73.91
CA LEU A 52 -16.31 38.67 -74.16
C LEU A 52 -16.71 38.53 -75.61
N LYS A 53 -16.34 39.50 -76.44
CA LYS A 53 -16.69 39.47 -77.86
C LYS A 53 -15.65 38.87 -78.81
N VAL A 54 -14.36 39.09 -78.53
CA VAL A 54 -13.27 38.66 -79.45
C VAL A 54 -13.22 37.17 -79.77
N GLN A 55 -13.69 36.30 -78.89
CA GLN A 55 -13.63 34.87 -79.15
C GLN A 55 -12.21 34.50 -79.60
N ALA A 56 -11.20 34.93 -78.84
CA ALA A 56 -9.81 34.66 -79.18
C ALA A 56 -8.96 34.15 -78.01
N ASP A 57 -7.66 34.05 -78.23
CA ASP A 57 -6.73 33.61 -77.19
C ASP A 57 -5.92 34.81 -76.71
N LEU A 58 -5.94 35.06 -75.42
CA LEU A 58 -5.19 36.18 -74.86
C LEU A 58 -4.01 35.66 -74.05
N TYR A 59 -2.96 36.47 -73.96
CA TYR A 59 -1.77 36.09 -73.22
C TYR A 59 -1.25 37.20 -72.32
N PHE A 60 -1.16 36.93 -71.02
CA PHE A 60 -0.63 37.92 -70.09
C PHE A 60 0.69 37.37 -69.61
N HIS A 61 1.69 38.22 -69.45
CA HIS A 61 2.96 37.73 -68.96
C HIS A 61 2.91 37.75 -67.45
N ASN A 62 2.59 36.59 -66.89
CA ASN A 62 2.43 36.32 -65.46
C ASN A 62 0.95 36.32 -65.10
N LEU A 63 0.23 35.45 -65.78
CA LEU A 63 -1.21 35.30 -65.60
C LEU A 63 -1.60 35.24 -64.13
N LYS A 64 -0.75 34.64 -63.29
CA LYS A 64 -1.04 34.53 -61.87
C LYS A 64 -1.46 35.86 -61.27
N PHE A 65 -0.87 36.95 -61.75
CA PHE A 65 -1.18 38.27 -61.25
C PHE A 65 -2.44 38.83 -61.90
N ALA A 66 -2.38 39.04 -63.20
CA ALA A 66 -3.51 39.58 -63.95
C ALA A 66 -4.74 38.67 -63.90
N GLY A 67 -4.50 37.36 -63.85
CA GLY A 67 -5.60 36.40 -63.81
C GLY A 67 -6.45 36.55 -62.57
N ALA A 68 -5.95 37.30 -61.59
CA ALA A 68 -6.69 37.53 -60.36
C ALA A 68 -7.80 38.52 -60.65
N PHE A 69 -7.41 39.72 -61.07
CA PHE A 69 -8.33 40.79 -61.39
C PHE A 69 -9.42 40.36 -62.38
N ILE A 70 -9.09 39.36 -63.20
CA ILE A 70 -10.05 38.86 -64.19
C ILE A 70 -11.11 38.00 -63.51
N ILE A 71 -10.69 37.18 -62.55
CA ILE A 71 -11.61 36.31 -61.83
C ILE A 71 -12.61 37.14 -61.02
N ASN A 72 -12.10 38.16 -60.34
CA ASN A 72 -12.94 39.05 -59.53
C ASN A 72 -14.08 39.64 -60.35
N TRP A 73 -13.76 40.05 -61.57
CA TRP A 73 -14.76 40.65 -62.45
C TRP A 73 -15.74 39.59 -62.94
N LEU A 74 -15.21 38.46 -63.41
CA LEU A 74 -16.07 37.39 -63.89
C LEU A 74 -17.08 36.95 -62.84
N GLU A 75 -16.66 36.97 -61.57
CA GLU A 75 -17.53 36.57 -60.48
C GLU A 75 -18.60 37.62 -60.15
N ARG A 76 -18.23 38.88 -60.25
CA ARG A 76 -19.17 39.98 -59.98
C ARG A 76 -19.87 40.42 -61.26
N ASN A 77 -20.05 39.50 -62.21
CA ASN A 77 -20.69 39.84 -63.47
C ASN A 77 -21.37 38.67 -64.19
N GLY A 78 -21.92 37.73 -63.42
CA GLY A 78 -22.64 36.62 -64.02
C GLY A 78 -21.86 35.35 -64.33
N PHE A 79 -20.66 35.22 -63.76
CA PHE A 79 -19.87 34.02 -64.01
C PHE A 79 -19.47 33.27 -62.75
N LYS A 80 -19.18 31.99 -62.92
CA LYS A 80 -18.75 31.13 -61.84
C LYS A 80 -18.10 29.89 -62.46
N TRP A 81 -17.18 29.27 -61.72
CA TRP A 81 -16.47 28.09 -62.19
C TRP A 81 -17.40 26.95 -62.60
N SER A 82 -16.95 26.12 -63.55
CA SER A 82 -17.71 24.97 -64.04
C SER A 82 -16.88 24.17 -65.05
N ALA A 83 -16.27 23.10 -64.56
CA ALA A 83 -15.42 22.23 -65.36
C ALA A 83 -15.93 21.86 -66.74
N ASP A 84 -17.25 21.74 -66.88
CA ASP A 84 -17.83 21.35 -68.16
C ASP A 84 -18.27 22.48 -69.09
N GLY A 85 -17.67 23.66 -68.92
CA GLY A 85 -17.97 24.81 -69.75
C GLY A 85 -19.43 25.01 -70.11
N LEU A 86 -20.10 25.89 -69.37
CA LEU A 86 -21.52 26.18 -69.60
C LEU A 86 -21.68 27.67 -69.90
N PRO A 87 -22.82 28.07 -70.47
CA PRO A 87 -23.00 29.50 -70.76
C PRO A 87 -22.78 30.35 -69.51
N ASN A 88 -22.01 31.42 -69.66
CA ASN A 88 -21.69 32.32 -68.56
C ASN A 88 -20.92 31.58 -67.48
N THR A 89 -20.22 30.55 -67.91
CA THR A 89 -19.40 29.70 -67.05
C THR A 89 -17.93 29.95 -67.40
N TYR A 90 -17.03 29.67 -66.46
CA TYR A 90 -15.61 29.86 -66.70
C TYR A 90 -14.79 28.81 -65.98
N ASN A 91 -14.07 28.00 -66.76
CA ASN A 91 -13.21 26.95 -66.24
C ASN A 91 -11.79 27.45 -66.13
N THR A 92 -10.94 26.70 -65.43
CA THR A 92 -9.55 27.10 -65.28
C THR A 92 -8.61 25.91 -65.16
N ILE A 93 -7.32 26.20 -65.12
CA ILE A 93 -6.30 25.20 -64.97
C ILE A 93 -5.27 25.80 -64.04
N ILE A 94 -5.31 25.35 -62.79
CA ILE A 94 -4.36 25.83 -61.79
C ILE A 94 -3.88 24.62 -61.01
N SER A 95 -2.59 24.62 -60.67
CA SER A 95 -1.98 23.50 -59.95
C SER A 95 -1.98 23.68 -58.44
N ARG A 96 -1.98 22.57 -57.71
CA ARG A 96 -1.98 22.62 -56.25
C ARG A 96 -0.93 23.61 -55.76
N MET A 97 0.11 23.80 -56.56
CA MET A 97 1.19 24.71 -56.18
C MET A 97 0.92 26.18 -56.47
N GLY A 98 -0.17 26.47 -57.17
CA GLY A 98 -0.52 27.84 -57.46
C GLY A 98 0.01 28.45 -58.73
N GLN A 99 0.15 27.63 -59.77
CA GLN A 99 0.62 28.12 -61.05
C GLN A 99 -0.54 28.17 -62.04
N TRP A 100 -0.77 29.35 -62.59
CA TRP A 100 -1.88 29.58 -63.52
C TRP A 100 -1.50 29.23 -64.95
N TYR A 101 -2.31 28.41 -65.59
CA TYR A 101 -2.05 28.00 -66.96
C TYR A 101 -3.10 28.51 -67.96
N MET A 102 -4.36 28.51 -67.54
CA MET A 102 -5.44 28.93 -68.43
C MET A 102 -6.77 29.23 -67.78
N ILE A 103 -7.49 30.19 -68.36
CA ILE A 103 -8.82 30.58 -67.93
C ILE A 103 -9.67 30.52 -69.19
N ASP A 104 -10.65 29.63 -69.22
CA ASP A 104 -11.52 29.46 -70.38
C ASP A 104 -12.91 30.03 -70.14
N ILE A 105 -13.12 31.28 -70.51
CA ILE A 105 -14.40 31.96 -70.34
C ILE A 105 -15.42 31.56 -71.41
N CYS A 106 -16.49 30.88 -70.98
CA CYS A 106 -17.52 30.44 -71.89
C CYS A 106 -18.74 31.36 -71.82
N LEU A 107 -19.35 31.62 -72.97
CA LEU A 107 -20.52 32.49 -73.05
C LEU A 107 -21.74 31.69 -73.48
N GLY A 108 -21.49 30.63 -74.26
CA GLY A 108 -22.57 29.79 -74.73
C GLY A 108 -22.12 28.96 -75.92
N TYR A 109 -23.07 28.33 -76.62
CA TYR A 109 -22.75 27.53 -77.78
C TYR A 109 -23.59 27.93 -78.99
N LYS A 110 -23.04 27.69 -80.18
CA LYS A 110 -23.72 27.99 -81.44
C LYS A 110 -23.53 26.79 -82.35
N GLY A 111 -24.50 25.88 -82.32
CA GLY A 111 -24.40 24.63 -83.05
C GLY A 111 -23.81 23.68 -82.04
N LYS A 112 -22.60 23.20 -82.29
CA LYS A 112 -21.94 22.32 -81.34
C LYS A 112 -20.61 22.99 -81.04
N ARG A 113 -20.46 24.19 -81.59
CA ARG A 113 -19.25 24.97 -81.42
C ARG A 113 -19.33 25.83 -80.15
N LYS A 114 -18.21 25.87 -79.44
CA LYS A 114 -18.09 26.59 -78.18
C LYS A 114 -17.64 28.05 -78.35
N ILE A 115 -18.50 28.97 -77.96
CA ILE A 115 -18.18 30.39 -78.05
C ILE A 115 -17.47 30.74 -76.76
N HIS A 116 -16.17 31.00 -76.86
CA HIS A 116 -15.38 31.32 -75.68
C HIS A 116 -14.11 32.11 -76.00
N THR A 117 -13.47 32.60 -74.95
CA THR A 117 -12.23 33.34 -75.05
C THR A 117 -11.30 32.81 -73.96
N VAL A 118 -10.24 32.14 -74.37
CA VAL A 118 -9.28 31.57 -73.43
C VAL A 118 -8.17 32.55 -73.10
N ILE A 119 -7.75 32.58 -71.84
CA ILE A 119 -6.69 33.46 -71.40
C ILE A 119 -5.51 32.59 -70.95
N TYR A 120 -4.36 32.77 -71.59
CA TYR A 120 -3.18 31.98 -71.27
C TYR A 120 -2.10 32.81 -70.61
N ASP A 121 -1.11 32.11 -70.06
CA ASP A 121 0.03 32.76 -69.41
C ASP A 121 1.23 32.67 -70.35
N SER A 122 1.74 33.81 -70.77
CA SER A 122 2.88 33.83 -71.68
C SER A 122 4.17 33.44 -70.95
N LEU A 123 4.18 33.57 -69.63
CA LEU A 123 5.36 33.22 -68.85
C LEU A 123 5.63 31.72 -68.98
N LYS A 124 4.59 30.94 -69.21
CA LYS A 124 4.72 29.49 -69.36
C LYS A 124 5.36 29.12 -70.71
N LYS A 125 5.30 30.03 -71.68
CA LYS A 125 5.90 29.78 -73.00
C LYS A 125 7.26 30.44 -73.10
N LEU A 126 7.45 31.51 -72.34
CA LEU A 126 8.71 32.26 -72.32
C LEU A 126 9.07 32.57 -70.88
N PRO A 127 9.70 31.61 -70.19
CA PRO A 127 10.14 31.65 -68.79
C PRO A 127 11.16 32.71 -68.38
N PHE A 128 10.95 33.95 -68.79
CA PHE A 128 11.87 35.03 -68.41
C PHE A 128 11.11 36.34 -68.23
N PRO A 129 11.75 37.33 -67.59
CA PRO A 129 11.11 38.62 -67.38
C PRO A 129 11.08 39.38 -68.71
N VAL A 130 10.13 40.28 -68.86
CA VAL A 130 10.01 41.05 -70.10
C VAL A 130 11.34 41.72 -70.42
N LYS A 131 11.94 42.33 -69.41
CA LYS A 131 13.23 43.00 -69.57
C LYS A 131 14.24 42.04 -70.17
N LYS A 132 14.37 40.86 -69.57
CA LYS A 132 15.31 39.85 -70.04
C LYS A 132 14.98 39.34 -71.43
N ILE A 133 13.70 39.07 -71.68
CA ILE A 133 13.29 38.59 -72.99
C ILE A 133 13.71 39.61 -74.03
N ALA A 134 13.46 40.88 -73.76
CA ALA A 134 13.81 41.95 -74.69
C ALA A 134 15.30 41.95 -74.98
N LYS A 135 16.10 41.85 -73.93
CA LYS A 135 17.55 41.85 -74.05
C LYS A 135 18.07 40.66 -74.86
N ASP A 136 17.78 39.45 -74.41
CA ASP A 136 18.25 38.26 -75.09
C ASP A 136 17.70 38.09 -76.51
N PHE A 137 16.48 38.58 -76.74
CA PHE A 137 15.88 38.47 -78.07
C PHE A 137 16.21 39.67 -78.95
N LYS A 138 16.82 40.68 -78.34
CA LYS A 138 17.21 41.89 -79.06
C LYS A 138 16.01 42.64 -79.64
N LEU A 139 15.03 42.88 -78.78
CA LEU A 139 13.81 43.59 -79.16
C LEU A 139 13.81 44.93 -78.43
N THR A 140 13.54 46.00 -79.15
CA THR A 140 13.52 47.35 -78.58
C THR A 140 12.80 47.38 -77.24
N VAL A 141 13.46 47.94 -76.23
CA VAL A 141 12.87 48.03 -74.91
C VAL A 141 13.27 49.37 -74.28
N LEU A 142 12.28 50.11 -73.80
CA LEU A 142 12.53 51.42 -73.20
C LEU A 142 13.11 51.28 -71.81
N LYS A 143 14.09 52.12 -71.50
CA LYS A 143 14.73 52.11 -70.20
C LYS A 143 13.86 52.87 -69.20
N GLY A 144 14.04 52.57 -67.92
CA GLY A 144 13.24 53.24 -66.90
C GLY A 144 11.93 52.48 -66.70
N ASP A 145 11.04 53.02 -65.87
CA ASP A 145 9.78 52.36 -65.62
C ASP A 145 8.71 53.31 -65.08
N ILE A 146 7.45 53.00 -65.36
CA ILE A 146 6.33 53.82 -64.90
C ILE A 146 6.39 54.01 -63.40
N ASP A 147 6.20 55.25 -62.95
CA ASP A 147 6.22 55.54 -61.52
C ASP A 147 5.10 54.71 -60.87
N TYR A 148 5.49 53.65 -60.17
CA TYR A 148 4.53 52.76 -59.53
C TYR A 148 3.79 53.36 -58.32
N HIS A 149 4.47 54.18 -57.54
CA HIS A 149 3.87 54.80 -56.36
C HIS A 149 3.46 56.25 -56.64
N LYS A 150 2.30 56.42 -57.26
CA LYS A 150 1.76 57.72 -57.61
C LYS A 150 0.24 57.62 -57.58
N GLU A 151 -0.39 58.40 -56.71
CA GLU A 151 -1.85 58.39 -56.59
C GLU A 151 -2.56 58.49 -57.93
N ARG A 152 -3.43 57.52 -58.20
CA ARG A 152 -4.17 57.48 -59.46
C ARG A 152 -5.66 57.26 -59.18
N PRO A 153 -6.43 58.34 -59.04
CA PRO A 153 -7.87 58.24 -58.78
C PRO A 153 -8.58 57.52 -59.92
N VAL A 154 -9.78 57.01 -59.64
CA VAL A 154 -10.55 56.30 -60.65
C VAL A 154 -10.67 57.16 -61.90
N GLY A 155 -10.61 56.54 -63.06
CA GLY A 155 -10.72 57.27 -64.31
C GLY A 155 -9.48 58.11 -64.60
N TYR A 156 -8.39 57.80 -63.90
CA TYR A 156 -7.13 58.50 -64.09
C TYR A 156 -6.76 58.59 -65.58
N LYS A 157 -6.14 59.69 -65.96
CA LYS A 157 -5.74 59.88 -67.36
C LYS A 157 -4.29 59.44 -67.58
N ILE A 158 -4.10 58.46 -68.44
CA ILE A 158 -2.77 57.93 -68.73
C ILE A 158 -1.93 58.92 -69.53
N THR A 159 -0.73 59.19 -69.03
CA THR A 159 0.18 60.12 -69.70
C THR A 159 0.76 59.47 -70.95
N PRO A 160 1.42 60.26 -71.81
CA PRO A 160 2.00 59.69 -73.03
C PRO A 160 3.14 58.74 -72.69
N GLU A 161 3.81 59.02 -71.57
CA GLU A 161 4.93 58.21 -71.12
C GLU A 161 4.43 56.82 -70.76
N GLU A 162 3.45 56.78 -69.88
CA GLU A 162 2.86 55.52 -69.44
C GLU A 162 2.32 54.73 -70.64
N TYR A 163 1.72 55.45 -71.59
CA TYR A 163 1.17 54.85 -72.79
C TYR A 163 2.27 54.14 -73.57
N ALA A 164 3.41 54.81 -73.71
CA ALA A 164 4.55 54.26 -74.43
C ALA A 164 5.04 52.99 -73.74
N TYR A 165 5.15 53.05 -72.42
CA TYR A 165 5.59 51.92 -71.61
C TYR A 165 4.66 50.73 -71.76
N ILE A 166 3.37 50.99 -71.66
CA ILE A 166 2.38 49.94 -71.76
C ILE A 166 2.40 49.31 -73.14
N LYS A 167 2.63 50.12 -74.16
CA LYS A 167 2.66 49.58 -75.52
C LYS A 167 3.91 48.74 -75.71
N ASN A 168 5.04 49.23 -75.20
CA ASN A 168 6.31 48.52 -75.31
C ASN A 168 6.25 47.15 -74.64
N ASP A 169 5.77 47.11 -73.39
CA ASP A 169 5.68 45.86 -72.66
C ASP A 169 4.94 44.77 -73.41
N ILE A 170 3.83 45.10 -74.07
CA ILE A 170 3.06 44.09 -74.78
C ILE A 170 3.56 43.82 -76.20
N GLN A 171 4.29 44.77 -76.76
CA GLN A 171 4.82 44.59 -78.11
C GLN A 171 6.00 43.62 -78.06
N ILE A 172 6.74 43.65 -76.96
CA ILE A 172 7.88 42.76 -76.78
C ILE A 172 7.39 41.33 -76.74
N ILE A 173 6.41 41.08 -75.88
CA ILE A 173 5.84 39.74 -75.75
C ILE A 173 5.18 39.28 -77.05
N ALA A 174 4.66 40.23 -77.82
CA ALA A 174 4.02 39.89 -79.08
C ALA A 174 5.04 39.46 -80.10
N GLU A 175 6.12 40.21 -80.19
CA GLU A 175 7.17 39.89 -81.15
C GLU A 175 7.79 38.54 -80.84
N ALA A 176 7.92 38.24 -79.55
CA ALA A 176 8.50 36.98 -79.12
C ALA A 176 7.60 35.78 -79.44
N LEU A 177 6.35 35.86 -79.01
CA LEU A 177 5.40 34.77 -79.24
C LEU A 177 5.19 34.50 -80.73
N LEU A 178 5.21 35.56 -81.55
CA LEU A 178 5.01 35.41 -82.98
C LEU A 178 6.06 34.52 -83.62
N ILE A 179 7.30 34.63 -83.16
CA ILE A 179 8.37 33.82 -83.71
C ILE A 179 8.11 32.33 -83.45
N GLN A 180 7.51 32.02 -82.31
CA GLN A 180 7.20 30.64 -81.96
C GLN A 180 5.96 30.14 -82.70
N PHE A 181 4.92 30.98 -82.71
CA PHE A 181 3.70 30.61 -83.41
C PHE A 181 4.00 30.39 -84.89
N LYS A 182 5.00 31.11 -85.39
CA LYS A 182 5.38 30.99 -86.79
C LYS A 182 6.05 29.66 -87.12
N GLN A 183 6.38 28.88 -86.09
CA GLN A 183 7.03 27.59 -86.31
C GLN A 183 6.18 26.43 -85.86
N GLY A 184 4.90 26.67 -85.60
CA GLY A 184 4.04 25.58 -85.16
C GLY A 184 4.07 25.43 -83.65
N LEU A 185 5.03 26.08 -83.01
CA LEU A 185 5.16 26.06 -81.56
C LEU A 185 3.95 26.80 -80.96
N ASP A 186 2.79 26.16 -81.04
CA ASP A 186 1.55 26.75 -80.57
C ASP A 186 1.01 26.12 -79.29
N ARG A 187 1.87 25.46 -78.54
CA ARG A 187 1.44 24.82 -77.31
C ARG A 187 1.37 25.80 -76.14
N MET A 188 0.82 25.32 -75.04
CA MET A 188 0.65 26.11 -73.82
C MET A 188 1.94 26.39 -73.05
N THR A 189 2.84 25.42 -73.03
CA THR A 189 4.09 25.57 -72.31
C THR A 189 5.31 25.31 -73.19
N ALA A 190 6.48 25.60 -72.64
CA ALA A 190 7.75 25.39 -73.34
C ALA A 190 8.00 23.90 -73.52
N GLY A 191 7.80 23.15 -72.44
CA GLY A 191 8.00 21.72 -72.49
C GLY A 191 7.19 21.11 -73.62
N SER A 192 5.92 21.49 -73.69
CA SER A 192 5.03 20.96 -74.72
C SER A 192 5.48 21.35 -76.12
N ASP A 193 6.01 22.56 -76.27
CA ASP A 193 6.51 23.01 -77.57
C ASP A 193 7.67 22.09 -77.93
N SER A 194 8.52 21.81 -76.95
CA SER A 194 9.66 20.94 -77.19
C SER A 194 9.18 19.54 -77.58
N LEU A 195 8.17 19.03 -76.88
CA LEU A 195 7.68 17.69 -77.19
C LEU A 195 7.11 17.68 -78.60
N LYS A 196 6.45 18.77 -78.98
CA LYS A 196 5.86 18.90 -80.30
C LYS A 196 6.95 18.87 -81.38
N GLY A 197 7.98 19.71 -81.20
CA GLY A 197 9.06 19.76 -82.16
C GLY A 197 9.76 18.41 -82.25
N PHE A 198 9.72 17.65 -81.17
CA PHE A 198 10.34 16.34 -81.14
C PHE A 198 9.53 15.35 -81.95
N LYS A 199 8.21 15.39 -81.79
CA LYS A 199 7.33 14.49 -82.52
C LYS A 199 7.41 14.78 -84.02
N ASP A 200 7.52 16.06 -84.37
CA ASP A 200 7.61 16.46 -85.77
C ASP A 200 8.74 15.71 -86.45
N ILE A 201 9.88 15.65 -85.76
CA ILE A 201 11.06 14.99 -86.30
C ILE A 201 10.99 13.46 -86.39
N ILE A 202 10.46 12.80 -85.38
CA ILE A 202 10.40 11.34 -85.44
C ILE A 202 9.05 10.79 -85.90
N THR A 203 8.05 11.66 -85.96
CA THR A 203 6.66 11.32 -86.36
C THR A 203 5.89 10.78 -85.16
N THR A 204 4.62 11.19 -85.08
CA THR A 204 3.75 10.75 -84.00
C THR A 204 3.58 9.25 -83.97
N LYS A 205 3.54 8.63 -85.15
CA LYS A 205 3.38 7.20 -85.23
C LYS A 205 4.50 6.46 -84.49
N LYS A 206 5.74 6.81 -84.81
CA LYS A 206 6.89 6.18 -84.17
C LYS A 206 6.91 6.50 -82.68
N PHE A 207 6.57 7.74 -82.34
CA PHE A 207 6.55 8.16 -80.94
C PHE A 207 5.68 7.23 -80.13
N LYS A 208 4.47 6.98 -80.62
CA LYS A 208 3.52 6.11 -79.92
C LYS A 208 4.04 4.69 -79.74
N LYS A 209 4.70 4.15 -80.75
CA LYS A 209 5.23 2.78 -80.67
C LYS A 209 6.43 2.70 -79.72
N VAL A 210 7.27 3.71 -79.78
CA VAL A 210 8.48 3.77 -78.96
C VAL A 210 8.20 4.11 -77.49
N PHE A 211 7.31 5.07 -77.27
CA PHE A 211 6.96 5.49 -75.90
C PHE A 211 5.53 5.11 -75.54
N PRO A 212 5.28 3.81 -75.32
CA PRO A 212 3.94 3.33 -74.96
C PRO A 212 3.44 3.97 -73.68
N THR A 213 2.13 3.98 -73.51
CA THR A 213 1.53 4.52 -72.29
C THR A 213 1.61 3.36 -71.30
N LEU A 214 1.90 3.67 -70.05
CA LEU A 214 2.01 2.62 -69.04
C LEU A 214 0.81 2.62 -68.10
N SER A 215 0.53 1.46 -67.50
CA SER A 215 -0.56 1.34 -66.55
C SER A 215 -0.15 2.11 -65.31
N LEU A 216 -1.08 2.89 -64.76
CA LEU A 216 -0.82 3.69 -63.57
C LEU A 216 -0.04 2.98 -62.47
N GLY A 217 -0.29 1.68 -62.30
CA GLY A 217 0.42 0.92 -61.28
C GLY A 217 1.89 0.77 -61.62
N LEU A 218 2.17 0.46 -62.89
CA LEU A 218 3.54 0.29 -63.37
C LEU A 218 4.27 1.63 -63.30
N ASP A 219 3.57 2.68 -63.72
CA ASP A 219 4.14 4.02 -63.73
C ASP A 219 4.45 4.49 -62.31
N LYS A 220 3.64 4.05 -61.36
CA LYS A 220 3.85 4.43 -59.97
C LYS A 220 5.17 3.83 -59.48
N GLU A 221 5.45 2.60 -59.90
CA GLU A 221 6.68 1.94 -59.48
C GLU A 221 7.92 2.57 -60.12
N VAL A 222 7.82 2.95 -61.39
CA VAL A 222 8.93 3.58 -62.09
C VAL A 222 9.22 4.93 -61.44
N ARG A 223 8.14 5.63 -61.10
CA ARG A 223 8.21 6.95 -60.48
C ARG A 223 9.03 6.89 -59.18
N TYR A 224 9.09 5.72 -58.55
CA TYR A 224 9.85 5.54 -57.32
C TYR A 224 11.35 5.72 -57.55
N ALA A 225 11.78 5.50 -58.79
CA ALA A 225 13.19 5.61 -59.13
C ALA A 225 13.58 6.98 -59.69
N TYR A 226 12.63 7.92 -59.70
CA TYR A 226 12.95 9.24 -60.22
C TYR A 226 13.53 10.14 -59.12
N ARG A 227 14.50 10.96 -59.51
CA ARG A 227 15.15 11.89 -58.59
C ARG A 227 15.55 13.12 -59.40
N GLY A 228 15.93 14.18 -58.71
CA GLY A 228 16.33 15.39 -59.39
C GLY A 228 17.84 15.53 -59.49
N GLY A 229 18.29 16.76 -59.67
CA GLY A 229 19.72 17.02 -59.76
C GLY A 229 20.43 16.68 -58.47
N PHE A 230 21.75 16.65 -58.53
CA PHE A 230 22.57 16.35 -57.36
C PHE A 230 23.08 17.67 -56.77
N THR A 231 22.51 18.07 -55.63
CA THR A 231 22.93 19.30 -54.96
C THR A 231 23.43 18.92 -53.58
N TRP A 232 24.72 19.12 -53.38
CA TRP A 232 25.38 18.73 -52.15
C TRP A 232 26.52 19.65 -51.73
N LEU A 233 26.50 20.07 -50.46
CA LEU A 233 27.56 20.92 -49.92
C LEU A 233 28.40 20.08 -48.97
N ASN A 234 29.70 20.02 -49.24
CA ASN A 234 30.63 19.26 -48.41
C ASN A 234 30.64 19.85 -47.00
N ASP A 235 30.39 19.01 -45.98
CA ASP A 235 30.37 19.45 -44.58
C ASP A 235 31.66 20.16 -44.18
N ARG A 236 32.77 19.68 -44.74
CA ARG A 236 34.08 20.23 -44.47
C ARG A 236 34.17 21.73 -44.72
N PHE A 237 33.24 22.28 -45.49
CA PHE A 237 33.25 23.71 -45.81
C PHE A 237 32.01 24.45 -45.33
N LYS A 238 31.09 23.73 -44.71
CA LYS A 238 29.85 24.32 -44.23
C LYS A 238 30.04 25.56 -43.34
N GLU A 239 29.58 26.69 -43.85
CA GLU A 239 29.64 27.97 -43.15
C GLU A 239 31.02 28.53 -42.87
N LYS A 240 32.02 28.10 -43.65
CA LYS A 240 33.38 28.60 -43.47
C LYS A 240 33.82 29.50 -44.61
N GLU A 241 34.46 30.62 -44.28
CA GLU A 241 34.96 31.52 -45.32
C GLU A 241 36.23 30.87 -45.85
N ILE A 242 36.30 30.68 -47.16
CA ILE A 242 37.48 30.04 -47.76
C ILE A 242 38.21 30.94 -48.74
N GLY A 243 39.37 30.45 -49.20
CA GLY A 243 40.18 31.22 -50.13
C GLY A 243 39.85 31.00 -51.59
N GLU A 244 40.89 30.92 -52.42
CA GLU A 244 40.74 30.74 -53.86
C GLU A 244 40.10 29.42 -54.26
N GLY A 245 39.31 29.47 -55.32
CA GLY A 245 38.64 28.29 -55.81
C GLY A 245 38.17 28.48 -57.23
N MET A 246 37.57 27.45 -57.80
CA MET A 246 37.09 27.54 -59.17
C MET A 246 35.79 26.78 -59.39
N VAL A 247 35.04 27.16 -60.42
CA VAL A 247 33.76 26.54 -60.73
C VAL A 247 33.71 25.95 -62.14
N PHE A 248 33.26 24.70 -62.25
CA PHE A 248 33.10 24.05 -63.55
C PHE A 248 31.64 23.74 -63.80
N ASP A 249 31.19 23.97 -65.04
CA ASP A 249 29.80 23.73 -65.46
C ASP A 249 29.75 22.90 -66.75
N VAL A 250 28.93 21.86 -66.77
CA VAL A 250 28.79 21.02 -67.95
C VAL A 250 28.07 21.79 -69.05
N ASN A 251 28.55 21.63 -70.29
CA ASN A 251 27.93 22.31 -71.44
C ASN A 251 26.68 21.55 -71.87
N SER A 252 25.52 22.06 -71.45
CA SER A 252 24.23 21.47 -71.74
C SER A 252 24.13 20.05 -71.17
N LEU A 253 24.01 19.98 -69.85
CA LEU A 253 23.91 18.71 -69.15
C LEU A 253 22.90 17.70 -69.71
N TYR A 254 21.62 18.01 -69.55
CA TYR A 254 20.57 17.10 -70.01
C TYR A 254 20.64 16.76 -71.50
N PRO A 255 20.69 17.78 -72.38
CA PRO A 255 20.75 17.51 -73.83
C PRO A 255 21.93 16.57 -74.13
N ALA A 256 23.00 16.67 -73.34
CA ALA A 256 24.18 15.83 -73.52
C ALA A 256 23.87 14.36 -73.22
N GLN A 257 23.17 14.10 -72.11
CA GLN A 257 22.84 12.71 -71.76
C GLN A 257 21.91 12.15 -72.84
N MET A 258 20.98 12.99 -73.28
CA MET A 258 20.01 12.61 -74.28
C MET A 258 20.72 12.28 -75.58
N TYR A 259 21.77 13.00 -75.88
CA TYR A 259 22.48 12.79 -77.11
C TYR A 259 23.27 11.49 -77.20
N SER A 260 23.82 11.01 -76.08
CA SER A 260 24.63 9.81 -76.23
C SER A 260 24.55 8.69 -75.18
N ARG A 261 23.68 8.82 -74.18
CA ARG A 261 23.59 7.76 -73.17
C ARG A 261 22.60 6.71 -73.61
N LEU A 262 22.76 5.50 -73.08
CA LEU A 262 21.87 4.39 -73.36
C LEU A 262 20.57 4.72 -72.62
N LEU A 263 19.48 4.92 -73.35
CA LEU A 263 18.20 5.25 -72.74
C LEU A 263 17.13 4.23 -73.08
N PRO A 264 16.09 4.13 -72.25
CA PRO A 264 14.98 3.18 -72.43
C PRO A 264 13.82 3.64 -73.32
N TYR A 265 13.11 2.66 -73.85
CA TYR A 265 11.96 2.91 -74.70
C TYR A 265 11.24 1.58 -74.77
N GLY A 266 9.97 1.60 -75.16
CA GLY A 266 9.22 0.36 -75.27
C GLY A 266 8.51 -0.12 -74.04
N GLU A 267 7.96 -1.32 -74.14
CA GLU A 267 7.21 -1.95 -73.06
C GLU A 267 8.16 -2.62 -72.06
N PRO A 268 8.00 -2.30 -70.78
CA PRO A 268 8.84 -2.88 -69.72
C PRO A 268 8.51 -4.36 -69.53
N ILE A 269 9.48 -5.11 -69.01
CA ILE A 269 9.28 -6.52 -68.72
C ILE A 269 9.55 -6.68 -67.24
N VAL A 270 8.54 -7.16 -66.51
CA VAL A 270 8.66 -7.38 -65.08
C VAL A 270 9.47 -8.63 -64.81
N PHE A 271 10.19 -8.64 -63.69
CA PHE A 271 10.99 -9.79 -63.31
C PHE A 271 11.06 -9.90 -61.79
N GLU A 272 11.39 -11.08 -61.31
CA GLU A 272 11.48 -11.34 -59.86
C GLU A 272 12.94 -11.50 -59.42
N GLY A 273 13.21 -11.07 -58.19
CA GLY A 273 14.54 -11.17 -57.65
C GLY A 273 15.50 -10.19 -58.28
N LYS A 274 16.75 -10.61 -58.41
CA LYS A 274 17.81 -9.79 -58.98
C LYS A 274 17.86 -9.90 -60.49
N TYR A 275 17.83 -8.75 -61.15
CA TYR A 275 17.90 -8.67 -62.62
C TYR A 275 19.00 -9.57 -63.15
N VAL A 276 18.76 -10.18 -64.30
CA VAL A 276 19.75 -11.04 -64.94
C VAL A 276 20.11 -10.36 -66.25
N TRP A 277 21.41 -10.22 -66.51
CA TRP A 277 21.84 -9.55 -67.74
C TRP A 277 21.08 -10.03 -68.98
N ASP A 278 20.58 -9.08 -69.76
CA ASP A 278 19.82 -9.37 -70.97
C ASP A 278 20.20 -8.34 -72.03
N GLU A 279 20.98 -8.76 -73.01
CA GLU A 279 21.43 -7.87 -74.08
C GLU A 279 20.31 -7.08 -74.75
N ASP A 280 19.12 -7.68 -74.85
CA ASP A 280 18.00 -6.99 -75.50
C ASP A 280 17.21 -6.08 -74.56
N TYR A 281 17.49 -6.18 -73.27
CA TYR A 281 16.84 -5.34 -72.26
C TYR A 281 17.94 -4.91 -71.31
N PRO A 282 18.91 -4.11 -71.82
CA PRO A 282 20.08 -3.56 -71.14
C PRO A 282 19.86 -2.78 -69.85
N LEU A 283 18.84 -1.92 -69.85
CA LEU A 283 18.55 -1.10 -68.68
C LEU A 283 17.49 -1.72 -67.81
N HIS A 284 17.46 -1.32 -66.54
CA HIS A 284 16.45 -1.84 -65.64
C HIS A 284 16.36 -1.03 -64.36
N ILE A 285 15.25 -1.21 -63.65
CA ILE A 285 15.03 -0.57 -62.36
C ILE A 285 14.86 -1.73 -61.38
N GLN A 286 15.65 -1.71 -60.33
CA GLN A 286 15.61 -2.76 -59.33
C GLN A 286 15.02 -2.32 -58.00
N HIS A 287 14.08 -3.09 -57.51
CA HIS A 287 13.47 -2.88 -56.22
C HIS A 287 14.37 -3.62 -55.26
N ILE A 288 15.03 -2.92 -54.37
CA ILE A 288 15.97 -3.56 -53.46
C ILE A 288 15.71 -3.11 -52.04
N ARG A 289 16.05 -3.97 -51.08
CA ARG A 289 15.91 -3.65 -49.66
C ARG A 289 17.25 -3.96 -49.05
N CYS A 290 17.77 -3.04 -48.23
CA CYS A 290 19.06 -3.26 -47.63
C CYS A 290 19.46 -2.18 -46.64
N GLU A 291 20.63 -2.40 -46.05
CA GLU A 291 21.23 -1.43 -45.16
C GLU A 291 22.51 -1.01 -45.89
N PHE A 292 23.00 0.19 -45.62
CA PHE A 292 24.21 0.65 -46.30
C PHE A 292 25.09 1.52 -45.41
N GLU A 293 26.37 1.58 -45.75
CA GLU A 293 27.34 2.36 -45.01
C GLU A 293 28.29 3.04 -46.00
N LEU A 294 28.39 4.36 -45.94
CA LEU A 294 29.25 5.12 -46.85
C LEU A 294 30.71 4.71 -46.76
N LYS A 295 31.32 4.37 -47.89
CA LYS A 295 32.72 3.97 -47.92
C LYS A 295 33.61 5.17 -47.66
N GLU A 296 34.72 4.93 -46.97
CA GLU A 296 35.65 6.00 -46.63
C GLU A 296 36.14 6.75 -47.86
N GLY A 297 36.09 8.08 -47.80
CA GLY A 297 36.54 8.89 -48.91
C GLY A 297 35.59 9.03 -50.09
N TYR A 298 34.31 8.74 -49.87
CA TYR A 298 33.31 8.85 -50.93
C TYR A 298 32.19 9.81 -50.61
N ILE A 299 31.65 10.41 -51.66
CA ILE A 299 30.55 11.36 -51.55
C ILE A 299 29.24 10.59 -51.38
N PRO A 300 28.33 11.07 -50.52
CA PRO A 300 27.05 10.37 -50.32
C PRO A 300 26.23 10.56 -51.61
N THR A 301 25.38 9.59 -51.95
CA THR A 301 24.57 9.72 -53.16
C THR A 301 23.13 9.24 -52.95
N ILE A 302 22.90 8.43 -51.93
CA ILE A 302 21.56 7.92 -51.66
C ILE A 302 20.71 8.93 -50.90
N GLN A 303 19.53 9.21 -51.45
CA GLN A 303 18.61 10.14 -50.82
C GLN A 303 17.28 9.40 -50.64
N ILE A 304 16.77 9.36 -49.42
CA ILE A 304 15.50 8.69 -49.19
C ILE A 304 14.38 9.68 -49.43
N LYS A 305 13.40 9.28 -50.24
CA LYS A 305 12.27 10.13 -50.57
C LYS A 305 11.84 11.02 -49.42
N ARG A 306 11.54 12.28 -49.73
CA ARG A 306 11.11 13.25 -48.73
C ARG A 306 9.90 12.76 -47.93
N SER A 307 9.83 13.22 -46.67
CA SER A 307 8.78 12.91 -45.75
C SER A 307 8.75 11.42 -45.25
N ARG A 308 9.49 10.46 -45.89
CA ARG A 308 9.54 9.07 -45.37
C ARG A 308 10.72 9.01 -44.37
N PHE A 309 10.46 9.67 -43.24
CA PHE A 309 11.47 9.97 -42.26
C PHE A 309 12.74 9.18 -42.28
N TYR A 310 13.69 10.06 -42.55
CA TYR A 310 15.12 9.92 -42.61
C TYR A 310 15.58 11.34 -42.84
N LYS A 311 14.81 12.04 -43.69
CA LYS A 311 15.07 13.44 -44.03
C LYS A 311 14.83 13.73 -45.52
N GLY A 312 14.57 14.99 -45.85
CA GLY A 312 14.27 15.34 -47.23
C GLY A 312 15.41 15.44 -48.23
N ASN A 313 15.98 16.64 -48.33
CA ASN A 313 17.04 16.92 -49.28
C ASN A 313 18.47 16.68 -48.79
N GLU A 314 18.69 15.56 -48.10
CA GLU A 314 20.03 15.26 -47.60
C GLU A 314 20.48 13.89 -48.07
N TYR A 315 21.78 13.73 -48.28
CA TYR A 315 22.32 12.46 -48.72
C TYR A 315 22.86 11.67 -47.52
N LEU A 316 22.32 10.47 -47.33
CA LEU A 316 22.66 9.58 -46.23
C LEU A 316 24.03 8.91 -46.22
N LYS A 317 24.66 8.89 -45.05
CA LYS A 317 25.96 8.26 -44.89
C LYS A 317 25.75 6.79 -44.53
N SER A 318 24.58 6.50 -43.98
CA SER A 318 24.23 5.13 -43.60
C SER A 318 22.74 5.06 -43.31
N SER A 319 22.18 3.87 -43.44
CA SER A 319 20.77 3.64 -43.19
C SER A 319 20.49 3.75 -41.68
N GLY A 320 21.55 3.96 -40.92
CA GLY A 320 21.46 4.12 -39.48
C GLY A 320 20.59 3.16 -38.70
N GLY A 321 20.86 1.87 -38.84
CA GLY A 321 20.10 0.88 -38.10
C GLY A 321 18.84 0.34 -38.75
N GLU A 322 18.18 1.16 -39.56
CA GLU A 322 16.95 0.72 -40.21
C GLU A 322 17.10 0.34 -41.68
N ILE A 323 16.21 -0.54 -42.12
CA ILE A 323 16.21 -1.03 -43.49
C ILE A 323 15.73 -0.01 -44.51
N ALA A 324 16.40 0.03 -45.65
CA ALA A 324 16.05 0.95 -46.72
C ALA A 324 15.30 0.22 -47.84
N ASP A 325 14.22 0.82 -48.30
CA ASP A 325 13.40 0.26 -49.36
C ASP A 325 13.59 1.19 -50.55
N LEU A 326 14.31 0.73 -51.57
CA LEU A 326 14.60 1.57 -52.73
C LEU A 326 14.31 0.97 -54.08
N TRP A 327 14.04 1.85 -55.05
CA TRP A 327 13.82 1.51 -56.44
C TRP A 327 14.86 2.30 -57.20
N LEU A 328 15.88 1.63 -57.72
CA LEU A 328 16.97 2.32 -58.39
C LEU A 328 17.20 1.91 -59.83
N SER A 329 17.62 2.87 -60.63
CA SER A 329 17.96 2.62 -62.01
C SER A 329 19.26 1.84 -61.95
N ASN A 330 19.65 1.15 -63.00
CA ASN A 330 20.91 0.43 -62.95
C ASN A 330 22.09 1.40 -62.85
N VAL A 331 21.90 2.63 -63.31
CA VAL A 331 22.96 3.64 -63.23
C VAL A 331 23.14 4.06 -61.77
N ASP A 332 22.02 4.29 -61.09
CA ASP A 332 22.05 4.70 -59.69
C ASP A 332 22.58 3.60 -58.78
N LEU A 333 22.24 2.35 -59.10
CA LEU A 333 22.65 1.21 -58.29
C LEU A 333 24.14 0.93 -58.47
N GLU A 334 24.63 1.15 -59.68
CA GLU A 334 26.04 0.93 -59.96
C GLU A 334 26.86 1.94 -59.15
N LEU A 335 26.39 3.18 -59.14
CA LEU A 335 27.04 4.27 -58.44
C LEU A 335 27.00 4.02 -56.93
N MET A 336 25.85 3.53 -56.45
CA MET A 336 25.67 3.24 -55.02
C MET A 336 26.63 2.19 -54.51
N LYS A 337 26.85 1.15 -55.30
CA LYS A 337 27.75 0.07 -54.90
C LYS A 337 29.22 0.50 -54.92
N GLU A 338 29.53 1.49 -55.74
CA GLU A 338 30.92 1.96 -55.79
C GLU A 338 31.19 2.82 -54.56
N HIS A 339 30.19 3.59 -54.14
CA HIS A 339 30.32 4.49 -53.01
C HIS A 339 29.95 3.92 -51.65
N TYR A 340 29.07 2.93 -51.63
CA TYR A 340 28.64 2.36 -50.36
C TYR A 340 28.92 0.88 -50.24
N ASP A 341 28.86 0.41 -49.00
CA ASP A 341 28.98 -0.99 -48.70
C ASP A 341 27.55 -1.40 -48.40
N LEU A 342 27.08 -2.45 -49.04
CA LEU A 342 25.70 -2.90 -48.83
C LEU A 342 25.68 -4.14 -47.93
N TYR A 343 24.67 -4.20 -47.07
CA TYR A 343 24.52 -5.33 -46.13
C TYR A 343 23.07 -5.78 -46.09
N ASN A 344 22.86 -7.05 -45.74
CA ASN A 344 21.53 -7.62 -45.64
C ASN A 344 20.69 -7.18 -46.84
N VAL A 345 21.18 -7.50 -48.03
CA VAL A 345 20.53 -7.10 -49.26
C VAL A 345 19.48 -8.10 -49.73
N GLU A 346 18.36 -7.58 -50.20
CA GLU A 346 17.27 -8.42 -50.68
C GLU A 346 16.73 -7.88 -52.02
N TYR A 347 17.02 -8.56 -53.12
CA TYR A 347 16.51 -8.11 -54.41
C TYR A 347 15.09 -8.64 -54.56
N ILE A 348 14.13 -7.72 -54.56
CA ILE A 348 12.72 -8.05 -54.66
C ILE A 348 12.24 -8.30 -56.09
N SER A 349 12.09 -7.23 -56.86
CA SER A 349 11.64 -7.33 -58.24
C SER A 349 12.20 -6.19 -59.08
N GLY A 350 11.59 -5.94 -60.24
CA GLY A 350 12.06 -4.86 -61.08
C GLY A 350 11.46 -4.84 -62.47
N LEU A 351 12.01 -3.97 -63.31
CA LEU A 351 11.56 -3.82 -64.68
C LEU A 351 12.74 -3.69 -65.65
N LYS A 352 12.66 -4.38 -66.77
CA LYS A 352 13.70 -4.33 -67.79
C LYS A 352 13.20 -3.48 -68.96
N PHE A 353 14.12 -2.88 -69.70
CA PHE A 353 13.74 -2.07 -70.84
C PHE A 353 14.72 -2.24 -71.97
N LYS A 354 14.20 -2.07 -73.19
CA LYS A 354 15.02 -2.12 -74.37
C LYS A 354 15.68 -0.75 -74.39
N ALA A 355 16.87 -0.59 -74.95
CA ALA A 355 17.50 0.73 -74.96
C ALA A 355 18.25 1.06 -76.22
N THR A 356 18.37 2.35 -76.50
CA THR A 356 19.08 2.83 -77.67
C THR A 356 19.79 4.12 -77.32
N THR A 357 20.70 4.55 -78.19
CA THR A 357 21.43 5.79 -77.98
C THR A 357 21.14 6.78 -79.10
N GLY A 358 20.26 6.41 -80.03
CA GLY A 358 19.95 7.30 -81.13
C GLY A 358 18.59 7.95 -81.16
N LEU A 359 17.87 7.93 -80.03
CA LEU A 359 16.54 8.52 -79.96
C LEU A 359 16.40 10.05 -80.10
N PHE A 360 17.38 10.81 -79.61
CA PHE A 360 17.29 12.27 -79.70
C PHE A 360 18.33 12.94 -80.59
N LYS A 361 19.24 12.15 -81.17
CA LYS A 361 20.30 12.74 -81.99
C LYS A 361 19.87 13.71 -83.08
N ASP A 362 18.86 13.33 -83.85
CA ASP A 362 18.41 14.21 -84.91
C ASP A 362 17.75 15.48 -84.36
N PHE A 363 16.95 15.33 -83.31
CA PHE A 363 16.30 16.48 -82.70
C PHE A 363 17.35 17.48 -82.23
N ILE A 364 18.35 16.97 -81.52
CA ILE A 364 19.43 17.79 -81.00
C ILE A 364 20.28 18.42 -82.08
N ASP A 365 20.64 17.64 -83.10
CA ASP A 365 21.45 18.19 -84.20
C ASP A 365 20.73 19.36 -84.85
N LYS A 366 19.47 19.12 -85.23
CA LYS A 366 18.66 20.17 -85.85
C LYS A 366 18.74 21.47 -85.08
N TRP A 367 18.14 21.47 -83.88
CA TRP A 367 18.09 22.69 -83.05
C TRP A 367 19.45 23.25 -82.66
N THR A 368 20.46 22.40 -82.54
CA THR A 368 21.79 22.88 -82.18
C THR A 368 22.36 23.63 -83.38
N TYR A 369 22.15 23.06 -84.57
CA TYR A 369 22.60 23.69 -85.81
C TYR A 369 22.00 25.08 -85.85
N ILE A 370 20.69 25.15 -85.68
CA ILE A 370 19.98 26.42 -85.69
C ILE A 370 20.55 27.34 -84.62
N LYS A 371 20.81 26.79 -83.44
CA LYS A 371 21.34 27.57 -82.33
C LYS A 371 22.70 28.16 -82.68
N THR A 372 23.49 27.39 -83.42
CA THR A 372 24.82 27.81 -83.83
C THR A 372 24.84 28.86 -84.94
N THR A 373 23.91 28.75 -85.88
CA THR A 373 23.86 29.68 -87.00
C THR A 373 22.79 30.75 -86.87
N SER A 374 22.43 31.10 -85.64
CA SER A 374 21.42 32.12 -85.41
C SER A 374 21.84 33.07 -84.29
N GLU A 375 21.08 34.15 -84.15
CA GLU A 375 21.34 35.14 -83.12
C GLU A 375 20.02 35.74 -82.66
N GLY A 376 20.09 36.51 -81.58
CA GLY A 376 18.90 37.15 -81.06
C GLY A 376 17.81 36.19 -80.60
N ALA A 377 16.58 36.51 -80.99
CA ALA A 377 15.41 35.71 -80.63
C ALA A 377 15.50 34.26 -81.09
N ILE A 378 15.79 34.08 -82.37
CA ILE A 378 15.87 32.74 -82.93
C ILE A 378 16.82 31.86 -82.10
N LYS A 379 17.97 32.40 -81.76
CA LYS A 379 18.96 31.64 -81.00
C LYS A 379 18.43 31.22 -79.64
N GLN A 380 17.86 32.17 -78.90
CA GLN A 380 17.32 31.88 -77.58
C GLN A 380 16.20 30.84 -77.60
N LEU A 381 15.34 30.90 -78.63
CA LEU A 381 14.24 29.95 -78.72
C LEU A 381 14.72 28.55 -79.02
N ALA A 382 15.83 28.44 -79.74
CA ALA A 382 16.39 27.14 -80.07
C ALA A 382 16.97 26.55 -78.79
N LYS A 383 17.53 27.41 -77.95
CA LYS A 383 18.07 26.95 -76.67
C LYS A 383 16.91 26.43 -75.82
N LEU A 384 15.81 27.18 -75.82
CA LEU A 384 14.61 26.81 -75.08
C LEU A 384 14.10 25.46 -75.57
N MET A 385 14.10 25.26 -76.90
CA MET A 385 13.64 23.99 -77.46
C MET A 385 14.47 22.84 -76.93
N LEU A 386 15.79 23.02 -76.96
CA LEU A 386 16.71 22.00 -76.49
C LEU A 386 16.66 21.81 -74.97
N ASN A 387 16.53 22.91 -74.24
CA ASN A 387 16.51 22.83 -72.77
C ASN A 387 15.19 22.47 -72.11
N SER A 388 14.12 22.37 -72.88
CA SER A 388 12.83 22.06 -72.27
C SER A 388 12.26 20.69 -72.60
N LEU A 389 12.98 19.89 -73.36
CA LEU A 389 12.49 18.57 -73.75
C LEU A 389 12.54 17.50 -72.66
N TYR A 390 13.63 17.46 -71.90
CA TYR A 390 13.78 16.44 -70.86
C TYR A 390 12.69 16.46 -69.79
N GLY A 391 12.33 17.65 -69.31
CA GLY A 391 11.30 17.75 -68.29
C GLY A 391 9.96 17.11 -68.60
N LYS A 392 9.52 17.25 -69.85
CA LYS A 392 8.24 16.70 -70.28
C LYS A 392 8.02 15.21 -70.04
N PHE A 393 9.10 14.43 -70.06
CA PHE A 393 8.98 12.99 -69.87
C PHE A 393 8.59 12.62 -68.43
N ALA A 394 8.98 13.46 -67.47
CA ALA A 394 8.64 13.24 -66.07
C ALA A 394 7.54 14.20 -65.67
N SER A 395 6.30 13.70 -65.63
CA SER A 395 5.16 14.53 -65.28
C SER A 395 4.23 13.85 -64.30
N ASN A 396 4.05 14.45 -63.12
CA ASN A 396 3.15 13.91 -62.09
C ASN A 396 1.75 13.74 -62.67
N PRO A 397 1.40 12.51 -63.09
CA PRO A 397 0.07 12.27 -63.66
C PRO A 397 -1.09 12.89 -62.86
N ASP A 398 -0.94 13.00 -61.54
CA ASP A 398 -1.97 13.58 -60.71
C ASP A 398 -2.06 15.09 -60.92
N VAL A 399 -2.86 15.50 -61.90
CA VAL A 399 -3.05 16.92 -62.16
C VAL A 399 -4.27 17.34 -61.36
N THR A 400 -4.05 17.55 -60.07
CA THR A 400 -5.10 17.94 -59.16
C THR A 400 -4.73 19.31 -58.57
N GLY A 401 -5.35 20.35 -59.10
CA GLY A 401 -5.04 21.68 -58.62
C GLY A 401 -6.19 22.38 -57.92
N LYS A 402 -5.99 23.66 -57.65
CA LYS A 402 -6.97 24.49 -56.97
C LYS A 402 -8.21 24.84 -57.78
N VAL A 403 -9.32 25.08 -57.08
CA VAL A 403 -10.59 25.46 -57.69
C VAL A 403 -10.98 26.82 -57.08
N PRO A 404 -11.20 27.83 -57.94
CA PRO A 404 -11.57 29.20 -57.60
C PRO A 404 -12.87 29.42 -56.82
N TYR A 405 -12.83 30.38 -55.90
CA TYR A 405 -13.98 30.74 -55.07
C TYR A 405 -13.87 32.21 -54.64
N LEU A 406 -14.99 32.77 -54.20
CA LEU A 406 -15.02 34.16 -53.74
C LEU A 406 -15.05 34.27 -52.22
N LYS A 407 -13.92 34.70 -51.63
CA LYS A 407 -13.85 34.86 -50.19
C LYS A 407 -14.84 35.93 -49.75
N GLU A 408 -15.37 35.77 -48.54
CA GLU A 408 -16.35 36.72 -48.02
C GLU A 408 -15.91 38.19 -48.03
N ASN A 409 -14.62 38.43 -48.20
CA ASN A 409 -14.12 39.80 -48.22
C ASN A 409 -14.25 40.44 -49.60
N GLY A 410 -14.44 39.60 -50.60
CA GLY A 410 -14.53 40.10 -51.96
C GLY A 410 -13.16 39.89 -52.59
N ALA A 411 -12.36 39.10 -51.89
CA ALA A 411 -11.02 38.76 -52.33
C ALA A 411 -11.06 37.36 -52.93
N LEU A 412 -10.09 37.05 -53.78
CA LEU A 412 -10.04 35.75 -54.41
C LEU A 412 -9.45 34.70 -53.47
N GLY A 413 -10.09 33.54 -53.41
CA GLY A 413 -9.63 32.47 -52.56
C GLY A 413 -9.71 31.14 -53.29
N PHE A 414 -8.97 30.15 -52.82
CA PHE A 414 -8.98 28.84 -53.47
C PHE A 414 -9.07 27.69 -52.48
N ARG A 415 -9.45 26.53 -53.00
CA ARG A 415 -9.57 25.32 -52.19
C ARG A 415 -9.28 24.15 -53.13
N LEU A 416 -8.77 23.08 -52.56
CA LEU A 416 -8.42 21.91 -53.36
C LEU A 416 -9.59 21.33 -54.15
N GLY A 417 -9.36 21.17 -55.46
CA GLY A 417 -10.32 20.52 -56.32
C GLY A 417 -10.03 19.05 -56.08
N GLU A 418 -10.57 18.14 -56.90
CA GLU A 418 -10.33 16.74 -56.61
C GLU A 418 -9.54 16.01 -57.68
N GLU A 419 -8.97 14.87 -57.27
CA GLU A 419 -8.14 14.02 -58.12
C GLU A 419 -8.51 13.90 -59.59
N GLU A 420 -7.61 14.40 -60.43
CA GLU A 420 -7.76 14.30 -61.88
C GLU A 420 -6.51 13.59 -62.35
N THR A 421 -6.65 12.68 -63.31
CA THR A 421 -5.52 11.91 -63.80
C THR A 421 -5.14 12.19 -65.25
N LYS A 422 -3.88 12.56 -65.47
CA LYS A 422 -3.37 12.84 -66.81
C LYS A 422 -2.35 11.79 -67.18
N ASP A 423 -2.82 10.71 -67.80
CA ASP A 423 -1.96 9.60 -68.20
C ASP A 423 -0.57 10.03 -68.67
N PRO A 424 0.47 9.33 -68.22
CA PRO A 424 1.91 9.52 -68.49
C PRO A 424 2.40 9.52 -69.93
N VAL A 425 3.52 10.20 -70.14
CA VAL A 425 4.18 10.29 -71.43
C VAL A 425 5.07 9.04 -71.49
N TYR A 426 6.13 9.03 -70.68
CA TYR A 426 7.05 7.89 -70.60
C TYR A 426 8.06 8.13 -69.46
N THR A 427 7.62 7.86 -68.24
CA THR A 427 8.44 8.08 -67.05
C THR A 427 9.84 7.43 -67.04
N PRO A 428 9.98 6.21 -67.56
CA PRO A 428 11.30 5.57 -67.56
C PRO A 428 12.39 6.45 -68.17
N MET A 429 12.02 7.25 -69.16
CA MET A 429 12.97 8.13 -69.83
C MET A 429 13.43 9.24 -68.89
N GLY A 430 12.53 9.68 -68.01
CA GLY A 430 12.87 10.73 -67.06
C GLY A 430 13.81 10.23 -65.99
N VAL A 431 13.60 8.98 -65.59
CA VAL A 431 14.42 8.32 -64.58
C VAL A 431 15.87 8.23 -65.01
N PHE A 432 16.08 7.75 -66.23
CA PHE A 432 17.42 7.58 -66.73
C PHE A 432 18.14 8.84 -67.15
N ILE A 433 17.42 9.80 -67.71
CA ILE A 433 18.05 11.06 -68.11
C ILE A 433 18.60 11.74 -66.86
N THR A 434 17.79 11.83 -65.81
CA THR A 434 18.28 12.47 -64.58
C THR A 434 19.35 11.62 -63.93
N ALA A 435 19.19 10.30 -64.01
CA ALA A 435 20.18 9.39 -63.44
C ALA A 435 21.55 9.56 -64.11
N TRP A 436 21.57 9.59 -65.43
CA TRP A 436 22.81 9.75 -66.17
C TRP A 436 23.45 11.11 -65.89
N ALA A 437 22.59 12.12 -65.73
CA ALA A 437 23.07 13.46 -65.44
C ALA A 437 23.71 13.50 -64.05
N ARG A 438 23.15 12.74 -63.10
CA ARG A 438 23.70 12.72 -61.75
C ARG A 438 25.02 11.98 -61.76
N TYR A 439 25.06 10.90 -62.53
CA TYR A 439 26.26 10.10 -62.66
C TYR A 439 27.41 10.95 -63.21
N THR A 440 27.11 11.81 -64.19
CA THR A 440 28.10 12.69 -64.80
C THR A 440 28.72 13.63 -63.74
N THR A 441 27.87 14.29 -62.96
CA THR A 441 28.34 15.21 -61.94
C THR A 441 29.06 14.52 -60.78
N ILE A 442 28.41 13.50 -60.22
CA ILE A 442 28.97 12.76 -59.10
C ILE A 442 30.34 12.13 -59.38
N THR A 443 30.49 11.47 -60.52
CA THR A 443 31.79 10.85 -60.82
C THR A 443 32.89 11.93 -61.00
N ALA A 444 32.54 13.06 -61.61
CA ALA A 444 33.50 14.15 -61.79
C ALA A 444 33.92 14.73 -60.43
N ALA A 445 32.93 14.91 -59.56
CA ALA A 445 33.16 15.45 -58.23
C ALA A 445 33.96 14.49 -57.36
N GLN A 446 33.62 13.19 -57.46
CA GLN A 446 34.31 12.15 -56.70
C GLN A 446 35.76 12.02 -57.14
N ALA A 447 36.01 12.27 -58.42
CA ALA A 447 37.36 12.19 -58.97
C ALA A 447 38.22 13.34 -58.40
N CYS A 448 37.56 14.37 -57.90
CA CYS A 448 38.27 15.53 -57.34
C CYS A 448 37.93 15.63 -55.85
N TYR A 449 37.71 14.48 -55.22
CA TYR A 449 37.34 14.41 -53.82
C TYR A 449 38.14 15.29 -52.85
N ASP A 450 39.45 15.35 -53.03
CA ASP A 450 40.28 16.14 -52.12
C ASP A 450 40.07 17.65 -52.24
N ARG A 451 39.51 18.10 -53.37
CA ARG A 451 39.30 19.52 -53.54
C ARG A 451 37.84 19.92 -53.64
N ILE A 452 36.94 18.92 -53.72
CA ILE A 452 35.52 19.21 -53.88
C ILE A 452 34.89 19.99 -52.73
N ILE A 453 34.12 21.01 -53.09
CA ILE A 453 33.43 21.87 -52.11
C ILE A 453 31.91 21.74 -52.19
N TYR A 454 31.39 21.92 -53.39
CA TYR A 454 29.96 21.94 -53.59
C TYR A 454 29.60 21.44 -54.99
N CYS A 455 28.42 20.84 -55.10
CA CYS A 455 27.90 20.34 -56.37
C CYS A 455 26.47 20.82 -56.52
N ASP A 456 26.09 21.21 -57.74
CA ASP A 456 24.71 21.59 -57.96
C ASP A 456 24.22 21.23 -59.35
N THR A 457 23.73 20.01 -59.49
CA THR A 457 23.18 19.50 -60.74
C THR A 457 24.18 19.36 -61.89
N ASP A 458 24.58 20.48 -62.47
CA ASP A 458 25.54 20.45 -63.57
C ASP A 458 26.85 21.18 -63.30
N SER A 459 27.12 21.51 -62.04
CA SER A 459 28.37 22.20 -61.74
C SER A 459 29.03 21.74 -60.45
N ILE A 460 30.36 21.84 -60.42
CA ILE A 460 31.17 21.48 -59.27
C ILE A 460 32.09 22.65 -58.90
N HIS A 461 32.22 22.89 -57.60
CA HIS A 461 33.07 23.95 -57.08
C HIS A 461 34.24 23.33 -56.34
N LEU A 462 35.46 23.72 -56.70
CA LEU A 462 36.65 23.16 -56.08
C LEU A 462 37.57 24.24 -55.53
N THR A 463 38.37 23.87 -54.52
CA THR A 463 39.34 24.78 -53.94
C THR A 463 40.51 24.77 -54.92
N GLY A 464 41.31 25.82 -54.92
CA GLY A 464 42.44 25.87 -55.83
C GLY A 464 42.07 26.51 -57.15
N THR A 465 43.07 26.84 -57.96
CA THR A 465 42.80 27.48 -59.23
C THR A 465 43.33 26.72 -60.43
N GLU A 466 43.97 25.59 -60.18
CA GLU A 466 44.53 24.79 -61.27
C GLU A 466 43.57 23.66 -61.64
N ILE A 467 43.35 23.48 -62.93
CA ILE A 467 42.47 22.43 -63.43
C ILE A 467 43.00 21.06 -63.01
N PRO A 468 42.19 20.29 -62.26
CA PRO A 468 42.58 18.95 -61.78
C PRO A 468 43.01 18.06 -62.93
N ASP A 469 44.10 17.33 -62.75
CA ASP A 469 44.58 16.43 -63.79
C ASP A 469 43.55 15.37 -64.18
N VAL A 470 42.86 14.80 -63.21
CA VAL A 470 41.88 13.75 -63.49
C VAL A 470 40.75 14.18 -64.40
N ILE A 471 40.49 15.47 -64.50
CA ILE A 471 39.42 15.95 -65.37
C ILE A 471 39.93 16.79 -66.55
N LYS A 472 41.24 16.98 -66.64
CA LYS A 472 41.81 17.77 -67.72
C LYS A 472 41.29 17.41 -69.10
N ASP A 473 41.19 16.11 -69.38
CA ASP A 473 40.76 15.65 -70.68
C ASP A 473 39.29 15.87 -71.05
N ILE A 474 38.42 16.09 -70.07
CA ILE A 474 37.01 16.33 -70.37
C ILE A 474 36.59 17.75 -70.05
N VAL A 475 37.55 18.67 -70.16
CA VAL A 475 37.31 20.08 -69.92
C VAL A 475 37.40 20.81 -71.25
N ASP A 476 36.36 21.56 -71.58
CA ASP A 476 36.31 22.32 -72.83
C ASP A 476 35.26 23.40 -72.66
N PRO A 477 35.47 24.55 -73.32
CA PRO A 477 34.54 25.69 -73.24
C PRO A 477 33.21 25.54 -73.98
N LYS A 478 33.16 24.72 -75.03
CA LYS A 478 31.90 24.62 -75.78
C LYS A 478 31.39 23.21 -76.11
N LYS A 479 32.27 22.23 -76.27
CA LYS A 479 31.82 20.89 -76.60
C LYS A 479 30.68 20.37 -75.71
N LEU A 480 29.73 19.68 -76.33
CA LEU A 480 28.57 19.13 -75.64
C LEU A 480 28.94 18.05 -74.62
N GLY A 481 28.46 18.23 -73.38
CA GLY A 481 28.74 17.24 -72.34
C GLY A 481 30.07 17.36 -71.65
N TYR A 482 30.94 18.22 -72.16
CA TYR A 482 32.26 18.44 -71.56
C TYR A 482 32.09 19.49 -70.46
N TRP A 483 33.08 19.58 -69.57
CA TRP A 483 33.00 20.55 -68.48
C TRP A 483 33.72 21.82 -68.91
N ALA A 484 33.08 22.96 -68.66
CA ALA A 484 33.72 24.22 -69.01
C ALA A 484 34.13 24.94 -67.73
N HIS A 485 35.34 25.49 -67.74
CA HIS A 485 35.85 26.25 -66.59
C HIS A 485 35.06 27.56 -66.66
N GLU A 486 34.09 27.71 -65.77
CA GLU A 486 33.25 28.89 -65.77
C GLU A 486 33.81 30.10 -65.06
N SER A 487 34.42 29.90 -63.90
CA SER A 487 34.96 31.03 -63.15
C SER A 487 35.97 30.63 -62.09
N THR A 488 36.67 31.65 -61.58
CA THR A 488 37.69 31.46 -60.56
C THR A 488 37.46 32.55 -59.52
N PHE A 489 37.41 32.15 -58.24
CA PHE A 489 37.18 33.12 -57.19
C PHE A 489 38.35 33.23 -56.22
N LYS A 490 38.47 34.42 -55.63
CA LYS A 490 39.53 34.76 -54.69
C LYS A 490 39.13 34.35 -53.28
N ARG A 491 37.83 34.29 -53.04
CA ARG A 491 37.31 33.87 -51.75
C ARG A 491 35.82 33.63 -51.83
N ALA A 492 35.31 32.79 -50.94
CA ALA A 492 33.89 32.46 -50.95
C ALA A 492 33.43 31.97 -49.59
N LYS A 493 32.13 31.74 -49.49
CA LYS A 493 31.51 31.26 -48.26
C LYS A 493 30.21 30.57 -48.60
N TYR A 494 30.12 29.28 -48.28
CA TYR A 494 28.93 28.50 -48.55
C TYR A 494 28.22 28.21 -47.24
N LEU A 495 26.94 28.58 -47.17
CA LEU A 495 26.18 28.34 -45.95
C LEU A 495 25.43 27.04 -46.04
N ARG A 496 24.77 26.84 -47.19
CA ARG A 496 23.98 25.64 -47.43
C ARG A 496 23.80 25.43 -48.93
N GLN A 497 22.99 24.44 -49.29
CA GLN A 497 22.70 24.14 -50.68
C GLN A 497 22.13 25.38 -51.34
N LYS A 498 22.63 25.69 -52.52
CA LYS A 498 22.16 26.85 -53.28
C LYS A 498 22.21 28.15 -52.47
N THR A 499 23.15 28.24 -51.52
CA THR A 499 23.29 29.43 -50.69
C THR A 499 24.77 29.73 -50.45
N TYR A 500 25.33 30.66 -51.22
CA TYR A 500 26.74 30.99 -51.08
C TYR A 500 27.13 32.33 -51.71
N ILE A 501 28.36 32.78 -51.45
CA ILE A 501 28.87 34.04 -51.99
C ILE A 501 30.32 33.86 -52.45
N GLN A 502 30.71 34.61 -53.47
CA GLN A 502 32.06 34.53 -54.02
C GLN A 502 32.53 35.89 -54.54
N ASP A 503 33.82 36.07 -54.62
CA ASP A 503 34.46 37.27 -55.16
C ASP A 503 35.15 36.75 -56.42
N ILE A 504 34.48 36.90 -57.55
CA ILE A 504 34.99 36.39 -58.82
C ILE A 504 36.01 37.29 -59.51
N TYR A 505 37.09 36.69 -60.01
CA TYR A 505 38.10 37.44 -60.73
C TYR A 505 37.49 37.85 -62.07
N MET A 506 37.51 39.14 -62.38
CA MET A 506 36.94 39.63 -63.64
C MET A 506 37.99 40.44 -64.43
N LYS A 507 37.95 40.35 -65.75
CA LYS A 507 38.86 41.09 -66.60
C LYS A 507 38.08 41.79 -67.72
N GLU A 508 38.57 42.94 -68.15
CA GLU A 508 37.94 43.72 -69.21
C GLU A 508 38.36 43.26 -70.60
N VAL A 509 37.38 43.05 -71.47
CA VAL A 509 37.61 42.63 -72.84
C VAL A 509 36.53 43.25 -73.74
N ASP A 510 36.97 43.95 -74.78
CA ASP A 510 36.06 44.60 -75.72
C ASP A 510 35.07 45.52 -75.00
N GLY A 511 35.55 46.22 -73.97
CA GLY A 511 34.71 47.14 -73.23
C GLY A 511 33.70 46.54 -72.26
N LYS A 512 33.86 45.27 -71.93
CA LYS A 512 32.93 44.61 -71.00
C LYS A 512 33.64 43.62 -70.08
N LEU A 513 33.18 43.56 -68.82
CA LEU A 513 33.75 42.65 -67.82
C LEU A 513 33.38 41.21 -68.10
N VAL A 514 34.37 40.31 -68.00
CA VAL A 514 34.16 38.89 -68.23
C VAL A 514 34.99 38.09 -67.23
N GLU A 515 34.57 36.87 -66.92
CA GLU A 515 35.30 36.03 -65.98
C GLU A 515 36.80 36.03 -66.30
N GLY A 516 37.61 36.37 -65.30
CA GLY A 516 39.04 36.39 -65.52
C GLY A 516 39.71 35.30 -64.69
N SER A 517 41.00 35.48 -64.41
CA SER A 517 41.76 34.53 -63.61
C SER A 517 42.79 35.27 -62.75
N PRO A 518 43.41 34.58 -61.77
CA PRO A 518 44.40 35.21 -60.88
C PRO A 518 45.54 35.92 -61.61
N ASP A 519 46.01 35.33 -62.71
CA ASP A 519 47.11 35.91 -63.48
C ASP A 519 46.63 36.94 -64.50
N ASP A 520 45.32 37.12 -64.61
CA ASP A 520 44.77 38.05 -65.58
C ASP A 520 43.38 38.52 -65.20
N TYR A 521 43.32 39.61 -64.44
CA TYR A 521 42.06 40.17 -64.00
C TYR A 521 42.28 41.63 -63.64
N THR A 522 41.22 42.41 -63.66
CA THR A 522 41.30 43.83 -63.34
C THR A 522 40.31 44.18 -62.23
N ASP A 523 39.33 43.31 -62.03
CA ASP A 523 38.32 43.55 -61.01
C ASP A 523 37.92 42.29 -60.25
N ILE A 524 37.16 42.51 -59.19
CA ILE A 524 36.66 41.43 -58.36
C ILE A 524 35.16 41.66 -58.26
N LYS A 525 34.39 40.74 -58.83
CA LYS A 525 32.93 40.84 -58.83
C LYS A 525 32.32 40.02 -57.70
N PHE A 526 31.64 40.71 -56.79
CA PHE A 526 30.97 40.05 -55.68
C PHE A 526 29.71 39.37 -56.20
N SER A 527 29.54 38.08 -55.90
CA SER A 527 28.37 37.35 -56.36
C SER A 527 27.64 36.63 -55.24
N VAL A 528 26.32 36.82 -55.18
CA VAL A 528 25.50 36.20 -54.14
C VAL A 528 24.45 35.26 -54.73
N LYS A 529 24.41 34.03 -54.24
CA LYS A 529 23.43 33.05 -54.70
C LYS A 529 22.67 32.52 -53.50
N CYS A 530 21.36 32.69 -53.51
CA CYS A 530 20.53 32.23 -52.41
C CYS A 530 19.11 32.07 -52.91
N ALA A 531 18.56 30.87 -52.73
CA ALA A 531 17.19 30.59 -53.15
C ALA A 531 16.22 31.52 -52.43
N GLY A 532 15.43 32.25 -53.21
CA GLY A 532 14.45 33.14 -52.62
C GLY A 532 14.87 34.60 -52.47
N MET A 533 16.16 34.84 -52.31
CA MET A 533 16.65 36.21 -52.14
C MET A 533 16.48 37.01 -53.44
N THR A 534 15.98 38.23 -53.32
CA THR A 534 15.75 39.10 -54.46
C THR A 534 16.94 40.01 -54.77
N ASP A 535 16.96 40.57 -55.97
CA ASP A 535 18.03 41.47 -56.40
C ASP A 535 18.35 42.54 -55.36
N LYS A 536 17.30 43.26 -54.96
CA LYS A 536 17.42 44.35 -53.99
C LYS A 536 18.06 43.89 -52.68
N ILE A 537 17.63 42.73 -52.18
CA ILE A 537 18.14 42.19 -50.93
C ILE A 537 19.64 41.86 -51.04
N LYS A 538 20.02 41.23 -52.14
CA LYS A 538 21.41 40.84 -52.37
C LYS A 538 22.37 42.02 -52.27
N LYS A 539 21.89 43.22 -52.59
CA LYS A 539 22.74 44.41 -52.53
C LYS A 539 23.16 44.79 -51.12
N GLU A 540 22.52 44.19 -50.11
CA GLU A 540 22.87 44.50 -48.73
C GLU A 540 23.71 43.42 -48.06
N VAL A 541 23.99 42.36 -48.81
CA VAL A 541 24.81 41.27 -48.29
C VAL A 541 26.29 41.59 -48.46
N THR A 542 27.10 41.11 -47.52
CA THR A 542 28.55 41.30 -47.55
C THR A 542 29.17 40.07 -46.90
N PHE A 543 30.49 39.94 -46.96
CA PHE A 543 31.15 38.79 -46.37
C PHE A 543 30.98 38.72 -44.86
N GLU A 544 30.90 39.89 -44.21
CA GLU A 544 30.76 39.93 -42.75
C GLU A 544 29.36 39.87 -42.17
N ASN A 545 28.35 39.66 -43.01
CA ASN A 545 26.97 39.59 -42.51
C ASN A 545 26.22 38.44 -43.17
N PHE A 546 26.87 37.77 -44.12
CA PHE A 546 26.26 36.63 -44.81
C PHE A 546 26.35 35.39 -43.94
N LYS A 547 25.25 35.06 -43.29
CA LYS A 547 25.20 33.90 -42.42
C LYS A 547 23.75 33.56 -42.11
N VAL A 548 23.53 32.37 -41.58
CA VAL A 548 22.19 31.92 -41.24
C VAL A 548 21.59 32.89 -40.24
N GLY A 549 20.40 33.39 -40.56
CA GLY A 549 19.74 34.34 -39.70
C GLY A 549 19.51 35.65 -40.44
N PHE A 550 20.40 35.98 -41.36
CA PHE A 550 20.29 37.19 -42.17
C PHE A 550 18.82 37.45 -42.47
N SER A 551 18.36 38.68 -42.25
CA SER A 551 16.96 38.97 -42.50
C SER A 551 16.70 40.41 -42.89
N ARG A 552 15.70 40.59 -43.75
CA ARG A 552 15.28 41.89 -44.25
C ARG A 552 13.82 41.76 -44.69
N LYS A 553 13.03 42.80 -44.51
CA LYS A 553 11.63 42.77 -44.93
C LYS A 553 11.55 43.46 -46.28
N MET A 554 12.21 42.89 -47.28
CA MET A 554 12.25 43.47 -48.61
C MET A 554 11.76 42.52 -49.70
N LYS A 555 11.17 41.39 -49.31
CA LYS A 555 10.69 40.44 -50.29
C LYS A 555 9.17 40.47 -50.43
N PRO A 556 8.66 41.22 -51.43
CA PRO A 556 7.23 41.34 -51.68
C PRO A 556 6.59 39.99 -51.97
N LYS A 557 5.33 39.83 -51.58
CA LYS A 557 4.60 38.59 -51.83
C LYS A 557 3.12 38.85 -52.04
N PRO A 558 2.53 38.19 -53.05
CA PRO A 558 1.11 38.32 -53.42
C PRO A 558 0.13 38.12 -52.26
N VAL A 559 -0.53 39.21 -51.89
CA VAL A 559 -1.53 39.19 -50.82
C VAL A 559 -2.86 39.56 -51.47
N GLN A 560 -3.66 38.55 -51.82
CA GLN A 560 -4.94 38.80 -52.47
C GLN A 560 -5.92 39.59 -51.61
N VAL A 561 -6.30 40.77 -52.12
CA VAL A 561 -7.26 41.63 -51.43
C VAL A 561 -8.47 41.79 -52.34
N PRO A 562 -9.54 42.46 -51.87
CA PRO A 562 -10.72 42.63 -52.71
C PRO A 562 -10.37 43.33 -54.03
N GLY A 563 -10.65 42.65 -55.14
CA GLY A 563 -10.36 43.22 -56.44
C GLY A 563 -9.35 42.41 -57.25
N GLY A 564 -8.19 42.19 -56.66
CA GLY A 564 -7.15 41.43 -57.35
C GLY A 564 -6.06 40.98 -56.40
N VAL A 565 -4.87 41.56 -56.54
CA VAL A 565 -3.74 41.21 -55.68
C VAL A 565 -2.81 42.39 -55.51
N VAL A 566 -2.17 42.47 -54.35
CA VAL A 566 -1.22 43.55 -54.06
C VAL A 566 0.05 42.94 -53.47
N LEU A 567 1.17 43.63 -53.65
CA LEU A 567 2.46 43.16 -53.16
C LEU A 567 2.89 43.87 -51.88
N VAL A 568 2.93 43.12 -50.77
CA VAL A 568 3.33 43.67 -49.48
C VAL A 568 4.70 43.13 -49.06
N ASP A 569 5.63 44.03 -48.76
CA ASP A 569 6.97 43.63 -48.34
C ASP A 569 6.95 42.74 -47.10
N ASP A 570 7.31 41.48 -47.29
CA ASP A 570 7.34 40.52 -46.19
C ASP A 570 8.80 40.33 -45.74
N THR A 571 9.02 39.48 -44.76
CA THR A 571 10.37 39.24 -44.26
C THR A 571 11.02 38.04 -44.92
N PHE A 572 12.31 38.17 -45.18
CA PHE A 572 13.10 37.10 -45.81
C PHE A 572 14.24 36.74 -44.87
N THR A 573 14.37 35.47 -44.53
CA THR A 573 15.42 35.03 -43.62
C THR A 573 16.18 33.79 -44.11
N ILE A 574 17.51 33.88 -44.05
CA ILE A 574 18.36 32.78 -44.45
C ILE A 574 18.34 31.68 -43.41
N LYS A 575 17.70 30.57 -43.73
CA LYS A 575 17.60 29.44 -42.82
C LYS A 575 18.16 28.18 -43.46
N PRO B 5 -7.84 10.51 -3.32
CA PRO B 5 -8.30 9.11 -3.50
C PRO B 5 -9.38 9.03 -4.56
N ARG B 6 -9.00 8.60 -5.76
CA ARG B 6 -9.95 8.49 -6.86
C ARG B 6 -10.69 7.17 -6.82
N LYS B 7 -12.01 7.22 -6.97
CA LYS B 7 -12.80 6.00 -6.97
C LYS B 7 -12.57 5.27 -8.30
N MET B 8 -13.16 4.08 -8.42
CA MET B 8 -13.03 3.27 -9.63
C MET B 8 -14.38 2.60 -9.85
N TYR B 9 -14.79 2.51 -11.11
CA TYR B 9 -16.08 1.91 -11.43
C TYR B 9 -16.06 0.89 -12.57
N SER B 10 -17.00 -0.04 -12.50
CA SER B 10 -17.17 -1.10 -13.50
C SER B 10 -18.33 -0.66 -14.39
N CYS B 11 -18.02 -0.10 -15.56
CA CYS B 11 -19.06 0.39 -16.47
C CYS B 11 -19.33 -0.57 -17.63
N ALA B 12 -20.47 -0.41 -18.29
CA ALA B 12 -20.86 -1.25 -19.42
C ALA B 12 -22.03 -0.68 -20.23
N PHE B 13 -21.94 -0.80 -21.56
CA PHE B 13 -22.96 -0.31 -22.48
C PHE B 13 -23.63 -1.45 -23.24
N GLU B 14 -24.88 -1.22 -23.61
CA GLU B 14 -25.66 -2.12 -24.46
C GLU B 14 -26.03 -1.26 -25.65
N THR B 15 -25.81 -1.72 -26.88
CA THR B 15 -26.12 -0.90 -28.04
C THR B 15 -26.92 -1.58 -29.16
N THR B 16 -27.42 -0.77 -30.08
CA THR B 16 -28.20 -1.27 -31.21
C THR B 16 -27.30 -1.66 -32.36
N THR B 17 -27.71 -2.70 -33.08
CA THR B 17 -26.94 -3.20 -34.21
C THR B 17 -27.28 -2.53 -35.55
N LYS B 18 -28.11 -1.49 -35.50
CA LYS B 18 -28.51 -0.76 -36.70
C LYS B 18 -27.37 0.11 -37.23
N VAL B 19 -27.03 -0.05 -38.50
CA VAL B 19 -25.97 0.75 -39.10
C VAL B 19 -26.47 2.19 -39.29
N GLU B 20 -27.77 2.39 -39.11
CA GLU B 20 -28.35 3.72 -39.26
C GLU B 20 -28.83 4.26 -37.91
N ASP B 21 -29.20 3.36 -37.01
CA ASP B 21 -29.67 3.76 -35.69
C ASP B 21 -28.72 3.17 -34.65
N CYS B 22 -27.47 3.61 -34.69
CA CYS B 22 -26.44 3.14 -33.78
C CYS B 22 -26.40 4.01 -32.53
N ARG B 23 -26.71 3.44 -31.38
CA ARG B 23 -26.70 4.21 -30.14
C ARG B 23 -26.83 3.35 -28.89
N VAL B 24 -26.39 3.91 -27.77
CA VAL B 24 -26.46 3.24 -26.48
C VAL B 24 -27.89 3.26 -25.95
N TRP B 25 -28.43 2.09 -25.61
CA TRP B 25 -29.78 2.05 -25.08
C TRP B 25 -29.81 1.58 -23.63
N ALA B 26 -28.63 1.38 -23.06
CA ALA B 26 -28.51 0.93 -21.67
C ALA B 26 -27.09 1.13 -21.17
N TYR B 27 -26.95 1.57 -19.93
CA TYR B 27 -25.63 1.77 -19.34
C TYR B 27 -25.66 1.28 -17.90
N GLY B 28 -24.49 1.16 -17.30
CA GLY B 28 -24.42 0.71 -15.93
C GLY B 28 -23.05 0.90 -15.32
N TYR B 29 -23.01 1.48 -14.14
CA TYR B 29 -21.74 1.67 -13.45
C TYR B 29 -21.89 1.20 -12.02
N MET B 30 -20.78 0.68 -11.48
CA MET B 30 -20.76 0.17 -10.12
C MET B 30 -19.41 0.50 -9.49
N ASN B 31 -19.42 0.91 -8.24
CA ASN B 31 -18.18 1.24 -7.54
C ASN B 31 -17.49 -0.09 -7.26
N ILE B 32 -16.25 -0.20 -7.75
CA ILE B 32 -15.48 -1.42 -7.58
C ILE B 32 -15.25 -1.78 -6.11
N GLU B 33 -15.01 -0.78 -5.28
CA GLU B 33 -14.78 -1.00 -3.86
C GLU B 33 -16.07 -1.17 -3.05
N ASP B 34 -17.18 -0.66 -3.58
CA ASP B 34 -18.47 -0.79 -2.91
C ASP B 34 -19.55 -1.08 -3.96
N HIS B 35 -19.83 -2.36 -4.16
CA HIS B 35 -20.79 -2.83 -5.15
C HIS B 35 -22.24 -2.50 -4.83
N SER B 36 -22.46 -1.69 -3.81
CA SER B 36 -23.83 -1.32 -3.42
C SER B 36 -24.19 -0.03 -4.12
N GLU B 37 -23.17 0.71 -4.54
CA GLU B 37 -23.34 1.98 -5.23
C GLU B 37 -23.30 1.74 -6.72
N TYR B 38 -24.46 1.48 -7.32
CA TYR B 38 -24.51 1.24 -8.75
C TYR B 38 -25.70 1.95 -9.40
N LYS B 39 -25.63 2.14 -10.71
CA LYS B 39 -26.69 2.82 -11.44
C LYS B 39 -26.88 2.20 -12.82
N ILE B 40 -28.14 2.03 -13.22
CA ILE B 40 -28.46 1.47 -14.52
C ILE B 40 -29.49 2.33 -15.25
N GLY B 41 -29.00 3.17 -16.15
CA GLY B 41 -29.88 4.05 -16.91
C GLY B 41 -30.18 3.58 -18.32
N ASN B 42 -30.69 4.49 -19.16
CA ASN B 42 -31.02 4.14 -20.54
C ASN B 42 -30.73 5.28 -21.53
N SER B 43 -30.00 6.29 -21.07
CA SER B 43 -29.67 7.43 -21.92
C SER B 43 -28.20 7.82 -21.77
N LEU B 44 -27.46 7.78 -22.86
CA LEU B 44 -26.04 8.12 -22.85
C LEU B 44 -25.75 9.53 -22.31
N ASP B 45 -26.70 10.44 -22.47
CA ASP B 45 -26.52 11.81 -22.00
C ASP B 45 -26.49 11.82 -20.47
N GLU B 46 -27.24 10.90 -19.87
CA GLU B 46 -27.31 10.78 -18.42
C GLU B 46 -25.98 10.26 -17.88
N PHE B 47 -25.52 9.15 -18.46
CA PHE B 47 -24.26 8.54 -18.06
C PHE B 47 -23.10 9.52 -18.21
N MET B 48 -23.06 10.22 -19.35
CA MET B 48 -21.97 11.16 -19.61
C MET B 48 -21.95 12.39 -18.71
N ALA B 49 -23.09 12.70 -18.10
CA ALA B 49 -23.15 13.84 -17.19
C ALA B 49 -22.32 13.38 -15.99
N TRP B 50 -22.71 12.22 -15.46
CA TRP B 50 -22.05 11.60 -14.33
C TRP B 50 -20.53 11.56 -14.60
N VAL B 51 -20.18 10.96 -15.72
CA VAL B 51 -18.79 10.82 -16.13
C VAL B 51 -18.00 12.11 -15.97
N LEU B 52 -18.63 13.22 -16.29
CA LEU B 52 -17.98 14.53 -16.21
C LEU B 52 -17.81 15.02 -14.79
N LYS B 53 -18.57 14.44 -13.86
CA LYS B 53 -18.56 14.88 -12.47
C LYS B 53 -17.68 14.05 -11.51
N VAL B 54 -17.83 12.73 -11.53
CA VAL B 54 -17.14 11.83 -10.58
C VAL B 54 -15.61 11.96 -10.53
N GLN B 55 -14.98 12.45 -11.59
CA GLN B 55 -13.52 12.59 -11.60
C GLN B 55 -12.83 11.30 -11.15
N ALA B 56 -13.45 10.17 -11.45
CA ALA B 56 -12.90 8.89 -11.07
C ALA B 56 -12.40 8.09 -12.27
N ASP B 57 -12.01 6.84 -12.01
CA ASP B 57 -11.52 5.93 -13.03
C ASP B 57 -12.63 4.97 -13.40
N LEU B 58 -12.92 4.88 -14.70
CA LEU B 58 -13.97 3.99 -15.20
C LEU B 58 -13.35 2.84 -15.99
N TYR B 59 -13.90 1.64 -15.80
CA TYR B 59 -13.42 0.46 -16.50
C TYR B 59 -14.49 -0.22 -17.34
N PHE B 60 -14.22 -0.36 -18.64
CA PHE B 60 -15.11 -1.04 -19.58
C PHE B 60 -14.38 -2.31 -20.00
N HIS B 61 -15.08 -3.44 -20.04
CA HIS B 61 -14.40 -4.67 -20.41
C HIS B 61 -14.05 -4.82 -21.88
N ASN B 62 -14.33 -3.78 -22.66
CA ASN B 62 -13.97 -3.76 -24.08
C ASN B 62 -14.08 -2.32 -24.56
N LEU B 63 -13.21 -1.48 -24.02
CA LEU B 63 -13.19 -0.06 -24.35
C LEU B 63 -13.25 0.19 -25.85
N LYS B 64 -12.64 -0.68 -26.63
CA LYS B 64 -12.66 -0.49 -28.08
C LYS B 64 -14.10 -0.30 -28.55
N PHE B 65 -14.99 -1.11 -27.99
CA PHE B 65 -16.40 -1.03 -28.34
C PHE B 65 -17.04 0.24 -27.77
N ALA B 66 -17.25 0.26 -26.46
CA ALA B 66 -17.86 1.41 -25.79
C ALA B 66 -17.12 2.73 -26.03
N GLY B 67 -15.82 2.65 -26.29
CA GLY B 67 -15.05 3.85 -26.53
C GLY B 67 -15.54 4.70 -27.68
N ALA B 68 -16.06 4.04 -28.72
CA ALA B 68 -16.57 4.75 -29.90
C ALA B 68 -17.75 5.65 -29.54
N PHE B 69 -18.72 5.11 -28.83
CA PHE B 69 -19.88 5.89 -28.45
C PHE B 69 -19.51 7.07 -27.56
N ILE B 70 -18.39 6.94 -26.84
CA ILE B 70 -17.94 8.01 -25.96
C ILE B 70 -17.23 9.08 -26.76
N ILE B 71 -16.21 8.68 -27.53
CA ILE B 71 -15.47 9.64 -28.35
C ILE B 71 -16.48 10.39 -29.22
N ASN B 72 -17.46 9.68 -29.75
CA ASN B 72 -18.51 10.27 -30.57
C ASN B 72 -19.26 11.35 -29.82
N TRP B 73 -19.59 11.07 -28.56
CA TRP B 73 -20.32 12.01 -27.73
C TRP B 73 -19.53 13.29 -27.43
N LEU B 74 -18.30 13.12 -26.97
CA LEU B 74 -17.45 14.27 -26.64
C LEU B 74 -17.19 15.21 -27.81
N GLU B 75 -17.20 14.67 -29.03
CA GLU B 75 -16.97 15.49 -30.22
C GLU B 75 -18.20 16.34 -30.50
N ARG B 76 -19.37 15.85 -30.09
CA ARG B 76 -20.62 16.55 -30.29
C ARG B 76 -21.04 17.30 -29.03
N ASN B 77 -20.06 17.73 -28.23
CA ASN B 77 -20.37 18.46 -27.01
C ASN B 77 -19.27 19.37 -26.49
N GLY B 78 -18.61 20.08 -27.41
CA GLY B 78 -17.58 21.01 -27.02
C GLY B 78 -16.19 20.45 -26.78
N PHE B 79 -16.07 19.13 -26.73
CA PHE B 79 -14.77 18.52 -26.52
C PHE B 79 -14.13 18.18 -27.85
N LYS B 80 -12.81 18.09 -27.84
CA LYS B 80 -12.05 17.73 -29.03
C LYS B 80 -10.68 17.25 -28.57
N TRP B 81 -10.08 16.33 -29.32
CA TRP B 81 -8.78 15.77 -28.98
C TRP B 81 -7.68 16.81 -28.81
N SER B 82 -6.72 16.49 -27.95
CA SER B 82 -5.57 17.35 -27.68
C SER B 82 -4.63 16.60 -26.76
N ALA B 83 -3.40 16.39 -27.22
CA ALA B 83 -2.39 15.66 -26.46
C ALA B 83 -2.18 16.27 -25.07
N ASP B 84 -2.31 17.59 -24.96
CA ASP B 84 -2.13 18.28 -23.69
C ASP B 84 -3.44 18.32 -22.94
N GLY B 85 -3.36 18.47 -21.63
CA GLY B 85 -4.57 18.52 -20.83
C GLY B 85 -5.18 19.91 -20.88
N LEU B 86 -6.00 20.18 -21.88
CA LEU B 86 -6.63 21.48 -22.00
C LEU B 86 -8.11 21.40 -21.68
N PRO B 87 -8.67 22.42 -21.01
CA PRO B 87 -10.08 22.49 -20.64
C PRO B 87 -11.04 22.03 -21.73
N ASN B 88 -12.10 21.35 -21.34
CA ASN B 88 -13.10 20.83 -22.28
C ASN B 88 -12.38 20.18 -23.47
N THR B 89 -11.67 19.10 -23.17
CA THR B 89 -10.91 18.38 -24.18
C THR B 89 -10.80 16.92 -23.74
N TYR B 90 -9.94 16.16 -24.39
CA TYR B 90 -9.73 14.77 -24.06
C TYR B 90 -8.52 14.21 -24.80
N ASN B 91 -7.82 13.30 -24.14
CA ASN B 91 -6.64 12.68 -24.70
C ASN B 91 -6.94 11.18 -24.83
N THR B 92 -6.11 10.46 -25.56
CA THR B 92 -6.34 9.02 -25.73
C THR B 92 -5.06 8.25 -25.96
N ILE B 93 -5.17 6.94 -25.75
CA ILE B 93 -4.08 6.01 -25.97
C ILE B 93 -4.70 4.88 -26.78
N ILE B 94 -4.40 4.88 -28.07
CA ILE B 94 -4.92 3.87 -28.99
C ILE B 94 -3.76 3.49 -29.88
N SER B 95 -3.38 2.21 -29.86
CA SER B 95 -2.25 1.76 -30.66
C SER B 95 -2.54 1.90 -32.14
N ARG B 96 -1.48 1.91 -32.95
CA ARG B 96 -1.62 2.01 -34.39
C ARG B 96 -2.41 0.79 -34.86
N MET B 97 -2.28 -0.31 -34.12
CA MET B 97 -2.95 -1.56 -34.45
C MET B 97 -4.41 -1.60 -34.02
N GLY B 98 -4.89 -0.52 -33.41
CA GLY B 98 -6.28 -0.49 -33.01
C GLY B 98 -6.63 -0.91 -31.59
N GLN B 99 -5.63 -1.05 -30.73
CA GLN B 99 -5.91 -1.43 -29.36
C GLN B 99 -6.09 -0.19 -28.49
N TRP B 100 -7.20 -0.16 -27.76
CA TRP B 100 -7.53 0.97 -26.89
C TRP B 100 -7.10 0.75 -25.46
N TYR B 101 -6.47 1.77 -24.87
CA TYR B 101 -6.01 1.67 -23.49
C TYR B 101 -6.64 2.72 -22.59
N MET B 102 -6.78 3.94 -23.10
CA MET B 102 -7.34 4.99 -22.27
C MET B 102 -7.93 6.20 -22.99
N ILE B 103 -8.87 6.85 -22.32
CA ILE B 103 -9.53 8.06 -22.80
C ILE B 103 -9.49 9.06 -21.65
N ASP B 104 -8.58 10.04 -21.74
CA ASP B 104 -8.42 11.05 -20.68
C ASP B 104 -9.29 12.31 -20.95
N ILE B 105 -10.31 12.51 -20.12
CA ILE B 105 -11.22 13.64 -20.28
C ILE B 105 -10.95 14.83 -19.35
N CYS B 106 -10.02 15.71 -19.74
CA CYS B 106 -9.64 16.88 -18.96
C CYS B 106 -10.66 18.02 -19.01
N LEU B 107 -11.17 18.43 -17.86
CA LEU B 107 -12.15 19.51 -17.81
C LEU B 107 -11.46 20.85 -17.58
N GLY B 108 -10.52 20.86 -16.64
CA GLY B 108 -9.81 22.09 -16.33
C GLY B 108 -8.85 21.88 -15.17
N TYR B 109 -8.07 22.90 -14.86
CA TYR B 109 -7.12 22.80 -13.76
C TYR B 109 -7.51 23.58 -12.51
N LYS B 110 -7.16 23.00 -11.37
CA LYS B 110 -7.42 23.60 -10.08
C LYS B 110 -6.08 23.64 -9.36
N GLY B 111 -5.36 24.73 -9.57
CA GLY B 111 -4.05 24.89 -8.94
C GLY B 111 -3.08 23.78 -9.30
N LYS B 112 -2.50 23.86 -10.50
CA LYS B 112 -1.51 22.89 -10.96
C LYS B 112 -2.00 21.45 -11.12
N ARG B 113 -3.13 21.10 -10.49
CA ARG B 113 -3.65 19.75 -10.58
C ARG B 113 -4.71 19.60 -11.67
N LYS B 114 -4.53 18.59 -12.52
CA LYS B 114 -5.47 18.33 -13.61
C LYS B 114 -6.74 17.65 -13.10
N ILE B 115 -7.86 18.34 -13.23
CA ILE B 115 -9.14 17.81 -12.79
C ILE B 115 -9.83 17.14 -13.98
N HIS B 116 -10.08 15.84 -13.89
CA HIS B 116 -10.69 15.10 -14.99
C HIS B 116 -11.34 13.79 -14.58
N THR B 117 -11.61 12.96 -15.60
CA THR B 117 -12.19 11.64 -15.43
C THR B 117 -11.47 10.74 -16.44
N VAL B 118 -11.07 9.54 -16.00
CA VAL B 118 -10.36 8.64 -16.89
C VAL B 118 -11.07 7.32 -17.12
N ILE B 119 -10.97 6.82 -18.34
CA ILE B 119 -11.61 5.58 -18.76
C ILE B 119 -10.57 4.58 -19.24
N TYR B 120 -10.62 3.37 -18.68
CA TYR B 120 -9.67 2.32 -19.03
C TYR B 120 -10.36 1.07 -19.56
N ASP B 121 -9.57 0.22 -20.20
CA ASP B 121 -10.06 -1.04 -20.74
C ASP B 121 -9.63 -2.16 -19.80
N SER B 122 -10.55 -2.61 -18.95
CA SER B 122 -10.24 -3.67 -17.99
C SER B 122 -9.72 -4.93 -18.68
N LEU B 123 -9.95 -5.05 -19.97
CA LEU B 123 -9.51 -6.20 -20.74
C LEU B 123 -7.99 -6.28 -20.73
N LYS B 124 -7.33 -5.14 -20.56
CA LYS B 124 -5.87 -5.11 -20.51
C LYS B 124 -5.33 -5.66 -19.18
N LYS B 125 -6.13 -5.59 -18.12
CA LYS B 125 -5.71 -6.11 -16.82
C LYS B 125 -6.16 -7.58 -16.66
N LEU B 126 -7.33 -7.92 -17.19
CA LEU B 126 -7.88 -9.28 -17.11
C LEU B 126 -8.26 -9.80 -18.50
N PRO B 127 -7.27 -10.26 -19.28
CA PRO B 127 -7.31 -10.81 -20.64
C PRO B 127 -8.31 -11.91 -21.04
N PHE B 128 -9.52 -11.90 -20.52
CA PHE B 128 -10.49 -12.95 -20.89
C PHE B 128 -11.91 -12.41 -20.89
N PRO B 129 -12.80 -13.03 -21.67
CA PRO B 129 -14.21 -12.62 -21.76
C PRO B 129 -14.89 -12.70 -20.40
N VAL B 130 -15.91 -11.86 -20.22
CA VAL B 130 -16.65 -11.81 -18.97
C VAL B 130 -17.13 -13.17 -18.45
N LYS B 131 -17.59 -14.04 -19.34
CA LYS B 131 -18.08 -15.34 -18.91
C LYS B 131 -16.95 -16.25 -18.44
N LYS B 132 -15.81 -16.21 -19.14
CA LYS B 132 -14.69 -17.06 -18.75
C LYS B 132 -14.15 -16.64 -17.39
N ILE B 133 -14.03 -15.33 -17.19
CA ILE B 133 -13.55 -14.79 -15.93
C ILE B 133 -14.45 -15.24 -14.79
N ALA B 134 -15.76 -15.22 -15.05
CA ALA B 134 -16.74 -15.61 -14.05
C ALA B 134 -16.63 -17.08 -13.66
N LYS B 135 -16.59 -17.94 -14.67
CA LYS B 135 -16.49 -19.37 -14.45
C LYS B 135 -15.15 -19.75 -13.81
N ASP B 136 -14.08 -19.11 -14.27
CA ASP B 136 -12.73 -19.36 -13.77
C ASP B 136 -12.47 -18.78 -12.38
N PHE B 137 -13.16 -17.68 -12.05
CA PHE B 137 -13.01 -17.05 -10.74
C PHE B 137 -14.08 -17.57 -9.81
N LYS B 138 -15.02 -18.34 -10.38
CA LYS B 138 -16.12 -18.89 -9.62
C LYS B 138 -17.02 -17.79 -9.05
N LEU B 139 -17.34 -16.82 -9.91
CA LEU B 139 -18.20 -15.70 -9.53
C LEU B 139 -19.55 -15.95 -10.17
N THR B 140 -20.62 -15.71 -9.42
CA THR B 140 -21.97 -15.95 -9.93
C THR B 140 -22.21 -15.30 -11.30
N VAL B 141 -22.74 -16.08 -12.23
CA VAL B 141 -23.01 -15.57 -13.56
C VAL B 141 -24.30 -16.18 -14.09
N LEU B 142 -25.18 -15.32 -14.60
CA LEU B 142 -26.47 -15.74 -15.12
C LEU B 142 -26.38 -16.49 -16.45
N LYS B 143 -27.21 -17.52 -16.57
CA LYS B 143 -27.27 -18.33 -17.78
C LYS B 143 -28.15 -17.64 -18.80
N GLY B 144 -27.64 -17.47 -20.02
CA GLY B 144 -28.42 -16.83 -21.05
C GLY B 144 -27.78 -15.55 -21.56
N ASP B 145 -28.61 -14.66 -22.10
CA ASP B 145 -28.13 -13.39 -22.64
C ASP B 145 -29.31 -12.47 -22.99
N ILE B 146 -29.00 -11.20 -23.19
CA ILE B 146 -30.01 -10.21 -23.57
C ILE B 146 -30.41 -10.53 -25.01
N ASP B 147 -31.68 -10.32 -25.34
CA ASP B 147 -32.16 -10.59 -26.69
C ASP B 147 -31.81 -9.41 -27.61
N TYR B 148 -30.74 -9.57 -28.40
CA TYR B 148 -30.30 -8.51 -29.30
C TYR B 148 -31.15 -8.45 -30.57
N HIS B 149 -32.13 -9.34 -30.69
CA HIS B 149 -33.01 -9.38 -31.85
C HIS B 149 -34.42 -8.90 -31.54
N LYS B 150 -34.53 -7.73 -30.92
CA LYS B 150 -35.81 -7.13 -30.59
C LYS B 150 -35.68 -5.61 -30.64
N GLU B 151 -36.65 -4.96 -31.29
CA GLU B 151 -36.63 -3.51 -31.46
C GLU B 151 -36.56 -2.74 -30.14
N ARG B 152 -35.81 -1.64 -30.16
CA ARG B 152 -35.64 -0.80 -28.98
C ARG B 152 -35.63 0.68 -29.36
N PRO B 153 -36.83 1.28 -29.49
CA PRO B 153 -36.98 2.69 -29.85
C PRO B 153 -36.32 3.60 -28.84
N VAL B 154 -35.84 4.76 -29.29
CA VAL B 154 -35.21 5.71 -28.39
C VAL B 154 -36.15 5.88 -27.19
N GLY B 155 -35.57 5.90 -25.99
CA GLY B 155 -36.38 6.05 -24.80
C GLY B 155 -36.96 4.71 -24.39
N TYR B 156 -36.41 3.64 -24.96
CA TYR B 156 -36.86 2.29 -24.65
C TYR B 156 -36.82 2.00 -23.16
N LYS B 157 -37.75 1.17 -22.70
CA LYS B 157 -37.84 0.82 -21.30
C LYS B 157 -37.10 -0.49 -20.99
N ILE B 158 -36.09 -0.40 -20.13
CA ILE B 158 -35.30 -1.57 -19.75
C ILE B 158 -36.15 -2.51 -18.90
N THR B 159 -36.27 -3.76 -19.35
CA THR B 159 -37.06 -4.74 -18.61
C THR B 159 -36.27 -5.22 -17.39
N PRO B 160 -36.94 -5.90 -16.45
CA PRO B 160 -36.24 -6.39 -15.26
C PRO B 160 -35.14 -7.40 -15.60
N GLU B 161 -35.44 -8.33 -16.50
CA GLU B 161 -34.47 -9.35 -16.89
C GLU B 161 -33.19 -8.70 -17.41
N GLU B 162 -33.33 -7.75 -18.33
CA GLU B 162 -32.19 -7.07 -18.91
C GLU B 162 -31.40 -6.33 -17.82
N TYR B 163 -32.10 -5.97 -16.75
CA TYR B 163 -31.50 -5.28 -15.62
C TYR B 163 -30.47 -6.21 -14.99
N ALA B 164 -30.94 -7.42 -14.66
CA ALA B 164 -30.13 -8.47 -14.07
C ALA B 164 -28.87 -8.70 -14.88
N TYR B 165 -29.06 -8.99 -16.18
CA TYR B 165 -27.95 -9.23 -17.08
C TYR B 165 -26.95 -8.10 -17.04
N ILE B 166 -27.42 -6.86 -17.07
CA ILE B 166 -26.51 -5.73 -17.03
C ILE B 166 -25.77 -5.64 -15.71
N LYS B 167 -26.48 -5.80 -14.60
CA LYS B 167 -25.83 -5.73 -13.29
C LYS B 167 -24.81 -6.85 -13.14
N ASN B 168 -25.19 -8.05 -13.52
CA ASN B 168 -24.31 -9.21 -13.44
C ASN B 168 -23.01 -8.94 -14.20
N ASP B 169 -23.14 -8.48 -15.43
CA ASP B 169 -21.98 -8.20 -16.27
C ASP B 169 -20.97 -7.25 -15.63
N ILE B 170 -21.43 -6.14 -15.07
CA ILE B 170 -20.52 -5.19 -14.44
C ILE B 170 -20.06 -5.64 -13.06
N GLN B 171 -20.89 -6.44 -12.38
CA GLN B 171 -20.53 -6.91 -11.07
C GLN B 171 -19.41 -7.95 -11.12
N ILE B 172 -19.44 -8.80 -12.16
CA ILE B 172 -18.42 -9.83 -12.34
C ILE B 172 -17.04 -9.17 -12.47
N ILE B 173 -16.95 -8.17 -13.35
CA ILE B 173 -15.70 -7.45 -13.56
C ILE B 173 -15.35 -6.65 -12.31
N ALA B 174 -16.39 -6.24 -11.58
CA ALA B 174 -16.20 -5.48 -10.35
C ALA B 174 -15.51 -6.35 -9.31
N GLU B 175 -16.02 -7.56 -9.13
CA GLU B 175 -15.46 -8.49 -8.16
C GLU B 175 -14.03 -8.91 -8.52
N ALA B 176 -13.84 -9.28 -9.78
CA ALA B 176 -12.53 -9.71 -10.23
C ALA B 176 -11.48 -8.61 -10.09
N LEU B 177 -11.86 -7.38 -10.44
CA LEU B 177 -10.93 -6.27 -10.34
C LEU B 177 -10.53 -5.98 -8.90
N LEU B 178 -11.52 -5.98 -8.02
CA LEU B 178 -11.30 -5.71 -6.60
C LEU B 178 -10.20 -6.62 -6.04
N ILE B 179 -10.30 -7.91 -6.36
CA ILE B 179 -9.33 -8.90 -5.91
C ILE B 179 -7.89 -8.48 -6.22
N GLN B 180 -7.69 -7.98 -7.43
CA GLN B 180 -6.37 -7.54 -7.86
C GLN B 180 -5.93 -6.23 -7.20
N PHE B 181 -6.87 -5.30 -7.07
CA PHE B 181 -6.57 -4.01 -6.45
C PHE B 181 -6.20 -4.17 -4.98
N LYS B 182 -6.88 -5.08 -4.30
CA LYS B 182 -6.59 -5.30 -2.88
C LYS B 182 -5.13 -5.69 -2.66
N GLN B 183 -4.49 -6.22 -3.71
CA GLN B 183 -3.11 -6.64 -3.62
C GLN B 183 -2.12 -5.59 -4.12
N GLY B 184 -2.61 -4.38 -4.33
CA GLY B 184 -1.75 -3.31 -4.79
C GLY B 184 -1.41 -3.39 -6.27
N LEU B 185 -2.08 -4.30 -6.98
CA LEU B 185 -1.85 -4.46 -8.41
C LEU B 185 -2.79 -3.50 -9.13
N ASP B 186 -2.42 -2.23 -9.09
CA ASP B 186 -3.19 -1.14 -9.67
C ASP B 186 -2.68 -0.60 -10.99
N ARG B 187 -2.03 -1.43 -11.79
CA ARG B 187 -1.50 -0.96 -13.06
C ARG B 187 -2.52 -1.09 -14.18
N MET B 188 -2.26 -0.37 -15.27
CA MET B 188 -3.16 -0.39 -16.43
C MET B 188 -3.13 -1.73 -17.14
N THR B 189 -1.98 -2.40 -17.15
CA THR B 189 -1.87 -3.69 -17.80
C THR B 189 -1.38 -4.80 -16.87
N ALA B 190 -1.69 -6.03 -17.22
CA ALA B 190 -1.27 -7.19 -16.45
C ALA B 190 0.26 -7.24 -16.39
N GLY B 191 0.91 -6.85 -17.48
CA GLY B 191 2.36 -6.83 -17.49
C GLY B 191 2.89 -5.86 -16.45
N SER B 192 2.33 -4.66 -16.41
CA SER B 192 2.76 -3.66 -15.43
C SER B 192 2.53 -4.19 -14.03
N ASP B 193 1.42 -4.93 -13.84
CA ASP B 193 1.10 -5.51 -12.54
C ASP B 193 2.14 -6.57 -12.16
N SER B 194 2.62 -7.33 -13.14
CA SER B 194 3.63 -8.33 -12.86
C SER B 194 4.95 -7.66 -12.48
N LEU B 195 5.34 -6.67 -13.26
CA LEU B 195 6.58 -5.96 -13.00
C LEU B 195 6.54 -5.34 -11.60
N LYS B 196 5.39 -4.78 -11.24
CA LYS B 196 5.23 -4.16 -9.93
C LYS B 196 5.41 -5.22 -8.85
N GLY B 197 4.75 -6.36 -9.05
CA GLY B 197 4.86 -7.47 -8.11
C GLY B 197 6.30 -7.90 -7.97
N PHE B 198 7.01 -7.95 -9.11
CA PHE B 198 8.40 -8.34 -9.12
C PHE B 198 9.21 -7.37 -8.27
N LYS B 199 8.88 -6.09 -8.36
CA LYS B 199 9.60 -5.07 -7.59
C LYS B 199 9.34 -5.22 -6.10
N ASP B 200 8.13 -5.62 -5.73
CA ASP B 200 7.82 -5.81 -4.31
C ASP B 200 8.71 -6.88 -3.72
N ILE B 201 8.94 -7.95 -4.48
CA ILE B 201 9.76 -9.05 -4.00
C ILE B 201 11.25 -8.81 -3.93
N ILE B 202 11.85 -8.18 -4.92
CA ILE B 202 13.29 -7.96 -4.87
C ILE B 202 13.66 -6.56 -4.42
N THR B 203 12.63 -5.73 -4.21
CA THR B 203 12.75 -4.34 -3.79
C THR B 203 13.14 -3.40 -4.93
N THR B 204 12.48 -2.24 -4.97
CA THR B 204 12.74 -1.23 -5.98
C THR B 204 14.20 -0.82 -5.98
N LYS B 205 14.82 -0.87 -4.82
CA LYS B 205 16.20 -0.48 -4.68
C LYS B 205 17.15 -1.37 -5.47
N LYS B 206 17.01 -2.69 -5.29
CA LYS B 206 17.87 -3.64 -6.00
C LYS B 206 17.58 -3.58 -7.49
N PHE B 207 16.31 -3.37 -7.81
CA PHE B 207 15.83 -3.28 -9.18
C PHE B 207 16.60 -2.21 -9.94
N LYS B 208 16.61 -1.00 -9.39
CA LYS B 208 17.30 0.11 -10.02
C LYS B 208 18.79 -0.16 -10.16
N LYS B 209 19.31 -1.04 -9.33
CA LYS B 209 20.74 -1.36 -9.37
C LYS B 209 21.10 -2.41 -10.44
N VAL B 210 20.31 -3.48 -10.55
CA VAL B 210 20.60 -4.51 -11.54
C VAL B 210 20.05 -4.15 -12.92
N PHE B 211 19.07 -3.25 -12.96
CA PHE B 211 18.47 -2.83 -14.23
C PHE B 211 18.70 -1.32 -14.42
N PRO B 212 19.97 -0.90 -14.49
CA PRO B 212 20.24 0.52 -14.68
C PRO B 212 19.73 1.07 -16.00
N THR B 213 19.50 2.38 -16.03
CA THR B 213 19.06 3.04 -17.24
C THR B 213 20.29 3.04 -18.14
N LEU B 214 20.10 2.91 -19.45
CA LEU B 214 21.23 2.88 -20.35
C LEU B 214 21.16 4.07 -21.31
N SER B 215 22.28 4.39 -21.92
CA SER B 215 22.32 5.50 -22.86
C SER B 215 21.46 5.19 -24.09
N LEU B 216 21.28 6.20 -24.94
CA LEU B 216 20.50 6.05 -26.17
C LEU B 216 21.16 5.05 -27.12
N GLY B 217 22.47 5.21 -27.32
CA GLY B 217 23.19 4.32 -28.22
C GLY B 217 23.29 2.89 -27.75
N LEU B 218 23.36 2.68 -26.43
CA LEU B 218 23.47 1.31 -25.93
C LEU B 218 22.17 0.56 -26.15
N ASP B 219 21.04 1.21 -25.83
CA ASP B 219 19.75 0.58 -26.01
C ASP B 219 19.54 0.19 -27.47
N LYS B 220 19.90 1.10 -28.37
CA LYS B 220 19.74 0.85 -29.79
C LYS B 220 20.54 -0.38 -30.23
N GLU B 221 21.83 -0.42 -29.87
CA GLU B 221 22.68 -1.54 -30.25
C GLU B 221 22.16 -2.86 -29.68
N VAL B 222 21.63 -2.82 -28.47
CA VAL B 222 21.12 -4.02 -27.84
C VAL B 222 19.88 -4.53 -28.59
N ARG B 223 19.00 -3.61 -28.99
CA ARG B 223 17.81 -3.99 -29.72
C ARG B 223 18.12 -4.60 -31.08
N TYR B 224 19.28 -4.31 -31.64
CA TYR B 224 19.65 -4.88 -32.92
C TYR B 224 19.72 -6.40 -32.77
N ALA B 225 19.89 -6.88 -31.54
CA ALA B 225 20.02 -8.31 -31.28
C ALA B 225 18.74 -9.01 -30.83
N TYR B 226 17.64 -8.26 -30.76
CA TYR B 226 16.37 -8.85 -30.37
C TYR B 226 15.72 -9.55 -31.56
N ARG B 227 15.00 -10.64 -31.28
CA ARG B 227 14.27 -11.40 -32.31
C ARG B 227 13.14 -12.05 -31.55
N GLY B 228 12.06 -12.40 -32.25
CA GLY B 228 10.93 -13.03 -31.61
C GLY B 228 11.11 -14.53 -31.49
N GLY B 229 10.04 -15.23 -31.16
CA GLY B 229 10.11 -16.68 -31.02
C GLY B 229 10.38 -17.40 -32.34
N PHE B 230 10.81 -18.64 -32.24
CA PHE B 230 11.11 -19.43 -33.43
C PHE B 230 9.89 -20.13 -34.00
N THR B 231 9.44 -19.68 -35.16
CA THR B 231 8.29 -20.27 -35.82
C THR B 231 8.73 -20.67 -37.22
N TRP B 232 8.66 -21.96 -37.51
CA TRP B 232 9.13 -22.48 -38.79
C TRP B 232 8.43 -23.77 -39.20
N LEU B 233 8.09 -23.86 -40.48
CA LEU B 233 7.42 -25.04 -41.04
C LEU B 233 8.39 -25.72 -42.00
N ASN B 234 8.60 -27.02 -41.82
CA ASN B 234 9.49 -27.76 -42.72
C ASN B 234 8.84 -27.78 -44.11
N ASP B 235 9.58 -27.38 -45.14
CA ASP B 235 9.04 -27.36 -46.50
C ASP B 235 8.59 -28.70 -47.04
N ARG B 236 9.32 -29.77 -46.76
CA ARG B 236 8.94 -31.08 -47.25
C ARG B 236 7.50 -31.43 -46.87
N PHE B 237 6.95 -30.72 -45.88
CA PHE B 237 5.57 -30.96 -45.44
C PHE B 237 4.54 -29.91 -45.84
N LYS B 238 4.99 -28.81 -46.45
CA LYS B 238 4.07 -27.75 -46.83
C LYS B 238 2.86 -28.16 -47.67
N GLU B 239 1.67 -27.85 -47.17
CA GLU B 239 0.40 -28.15 -47.84
C GLU B 239 0.16 -29.62 -48.11
N LYS B 240 0.83 -30.50 -47.37
CA LYS B 240 0.66 -31.93 -47.56
C LYS B 240 -0.10 -32.60 -46.42
N GLU B 241 -0.98 -33.54 -46.77
CA GLU B 241 -1.73 -34.24 -45.74
C GLU B 241 -0.81 -35.32 -45.22
N ILE B 242 -0.66 -35.39 -43.91
CA ILE B 242 0.23 -36.37 -43.32
C ILE B 242 -0.49 -37.28 -42.35
N GLY B 243 0.16 -38.39 -42.02
CA GLY B 243 -0.42 -39.36 -41.10
C GLY B 243 -0.28 -39.00 -39.63
N GLU B 244 0.12 -39.98 -38.83
CA GLU B 244 0.28 -39.82 -37.39
C GLU B 244 1.43 -38.92 -37.00
N GLY B 245 1.24 -38.20 -35.90
CA GLY B 245 2.25 -37.30 -35.40
C GLY B 245 1.94 -36.92 -33.97
N MET B 246 2.87 -36.20 -33.36
CA MET B 246 2.72 -35.78 -31.96
C MET B 246 3.26 -34.37 -31.74
N VAL B 247 2.76 -33.73 -30.70
CA VAL B 247 3.18 -32.39 -30.36
C VAL B 247 3.78 -32.38 -28.96
N PHE B 248 4.86 -31.61 -28.80
CA PHE B 248 5.56 -31.45 -27.53
C PHE B 248 5.59 -29.95 -27.20
N ASP B 249 5.24 -29.61 -25.96
CA ASP B 249 5.21 -28.23 -25.49
C ASP B 249 6.07 -28.07 -24.23
N VAL B 250 6.90 -27.03 -24.19
CA VAL B 250 7.71 -26.78 -23.00
C VAL B 250 6.77 -26.26 -21.92
N ASN B 251 6.93 -26.73 -20.69
CA ASN B 251 6.08 -26.25 -19.59
C ASN B 251 6.59 -24.86 -19.22
N SER B 252 5.77 -23.84 -19.49
CA SER B 252 6.11 -22.44 -19.20
C SER B 252 7.50 -22.09 -19.71
N LEU B 253 7.60 -21.92 -21.02
CA LEU B 253 8.85 -21.61 -21.70
C LEU B 253 9.65 -20.41 -21.18
N TYR B 254 9.01 -19.25 -21.08
CA TYR B 254 9.74 -18.07 -20.62
C TYR B 254 10.01 -18.08 -19.13
N PRO B 255 8.99 -18.38 -18.31
CA PRO B 255 9.31 -18.41 -16.87
C PRO B 255 10.46 -19.38 -16.63
N ALA B 256 10.51 -20.44 -17.42
CA ALA B 256 11.54 -21.46 -17.28
C ALA B 256 12.92 -20.93 -17.62
N GLN B 257 13.02 -20.06 -18.61
CA GLN B 257 14.33 -19.50 -18.98
C GLN B 257 14.75 -18.54 -17.85
N MET B 258 13.78 -17.77 -17.37
CA MET B 258 14.02 -16.80 -16.30
C MET B 258 14.44 -17.47 -15.01
N TYR B 259 13.95 -18.69 -14.79
CA TYR B 259 14.25 -19.41 -13.55
C TYR B 259 15.67 -19.97 -13.46
N SER B 260 16.29 -20.37 -14.57
CA SER B 260 17.61 -20.98 -14.44
C SER B 260 18.68 -20.66 -15.47
N ARG B 261 18.37 -19.89 -16.51
CA ARG B 261 19.40 -19.55 -17.48
C ARG B 261 20.28 -18.41 -16.96
N LEU B 262 21.46 -18.27 -17.54
CA LEU B 262 22.39 -17.20 -17.19
C LEU B 262 21.85 -15.94 -17.89
N LEU B 263 21.44 -14.95 -17.10
CA LEU B 263 20.87 -13.73 -17.67
C LEU B 263 21.69 -12.50 -17.31
N PRO B 264 21.70 -11.49 -18.18
CA PRO B 264 22.43 -10.24 -17.97
C PRO B 264 21.79 -9.26 -17.01
N TYR B 265 22.63 -8.43 -16.43
CA TYR B 265 22.18 -7.40 -15.51
C TYR B 265 23.29 -6.37 -15.41
N GLY B 266 22.93 -5.17 -14.94
CA GLY B 266 23.91 -4.12 -14.79
C GLY B 266 24.30 -3.36 -16.04
N GLU B 267 25.36 -2.57 -15.89
CA GLU B 267 25.88 -1.74 -16.97
C GLU B 267 26.77 -2.56 -17.91
N PRO B 268 26.55 -2.44 -19.23
CA PRO B 268 27.33 -3.16 -20.26
C PRO B 268 28.70 -2.53 -20.51
N ILE B 269 29.67 -3.35 -20.90
CA ILE B 269 30.99 -2.86 -21.23
C ILE B 269 31.19 -3.04 -22.73
N VAL B 270 31.62 -2.00 -23.41
CA VAL B 270 31.86 -2.04 -24.84
C VAL B 270 33.25 -2.60 -25.11
N PHE B 271 33.39 -3.35 -26.19
CA PHE B 271 34.67 -3.92 -26.58
C PHE B 271 34.79 -3.86 -28.10
N GLU B 272 36.02 -3.85 -28.60
CA GLU B 272 36.22 -3.79 -30.04
C GLU B 272 36.65 -5.16 -30.54
N GLY B 273 36.38 -5.42 -31.81
CA GLY B 273 36.75 -6.71 -32.39
C GLY B 273 35.95 -7.87 -31.84
N LYS B 274 36.58 -9.04 -31.78
CA LYS B 274 35.94 -10.25 -31.29
C LYS B 274 35.96 -10.34 -29.77
N TYR B 275 34.86 -10.83 -29.19
CA TYR B 275 34.76 -10.98 -27.75
C TYR B 275 35.88 -11.89 -27.21
N VAL B 276 36.21 -11.73 -25.93
CA VAL B 276 37.24 -12.54 -25.30
C VAL B 276 36.73 -12.97 -23.93
N TRP B 277 36.70 -14.27 -23.69
CA TRP B 277 36.21 -14.80 -22.44
C TRP B 277 36.53 -13.92 -21.24
N ASP B 278 35.48 -13.60 -20.50
CA ASP B 278 35.58 -12.77 -19.32
C ASP B 278 34.61 -13.37 -18.30
N GLU B 279 35.18 -14.08 -17.33
CA GLU B 279 34.39 -14.73 -16.28
C GLU B 279 33.42 -13.78 -15.56
N ASP B 280 33.78 -12.51 -15.45
CA ASP B 280 32.94 -11.53 -14.77
C ASP B 280 31.85 -10.95 -15.68
N TYR B 281 32.02 -11.18 -16.98
CA TYR B 281 31.06 -10.72 -17.99
C TYR B 281 30.89 -11.86 -18.99
N PRO B 282 30.31 -12.99 -18.53
CA PRO B 282 30.05 -14.21 -19.29
C PRO B 282 29.17 -14.08 -20.52
N LEU B 283 28.28 -13.08 -20.54
CA LEU B 283 27.38 -12.91 -21.67
C LEU B 283 27.80 -11.75 -22.56
N HIS B 284 27.51 -11.86 -23.85
CA HIS B 284 27.81 -10.76 -24.76
C HIS B 284 26.96 -10.78 -26.02
N ILE B 285 26.95 -9.66 -26.71
CA ILE B 285 26.26 -9.49 -27.94
C ILE B 285 27.37 -9.15 -28.91
N GLN B 286 27.45 -9.86 -30.03
CA GLN B 286 28.51 -9.65 -30.99
C GLN B 286 28.06 -9.10 -32.34
N HIS B 287 28.70 -8.03 -32.76
CA HIS B 287 28.41 -7.41 -34.03
C HIS B 287 29.36 -8.08 -35.02
N ILE B 288 28.83 -8.77 -36.02
CA ILE B 288 29.69 -9.42 -37.00
C ILE B 288 29.16 -9.27 -38.42
N ARG B 289 30.06 -9.46 -39.38
CA ARG B 289 29.71 -9.41 -40.80
C ARG B 289 30.27 -10.67 -41.41
N CYS B 290 29.49 -11.31 -42.27
CA CYS B 290 29.94 -12.54 -42.89
C CYS B 290 29.00 -13.00 -43.99
N GLU B 291 29.43 -14.08 -44.65
CA GLU B 291 28.64 -14.77 -45.67
C GLU B 291 28.33 -16.09 -45.02
N PHE B 292 27.29 -16.77 -45.46
CA PHE B 292 26.96 -18.07 -44.84
C PHE B 292 26.18 -19.04 -45.74
N GLU B 293 26.32 -20.32 -45.41
CA GLU B 293 25.62 -21.37 -46.14
C GLU B 293 25.13 -22.37 -45.13
N LEU B 294 23.82 -22.61 -45.12
CA LEU B 294 23.23 -23.57 -44.18
C LEU B 294 23.86 -24.95 -44.38
N LYS B 295 24.22 -25.62 -43.29
CA LYS B 295 24.81 -26.95 -43.40
C LYS B 295 23.72 -27.96 -43.74
N GLU B 296 24.06 -28.92 -44.60
CA GLU B 296 23.08 -29.93 -44.99
C GLU B 296 22.58 -30.66 -43.74
N GLY B 297 21.27 -30.80 -43.64
CA GLY B 297 20.67 -31.49 -42.50
C GLY B 297 20.37 -30.65 -41.28
N TYR B 298 20.53 -29.33 -41.39
CA TYR B 298 20.28 -28.44 -40.28
C TYR B 298 19.12 -27.50 -40.55
N ILE B 299 18.45 -27.08 -39.47
CA ILE B 299 17.32 -26.15 -39.55
C ILE B 299 17.86 -24.73 -39.62
N PRO B 300 17.25 -23.89 -40.46
CA PRO B 300 17.67 -22.50 -40.64
C PRO B 300 17.39 -21.68 -39.39
N THR B 301 18.34 -20.87 -38.95
CA THR B 301 18.13 -20.06 -37.75
C THR B 301 18.32 -18.55 -37.93
N ILE B 302 19.11 -18.14 -38.93
CA ILE B 302 19.35 -16.72 -39.17
C ILE B 302 18.09 -15.99 -39.65
N GLN B 303 17.63 -15.00 -38.90
CA GLN B 303 16.40 -14.34 -39.29
C GLN B 303 16.57 -13.05 -40.11
N ILE B 304 15.79 -12.98 -41.18
CA ILE B 304 15.73 -11.83 -42.07
C ILE B 304 15.16 -10.75 -41.20
N LYS B 305 15.74 -9.56 -41.26
CA LYS B 305 15.29 -8.46 -40.42
C LYS B 305 13.98 -7.81 -40.87
N ARG B 306 13.02 -7.83 -39.96
CA ARG B 306 11.67 -7.30 -40.14
C ARG B 306 11.60 -5.77 -40.12
N SER B 307 11.20 -5.18 -41.25
CA SER B 307 11.07 -3.73 -41.38
C SER B 307 9.73 -3.42 -42.03
N ARG B 308 9.76 -3.24 -43.35
CA ARG B 308 8.56 -3.03 -44.13
C ARG B 308 8.18 -4.38 -44.72
N PHE B 309 8.56 -5.36 -43.93
CA PHE B 309 8.34 -6.78 -44.13
C PHE B 309 7.64 -7.19 -42.85
N TYR B 310 6.76 -8.22 -42.85
CA TYR B 310 6.13 -8.52 -41.57
C TYR B 310 5.53 -9.91 -41.38
N LYS B 311 4.46 -9.95 -40.58
CA LYS B 311 3.72 -11.16 -40.23
C LYS B 311 3.98 -12.37 -41.13
N GLY B 312 5.10 -13.03 -40.84
CA GLY B 312 5.54 -14.19 -41.57
C GLY B 312 7.05 -14.35 -41.44
N ASN B 313 7.49 -15.01 -40.38
CA ASN B 313 8.91 -15.26 -40.12
C ASN B 313 9.64 -15.95 -41.27
N GLU B 314 10.84 -15.47 -41.60
CA GLU B 314 11.62 -16.08 -42.66
C GLU B 314 13.08 -16.31 -42.22
N TYR B 315 13.56 -17.54 -42.36
CA TYR B 315 14.94 -17.86 -42.00
C TYR B 315 15.71 -18.18 -43.27
N LEU B 316 16.91 -17.60 -43.36
CA LEU B 316 17.75 -17.74 -44.53
C LEU B 316 18.66 -18.94 -44.61
N LYS B 317 18.75 -19.53 -45.79
CA LYS B 317 19.61 -20.68 -46.01
C LYS B 317 21.01 -20.22 -46.42
N SER B 318 21.10 -19.06 -47.05
CA SER B 318 22.40 -18.53 -47.46
C SER B 318 22.37 -17.03 -47.71
N SER B 319 23.54 -16.40 -47.60
CA SER B 319 23.67 -14.97 -47.84
C SER B 319 23.58 -14.67 -49.34
N GLY B 320 23.61 -15.73 -50.15
CA GLY B 320 23.52 -15.60 -51.59
C GLY B 320 24.36 -14.52 -52.25
N GLY B 321 25.67 -14.56 -52.03
CA GLY B 321 26.54 -13.58 -52.65
C GLY B 321 26.71 -12.28 -51.89
N GLU B 322 25.65 -11.81 -51.23
CA GLU B 322 25.71 -10.57 -50.47
C GLU B 322 26.34 -10.79 -49.09
N ILE B 323 26.52 -9.72 -48.35
CA ILE B 323 27.10 -9.81 -47.02
C ILE B 323 26.07 -9.53 -45.93
N ALA B 324 26.14 -10.31 -44.87
CA ALA B 324 25.22 -10.15 -43.76
C ALA B 324 25.87 -9.33 -42.66
N ASP B 325 25.08 -8.41 -42.09
CA ASP B 325 25.54 -7.57 -41.00
C ASP B 325 24.63 -7.88 -39.84
N LEU B 326 25.16 -8.51 -38.80
CA LEU B 326 24.34 -8.89 -37.67
C LEU B 326 24.90 -8.59 -36.29
N TRP B 327 24.00 -8.49 -35.37
CA TRP B 327 24.30 -8.32 -33.97
C TRP B 327 23.66 -9.54 -33.31
N LEU B 328 24.47 -10.36 -32.64
CA LEU B 328 23.94 -11.59 -32.04
C LEU B 328 24.34 -11.82 -30.58
N SER B 329 23.39 -12.33 -29.80
CA SER B 329 23.68 -12.71 -28.44
C SER B 329 24.60 -13.91 -28.56
N ASN B 330 25.37 -14.24 -27.53
CA ASN B 330 26.24 -15.40 -27.62
C ASN B 330 25.46 -16.70 -27.75
N VAL B 331 24.19 -16.69 -27.32
CA VAL B 331 23.36 -17.89 -27.46
C VAL B 331 23.04 -18.10 -28.94
N ASP B 332 22.60 -17.04 -29.60
CA ASP B 332 22.28 -17.15 -31.02
C ASP B 332 23.51 -17.38 -31.88
N LEU B 333 24.64 -16.77 -31.51
CA LEU B 333 25.86 -16.94 -32.29
C LEU B 333 26.33 -18.40 -32.27
N GLU B 334 26.28 -19.04 -31.10
CA GLU B 334 26.71 -20.43 -31.03
C GLU B 334 25.82 -21.32 -31.90
N LEU B 335 24.53 -21.00 -31.94
CA LEU B 335 23.59 -21.74 -32.77
C LEU B 335 23.93 -21.56 -34.24
N MET B 336 24.29 -20.34 -34.62
CA MET B 336 24.61 -20.06 -36.01
C MET B 336 25.85 -20.81 -36.51
N LYS B 337 26.89 -20.83 -35.68
CA LYS B 337 28.14 -21.50 -36.03
C LYS B 337 27.93 -23.01 -36.16
N GLU B 338 26.95 -23.55 -35.45
CA GLU B 338 26.67 -24.97 -35.52
C GLU B 338 25.84 -25.32 -36.75
N HIS B 339 24.82 -24.52 -37.03
CA HIS B 339 23.94 -24.78 -38.17
C HIS B 339 24.42 -24.24 -39.51
N TYR B 340 25.46 -23.42 -39.51
CA TYR B 340 25.98 -22.82 -40.75
C TYR B 340 27.48 -22.87 -40.96
N ASP B 341 27.84 -22.78 -42.22
CA ASP B 341 29.24 -22.66 -42.61
C ASP B 341 29.41 -21.16 -42.76
N LEU B 342 30.35 -20.55 -42.04
CA LEU B 342 30.54 -19.10 -42.13
C LEU B 342 31.76 -18.75 -42.96
N TYR B 343 31.62 -17.76 -43.83
CA TYR B 343 32.72 -17.32 -44.69
C TYR B 343 33.05 -15.85 -44.53
N ASN B 344 34.35 -15.54 -44.58
CA ASN B 344 34.86 -14.17 -44.48
C ASN B 344 34.25 -13.43 -43.28
N VAL B 345 34.45 -13.99 -42.09
CA VAL B 345 33.90 -13.41 -40.87
C VAL B 345 34.69 -12.23 -40.30
N GLU B 346 34.01 -11.11 -40.10
CA GLU B 346 34.64 -9.92 -39.53
C GLU B 346 33.99 -9.63 -38.20
N TYR B 347 34.77 -9.68 -37.12
CA TYR B 347 34.23 -9.37 -35.81
C TYR B 347 34.46 -7.88 -35.58
N ILE B 348 33.38 -7.11 -35.60
CA ILE B 348 33.48 -5.67 -35.43
C ILE B 348 33.60 -5.21 -33.99
N SER B 349 32.52 -5.32 -33.22
CA SER B 349 32.53 -4.91 -31.82
C SER B 349 31.37 -5.56 -31.06
N GLY B 350 31.24 -5.28 -29.77
CA GLY B 350 30.16 -5.87 -29.00
C GLY B 350 29.92 -5.29 -27.63
N LEU B 351 29.14 -6.00 -26.82
CA LEU B 351 28.82 -5.58 -25.46
C LEU B 351 28.86 -6.78 -24.53
N LYS B 352 29.59 -6.64 -23.43
CA LYS B 352 29.75 -7.66 -22.40
C LYS B 352 28.84 -7.33 -21.23
N PHE B 353 28.27 -8.35 -20.60
CA PHE B 353 27.39 -8.14 -19.47
C PHE B 353 27.71 -9.06 -18.31
N LYS B 354 27.50 -8.56 -17.12
CA LYS B 354 27.63 -9.37 -15.92
C LYS B 354 26.43 -10.29 -16.04
N ALA B 355 26.42 -11.43 -15.38
CA ALA B 355 25.26 -12.30 -15.47
C ALA B 355 25.02 -13.10 -14.19
N THR B 356 23.82 -13.64 -14.06
CA THR B 356 23.42 -14.43 -12.91
C THR B 356 22.21 -15.27 -13.26
N THR B 357 21.96 -16.28 -12.44
CA THR B 357 20.83 -17.18 -12.64
C THR B 357 19.81 -17.03 -11.53
N GLY B 358 19.96 -16.08 -10.64
CA GLY B 358 19.02 -15.99 -9.53
C GLY B 358 18.16 -14.73 -9.40
N LEU B 359 18.00 -13.96 -10.45
CA LEU B 359 17.20 -12.74 -10.36
C LEU B 359 15.70 -12.98 -10.26
N PHE B 360 15.21 -14.03 -10.90
CA PHE B 360 13.78 -14.30 -10.88
C PHE B 360 13.30 -15.48 -10.02
N LYS B 361 14.23 -16.26 -9.46
CA LYS B 361 13.84 -17.42 -8.65
C LYS B 361 12.81 -17.18 -7.53
N ASP B 362 13.01 -16.16 -6.70
CA ASP B 362 12.05 -15.90 -5.61
C ASP B 362 10.68 -15.53 -6.14
N PHE B 363 10.65 -14.69 -7.17
CA PHE B 363 9.39 -14.27 -7.76
C PHE B 363 8.62 -15.49 -8.25
N ILE B 364 9.30 -16.32 -9.03
CA ILE B 364 8.69 -17.53 -9.56
C ILE B 364 8.28 -18.54 -8.48
N ASP B 365 9.14 -18.75 -7.50
CA ASP B 365 8.82 -19.68 -6.40
C ASP B 365 7.60 -19.21 -5.63
N LYS B 366 7.56 -17.92 -5.31
CA LYS B 366 6.42 -17.40 -4.56
C LYS B 366 5.09 -17.54 -5.27
N TRP B 367 5.04 -17.09 -6.51
CA TRP B 367 3.79 -17.18 -7.23
C TRP B 367 3.42 -18.59 -7.64
N THR B 368 4.44 -19.43 -7.79
CA THR B 368 4.19 -20.82 -8.13
C THR B 368 3.58 -21.48 -6.91
N TYR B 369 4.10 -21.12 -5.73
CA TYR B 369 3.57 -21.67 -4.50
C TYR B 369 2.11 -21.27 -4.34
N ILE B 370 1.84 -19.98 -4.50
CA ILE B 370 0.49 -19.46 -4.37
C ILE B 370 -0.47 -20.12 -5.35
N LYS B 371 0.02 -20.46 -6.53
CA LYS B 371 -0.80 -21.10 -7.55
C LYS B 371 -1.12 -22.54 -7.15
N THR B 372 -0.08 -23.26 -6.73
CA THR B 372 -0.22 -24.66 -6.35
C THR B 372 -0.98 -24.93 -5.06
N THR B 373 -1.28 -23.89 -4.29
CA THR B 373 -1.97 -24.09 -3.02
C THR B 373 -3.31 -23.38 -2.93
N SER B 374 -3.84 -22.95 -4.06
CA SER B 374 -5.12 -22.27 -4.08
C SER B 374 -5.91 -22.67 -5.30
N GLU B 375 -7.16 -22.23 -5.35
CA GLU B 375 -8.04 -22.52 -6.46
C GLU B 375 -8.78 -21.26 -6.88
N GLY B 376 -9.55 -21.34 -7.95
CA GLY B 376 -10.32 -20.21 -8.41
C GLY B 376 -9.55 -18.94 -8.69
N ALA B 377 -10.14 -17.82 -8.30
CA ALA B 377 -9.57 -16.49 -8.53
C ALA B 377 -8.08 -16.37 -8.24
N ILE B 378 -7.69 -16.61 -7.00
CA ILE B 378 -6.29 -16.49 -6.60
C ILE B 378 -5.37 -17.30 -7.50
N LYS B 379 -5.80 -18.50 -7.88
CA LYS B 379 -4.98 -19.34 -8.74
C LYS B 379 -4.83 -18.71 -10.12
N GLN B 380 -5.95 -18.29 -10.71
CA GLN B 380 -5.94 -17.68 -12.04
C GLN B 380 -5.09 -16.42 -12.05
N LEU B 381 -5.14 -15.65 -10.97
CA LEU B 381 -4.35 -14.43 -10.89
C LEU B 381 -2.87 -14.71 -10.66
N ALA B 382 -2.56 -15.85 -10.07
CA ALA B 382 -1.16 -16.21 -9.85
C ALA B 382 -0.56 -16.60 -11.19
N LYS B 383 -1.36 -17.24 -12.03
CA LYS B 383 -0.89 -17.63 -13.36
C LYS B 383 -0.59 -16.35 -14.14
N LEU B 384 -1.55 -15.44 -14.14
CA LEU B 384 -1.40 -14.17 -14.85
C LEU B 384 -0.12 -13.45 -14.40
N MET B 385 0.20 -13.55 -13.12
CA MET B 385 1.42 -12.93 -12.57
C MET B 385 2.68 -13.58 -13.14
N LEU B 386 2.72 -14.91 -13.13
CA LEU B 386 3.87 -15.63 -13.64
C LEU B 386 4.05 -15.42 -15.13
N ASN B 387 2.94 -15.46 -15.87
CA ASN B 387 2.96 -15.37 -17.34
C ASN B 387 3.01 -13.94 -17.94
N SER B 388 2.95 -12.89 -17.13
CA SER B 388 2.93 -11.54 -17.72
C SER B 388 4.22 -10.75 -17.51
N LEU B 389 5.18 -11.30 -16.75
CA LEU B 389 6.42 -10.57 -16.49
C LEU B 389 7.30 -10.48 -17.72
N TYR B 390 7.50 -11.61 -18.38
CA TYR B 390 8.32 -11.65 -19.58
C TYR B 390 7.98 -10.52 -20.54
N GLY B 391 6.69 -10.31 -20.76
CA GLY B 391 6.24 -9.28 -21.67
C GLY B 391 6.89 -7.94 -21.47
N LYS B 392 6.90 -7.48 -20.22
CA LYS B 392 7.48 -6.19 -19.87
C LYS B 392 8.92 -5.96 -20.30
N PHE B 393 9.69 -7.03 -20.44
CA PHE B 393 11.08 -6.89 -20.85
C PHE B 393 11.26 -6.98 -22.36
N ALA B 394 10.24 -7.49 -23.04
CA ALA B 394 10.33 -7.63 -24.49
C ALA B 394 9.39 -6.73 -25.30
N SER B 395 8.45 -6.08 -24.62
CA SER B 395 7.48 -5.21 -25.29
C SER B 395 8.08 -4.35 -26.41
N ASN B 396 7.26 -4.07 -27.42
CA ASN B 396 7.67 -3.27 -28.57
C ASN B 396 7.69 -1.78 -28.22
N PRO B 397 8.85 -1.13 -28.37
CA PRO B 397 9.06 0.30 -28.10
C PRO B 397 8.14 1.27 -28.84
N ASP B 398 7.59 0.84 -29.96
CA ASP B 398 6.70 1.69 -30.73
C ASP B 398 5.41 1.91 -29.96
N VAL B 399 5.05 3.17 -29.74
CA VAL B 399 3.83 3.50 -29.00
C VAL B 399 2.97 4.46 -29.84
N THR B 400 3.24 4.48 -31.15
CA THR B 400 2.51 5.33 -32.09
C THR B 400 1.03 4.98 -32.08
N GLY B 401 0.18 5.98 -31.84
CA GLY B 401 -1.25 5.71 -31.82
C GLY B 401 -2.14 6.44 -32.82
N LYS B 402 -3.39 6.01 -32.90
CA LYS B 402 -4.37 6.61 -33.79
C LYS B 402 -5.06 7.79 -33.10
N VAL B 403 -5.24 8.88 -33.83
CA VAL B 403 -5.91 10.06 -33.28
C VAL B 403 -7.34 10.15 -33.80
N PRO B 404 -8.32 10.15 -32.90
CA PRO B 404 -9.72 10.24 -33.28
C PRO B 404 -10.11 11.60 -33.84
N TYR B 405 -11.26 11.66 -34.52
CA TYR B 405 -11.77 12.90 -35.10
C TYR B 405 -13.09 12.59 -35.79
N LEU B 406 -14.00 13.55 -35.79
CA LEU B 406 -15.31 13.37 -36.43
C LEU B 406 -15.23 13.24 -37.94
N LYS B 407 -15.32 12.03 -38.46
CA LYS B 407 -15.31 11.81 -39.90
C LYS B 407 -16.34 12.80 -40.43
N GLU B 408 -16.07 13.39 -41.57
CA GLU B 408 -16.96 14.38 -42.16
C GLU B 408 -18.45 13.96 -42.20
N ASN B 409 -18.71 12.65 -42.18
CA ASN B 409 -20.09 12.16 -42.24
C ASN B 409 -20.77 11.86 -40.90
N GLY B 410 -20.09 12.13 -39.80
CA GLY B 410 -20.70 11.89 -38.49
C GLY B 410 -20.18 10.68 -37.74
N ALA B 411 -19.33 9.88 -38.38
CA ALA B 411 -18.74 8.70 -37.77
C ALA B 411 -17.31 9.05 -37.38
N LEU B 412 -16.67 8.18 -36.58
CA LEU B 412 -15.31 8.44 -36.15
C LEU B 412 -14.28 8.03 -37.19
N GLY B 413 -13.18 8.78 -37.21
CA GLY B 413 -12.10 8.50 -38.15
C GLY B 413 -10.81 8.46 -37.37
N PHE B 414 -9.78 7.84 -37.95
CA PHE B 414 -8.49 7.74 -37.28
C PHE B 414 -7.33 8.05 -38.20
N ARG B 415 -6.45 8.95 -37.73
CA ARG B 415 -5.27 9.36 -38.47
C ARG B 415 -4.03 8.97 -37.67
N LEU B 416 -3.07 8.33 -38.31
CA LEU B 416 -1.85 7.92 -37.63
C LEU B 416 -1.25 9.15 -36.97
N GLY B 417 -1.19 9.15 -35.65
CA GLY B 417 -0.64 10.28 -34.93
C GLY B 417 0.88 10.34 -35.01
N GLU B 418 1.48 11.35 -34.41
CA GLU B 418 2.93 11.50 -34.43
C GLU B 418 3.60 10.32 -33.75
N GLU B 419 4.63 9.78 -34.41
CA GLU B 419 5.35 8.63 -33.87
C GLU B 419 5.89 8.87 -32.46
N GLU B 420 5.68 7.89 -31.59
CA GLU B 420 6.12 7.96 -30.21
C GLU B 420 6.91 6.72 -29.84
N THR B 421 7.68 6.81 -28.75
CA THR B 421 8.50 5.70 -28.27
C THR B 421 8.59 5.72 -26.75
N LYS B 422 8.57 4.53 -26.15
CA LYS B 422 8.65 4.42 -24.70
C LYS B 422 10.03 3.92 -24.26
N ASP B 423 10.55 4.50 -23.18
CA ASP B 423 11.86 4.11 -22.66
C ASP B 423 11.79 2.69 -22.10
N PRO B 424 12.74 1.83 -22.49
CA PRO B 424 12.81 0.43 -22.05
C PRO B 424 13.05 0.25 -20.56
N VAL B 425 12.77 -0.97 -20.08
CA VAL B 425 13.00 -1.34 -18.69
C VAL B 425 14.48 -1.70 -18.59
N TYR B 426 14.85 -2.76 -19.32
CA TYR B 426 16.24 -3.25 -19.38
C TYR B 426 16.33 -4.16 -20.60
N THR B 427 16.53 -3.55 -21.76
CA THR B 427 16.61 -4.23 -23.05
C THR B 427 17.40 -5.53 -23.14
N PRO B 428 18.55 -5.61 -22.46
CA PRO B 428 19.33 -6.86 -22.55
C PRO B 428 18.59 -8.09 -22.00
N MET B 429 17.67 -7.87 -21.08
CA MET B 429 16.95 -9.00 -20.51
C MET B 429 16.01 -9.59 -21.57
N GLY B 430 15.30 -8.72 -22.29
CA GLY B 430 14.39 -9.17 -23.33
C GLY B 430 15.13 -9.91 -24.42
N VAL B 431 16.33 -9.45 -24.73
CA VAL B 431 17.15 -10.08 -25.75
C VAL B 431 17.57 -11.49 -25.38
N PHE B 432 18.06 -11.68 -24.16
CA PHE B 432 18.54 -12.99 -23.74
C PHE B 432 17.50 -14.02 -23.35
N ILE B 433 16.40 -13.57 -22.74
CA ILE B 433 15.36 -14.52 -22.37
C ILE B 433 14.84 -15.16 -23.64
N THR B 434 14.53 -14.33 -24.61
CA THR B 434 14.01 -14.79 -25.90
C THR B 434 15.02 -15.70 -26.59
N ALA B 435 16.30 -15.31 -26.53
CA ALA B 435 17.37 -16.07 -27.14
C ALA B 435 17.47 -17.48 -26.53
N TRP B 436 17.37 -17.59 -25.21
CA TRP B 436 17.46 -18.90 -24.57
C TRP B 436 16.21 -19.71 -24.93
N ALA B 437 15.09 -19.02 -24.99
CA ALA B 437 13.85 -19.69 -25.35
C ALA B 437 14.01 -20.34 -26.74
N ARG B 438 14.59 -19.59 -27.69
CA ARG B 438 14.82 -20.10 -29.05
C ARG B 438 15.76 -21.28 -29.02
N TYR B 439 16.82 -21.13 -28.25
CA TYR B 439 17.83 -22.18 -28.12
C TYR B 439 17.17 -23.48 -27.69
N THR B 440 16.26 -23.39 -26.72
CA THR B 440 15.58 -24.58 -26.22
C THR B 440 14.87 -25.30 -27.34
N THR B 441 13.98 -24.57 -28.03
CA THR B 441 13.21 -25.13 -29.11
C THR B 441 14.03 -25.62 -30.31
N ILE B 442 14.94 -24.79 -30.78
CA ILE B 442 15.76 -25.15 -31.93
C ILE B 442 16.63 -26.39 -31.69
N THR B 443 17.28 -26.48 -30.53
CA THR B 443 18.13 -27.64 -30.29
C THR B 443 17.32 -28.93 -30.18
N ALA B 444 16.13 -28.86 -29.62
CA ALA B 444 15.28 -30.05 -29.51
C ALA B 444 14.76 -30.41 -30.90
N ALA B 445 14.35 -29.41 -31.67
CA ALA B 445 13.86 -29.68 -33.02
C ALA B 445 14.99 -30.28 -33.86
N GLN B 446 16.16 -29.65 -33.81
CA GLN B 446 17.31 -30.13 -34.58
C GLN B 446 17.66 -31.57 -34.22
N ALA B 447 17.58 -31.89 -32.92
CA ALA B 447 17.87 -33.23 -32.45
C ALA B 447 16.86 -34.24 -33.04
N CYS B 448 15.67 -33.75 -33.40
CA CYS B 448 14.64 -34.62 -33.99
C CYS B 448 14.48 -34.28 -35.48
N TYR B 449 15.57 -33.84 -36.11
CA TYR B 449 15.55 -33.44 -37.51
C TYR B 449 14.82 -34.38 -38.47
N ASP B 450 15.06 -35.68 -38.33
CA ASP B 450 14.42 -36.66 -39.21
C ASP B 450 12.89 -36.74 -39.06
N ARG B 451 12.35 -36.23 -37.96
CA ARG B 451 10.91 -36.27 -37.73
C ARG B 451 10.24 -34.90 -37.55
N ILE B 452 11.04 -33.83 -37.53
CA ILE B 452 10.49 -32.48 -37.33
C ILE B 452 9.58 -31.99 -38.45
N ILE B 453 8.41 -31.52 -38.06
CA ILE B 453 7.44 -31.00 -39.00
C ILE B 453 7.33 -29.48 -38.86
N TYR B 454 7.07 -29.06 -37.63
CA TYR B 454 6.80 -27.65 -37.34
C TYR B 454 7.24 -27.19 -35.95
N CYS B 455 7.67 -25.93 -35.88
CA CYS B 455 8.09 -25.31 -34.63
C CYS B 455 7.36 -24.02 -34.46
N ASP B 456 6.88 -23.76 -33.26
CA ASP B 456 6.23 -22.50 -32.98
C ASP B 456 6.49 -22.08 -31.56
N THR B 457 7.56 -21.32 -31.36
CA THR B 457 7.94 -20.77 -30.05
C THR B 457 8.32 -21.77 -28.96
N ASP B 458 7.32 -22.45 -28.40
CA ASP B 458 7.56 -23.41 -27.32
C ASP B 458 7.06 -24.81 -27.65
N SER B 459 6.83 -25.08 -28.93
CA SER B 459 6.35 -26.40 -29.31
C SER B 459 7.00 -26.94 -30.57
N ILE B 460 7.03 -28.27 -30.66
CA ILE B 460 7.56 -28.90 -31.84
C ILE B 460 6.60 -30.00 -32.23
N HIS B 461 6.32 -30.11 -33.52
CA HIS B 461 5.41 -31.12 -34.02
C HIS B 461 6.24 -32.12 -34.82
N LEU B 462 6.05 -33.40 -34.54
CA LEU B 462 6.81 -34.47 -35.19
C LEU B 462 5.92 -35.53 -35.82
N THR B 463 6.44 -36.23 -36.81
CA THR B 463 5.72 -37.34 -37.43
C THR B 463 5.95 -38.52 -36.51
N GLY B 464 5.04 -39.50 -36.53
CA GLY B 464 5.21 -40.67 -35.68
C GLY B 464 4.61 -40.44 -34.31
N THR B 465 4.44 -41.51 -33.54
CA THR B 465 3.81 -41.41 -32.23
C THR B 465 4.68 -41.81 -31.05
N GLU B 466 5.89 -42.28 -31.30
CA GLU B 466 6.75 -42.66 -30.20
C GLU B 466 7.69 -41.52 -29.85
N ILE B 467 7.92 -41.31 -28.57
CA ILE B 467 8.81 -40.25 -28.10
C ILE B 467 10.23 -40.55 -28.55
N PRO B 468 10.89 -39.58 -29.21
CA PRO B 468 12.26 -39.79 -29.67
C PRO B 468 13.17 -40.08 -28.48
N ASP B 469 14.00 -41.10 -28.60
CA ASP B 469 14.92 -41.47 -27.53
C ASP B 469 15.84 -40.31 -27.16
N VAL B 470 16.24 -39.52 -28.15
CA VAL B 470 17.16 -38.42 -27.90
C VAL B 470 16.61 -37.35 -26.95
N ILE B 471 15.30 -37.27 -26.78
CA ILE B 471 14.78 -36.25 -25.87
C ILE B 471 14.05 -36.83 -24.67
N LYS B 472 14.07 -38.16 -24.52
CA LYS B 472 13.39 -38.79 -23.39
C LYS B 472 13.78 -38.22 -22.04
N ASP B 473 15.04 -37.80 -21.89
CA ASP B 473 15.55 -37.24 -20.64
C ASP B 473 14.94 -35.90 -20.24
N ILE B 474 14.57 -35.09 -21.21
CA ILE B 474 14.02 -33.77 -20.91
C ILE B 474 12.52 -33.69 -21.10
N VAL B 475 11.86 -34.85 -21.14
CA VAL B 475 10.41 -34.89 -21.31
C VAL B 475 9.74 -35.13 -19.97
N ASP B 476 8.68 -34.38 -19.69
CA ASP B 476 7.95 -34.51 -18.44
C ASP B 476 6.66 -33.69 -18.43
N PRO B 477 5.57 -34.29 -17.98
CA PRO B 477 4.25 -33.67 -17.91
C PRO B 477 4.11 -32.34 -17.18
N LYS B 478 4.88 -32.13 -16.08
CA LYS B 478 4.70 -30.89 -15.31
C LYS B 478 5.96 -30.09 -15.00
N LYS B 479 7.12 -30.75 -14.87
CA LYS B 479 8.35 -30.05 -14.53
C LYS B 479 8.63 -28.81 -15.39
N LEU B 480 8.93 -27.71 -14.71
CA LEU B 480 9.22 -26.43 -15.35
C LEU B 480 10.38 -26.53 -16.34
N GLY B 481 10.14 -26.14 -17.58
CA GLY B 481 11.21 -26.19 -18.58
C GLY B 481 11.44 -27.52 -19.28
N TYR B 482 10.66 -28.51 -18.91
CA TYR B 482 10.77 -29.82 -19.54
C TYR B 482 9.73 -29.89 -20.64
N TRP B 483 9.98 -30.71 -21.65
CA TRP B 483 9.02 -30.83 -22.73
C TRP B 483 7.90 -31.78 -22.33
N ALA B 484 6.66 -31.31 -22.43
CA ALA B 484 5.52 -32.16 -22.11
C ALA B 484 4.93 -32.72 -23.40
N HIS B 485 4.60 -34.01 -23.39
CA HIS B 485 3.95 -34.63 -24.52
C HIS B 485 2.53 -34.09 -24.51
N GLU B 486 2.22 -33.12 -25.35
CA GLU B 486 0.90 -32.50 -25.31
C GLU B 486 -0.23 -33.23 -26.03
N SER B 487 0.07 -33.87 -27.15
CA SER B 487 -0.97 -34.55 -27.89
C SER B 487 -0.39 -35.39 -29.01
N THR B 488 -1.26 -36.24 -29.57
CA THR B 488 -0.90 -37.10 -30.70
C THR B 488 -2.08 -36.98 -31.66
N PHE B 489 -1.80 -36.90 -32.96
CA PHE B 489 -2.88 -36.77 -33.94
C PHE B 489 -2.86 -37.93 -34.94
N LYS B 490 -4.03 -38.22 -35.53
CA LYS B 490 -4.16 -39.32 -36.49
C LYS B 490 -3.78 -38.87 -37.89
N ARG B 491 -4.07 -37.61 -38.18
CA ARG B 491 -3.75 -37.03 -39.47
C ARG B 491 -3.68 -35.52 -39.31
N ALA B 492 -2.99 -34.86 -40.21
CA ALA B 492 -2.84 -33.41 -40.14
C ALA B 492 -2.44 -32.82 -41.48
N LYS B 493 -2.50 -31.49 -41.55
CA LYS B 493 -2.11 -30.77 -42.74
C LYS B 493 -1.70 -29.35 -42.36
N TYR B 494 -0.46 -29.00 -42.69
CA TYR B 494 0.09 -27.67 -42.40
C TYR B 494 0.23 -26.86 -43.70
N LEU B 495 -0.47 -25.73 -43.80
CA LEU B 495 -0.39 -24.89 -44.99
C LEU B 495 0.81 -23.94 -44.90
N ARG B 496 1.00 -23.39 -43.71
CA ARG B 496 2.10 -22.47 -43.44
C ARG B 496 2.14 -22.14 -41.96
N GLN B 497 3.04 -21.25 -41.56
CA GLN B 497 3.17 -20.89 -40.16
C GLN B 497 1.85 -20.54 -39.52
N LYS B 498 1.61 -21.11 -38.33
CA LYS B 498 0.40 -20.83 -37.59
C LYS B 498 -0.90 -21.20 -38.30
N THR B 499 -0.80 -21.94 -39.39
CA THR B 499 -2.00 -22.31 -40.15
C THR B 499 -2.04 -23.81 -40.40
N TYR B 500 -2.82 -24.54 -39.61
CA TYR B 500 -2.88 -25.99 -39.77
C TYR B 500 -4.10 -26.65 -39.12
N ILE B 501 -4.27 -27.94 -39.39
CA ILE B 501 -5.38 -28.70 -38.83
C ILE B 501 -4.89 -30.07 -38.38
N GLN B 502 -5.56 -30.64 -37.39
CA GLN B 502 -5.18 -31.94 -36.86
C GLN B 502 -6.40 -32.70 -36.35
N ASP B 503 -6.33 -34.03 -36.45
CA ASP B 503 -7.36 -34.91 -35.91
C ASP B 503 -6.72 -35.48 -34.66
N ILE B 504 -7.04 -34.89 -33.51
CA ILE B 504 -6.43 -35.28 -32.22
C ILE B 504 -7.07 -36.44 -31.47
N TYR B 505 -6.24 -37.37 -31.02
CA TYR B 505 -6.74 -38.48 -30.22
C TYR B 505 -7.13 -37.88 -28.88
N MET B 506 -8.35 -38.15 -28.45
CA MET B 506 -8.84 -37.64 -27.16
C MET B 506 -9.42 -38.81 -26.36
N LYS B 507 -9.34 -38.71 -25.04
CA LYS B 507 -9.87 -39.74 -24.17
C LYS B 507 -10.84 -39.10 -23.19
N GLU B 508 -11.99 -39.74 -22.99
CA GLU B 508 -12.98 -39.21 -22.07
C GLU B 508 -12.58 -39.58 -20.65
N VAL B 509 -12.18 -38.57 -19.88
CA VAL B 509 -11.77 -38.80 -18.50
C VAL B 509 -12.50 -37.87 -17.54
N ASP B 510 -13.14 -38.47 -16.54
CA ASP B 510 -13.89 -37.75 -15.53
C ASP B 510 -14.93 -36.80 -16.13
N GLY B 511 -15.68 -37.31 -17.09
CA GLY B 511 -16.71 -36.51 -17.73
C GLY B 511 -16.22 -35.36 -18.58
N LYS B 512 -14.97 -35.44 -19.04
CA LYS B 512 -14.41 -34.38 -19.89
C LYS B 512 -13.38 -34.95 -20.85
N LEU B 513 -13.26 -34.30 -22.01
CA LEU B 513 -12.31 -34.74 -23.02
C LEU B 513 -10.90 -34.19 -22.78
N VAL B 514 -9.92 -35.07 -22.75
CA VAL B 514 -8.55 -34.65 -22.57
C VAL B 514 -7.69 -35.39 -23.60
N GLU B 515 -6.53 -34.82 -23.93
CA GLU B 515 -5.64 -35.42 -24.90
C GLU B 515 -5.34 -36.88 -24.56
N GLY B 516 -5.43 -37.73 -25.56
CA GLY B 516 -5.17 -39.14 -25.36
C GLY B 516 -4.11 -39.62 -26.32
N SER B 517 -4.14 -40.91 -26.65
CA SER B 517 -3.15 -41.46 -27.57
C SER B 517 -3.72 -42.67 -28.31
N PRO B 518 -2.98 -43.19 -29.30
CA PRO B 518 -3.43 -44.35 -30.08
C PRO B 518 -3.80 -45.56 -29.22
N ASP B 519 -3.13 -45.73 -28.09
CA ASP B 519 -3.36 -46.85 -27.19
C ASP B 519 -4.38 -46.57 -26.10
N ASP B 520 -4.85 -45.33 -26.01
CA ASP B 520 -5.82 -44.98 -24.99
C ASP B 520 -6.59 -43.76 -25.45
N TYR B 521 -7.66 -43.98 -26.21
CA TYR B 521 -8.48 -42.88 -26.71
C TYR B 521 -9.95 -43.27 -26.85
N THR B 522 -10.78 -42.26 -26.94
CA THR B 522 -12.21 -42.44 -27.06
C THR B 522 -12.78 -41.69 -28.26
N ASP B 523 -12.10 -40.61 -28.66
CA ASP B 523 -12.56 -39.79 -29.79
C ASP B 523 -11.41 -39.29 -30.63
N ILE B 524 -11.73 -38.82 -31.82
CA ILE B 524 -10.80 -38.20 -32.74
C ILE B 524 -11.41 -36.82 -32.92
N LYS B 525 -10.78 -35.80 -32.33
CA LYS B 525 -11.28 -34.45 -32.42
C LYS B 525 -10.53 -33.56 -33.39
N PHE B 526 -11.30 -32.83 -34.21
CA PHE B 526 -10.79 -31.91 -35.23
C PHE B 526 -10.37 -30.58 -34.62
N SER B 527 -9.16 -30.15 -34.93
CA SER B 527 -8.63 -28.89 -34.41
C SER B 527 -8.10 -28.02 -35.53
N VAL B 528 -8.46 -26.75 -35.52
CA VAL B 528 -8.03 -25.83 -36.55
C VAL B 528 -7.27 -24.65 -35.97
N LYS B 529 -6.06 -24.43 -36.49
CA LYS B 529 -5.27 -23.30 -36.05
C LYS B 529 -5.07 -22.39 -37.23
N CYS B 530 -5.61 -21.18 -37.13
CA CYS B 530 -5.48 -20.18 -38.19
C CYS B 530 -5.89 -18.80 -37.65
N ALA B 531 -4.92 -17.89 -37.57
CA ALA B 531 -5.16 -16.54 -37.06
C ALA B 531 -6.30 -15.84 -37.79
N GLY B 532 -7.09 -15.08 -37.03
CA GLY B 532 -8.21 -14.37 -37.60
C GLY B 532 -9.47 -15.19 -37.76
N MET B 533 -9.31 -16.48 -37.97
CA MET B 533 -10.47 -17.35 -38.15
C MET B 533 -11.28 -17.44 -36.87
N THR B 534 -12.60 -17.50 -37.01
CA THR B 534 -13.49 -17.60 -35.86
C THR B 534 -13.96 -19.04 -35.68
N ASP B 535 -14.56 -19.30 -34.53
CA ASP B 535 -15.07 -20.63 -34.21
C ASP B 535 -16.19 -21.03 -35.15
N LYS B 536 -16.97 -20.04 -35.58
CA LYS B 536 -18.08 -20.29 -36.49
C LYS B 536 -17.55 -20.70 -37.86
N ILE B 537 -16.45 -20.09 -38.27
CA ILE B 537 -15.84 -20.40 -39.57
C ILE B 537 -15.04 -21.70 -39.50
N LYS B 538 -14.56 -22.02 -38.30
CA LYS B 538 -13.79 -23.25 -38.11
C LYS B 538 -14.65 -24.49 -38.32
N LYS B 539 -15.95 -24.37 -38.03
CA LYS B 539 -16.85 -25.49 -38.19
C LYS B 539 -17.06 -25.88 -39.66
N GLU B 540 -16.72 -24.98 -40.57
CA GLU B 540 -16.89 -25.27 -42.00
C GLU B 540 -15.62 -25.75 -42.67
N VAL B 541 -14.58 -26.04 -41.89
CA VAL B 541 -13.31 -26.50 -42.44
C VAL B 541 -13.23 -28.03 -42.51
N THR B 542 -12.64 -28.52 -43.60
CA THR B 542 -12.49 -29.95 -43.80
C THR B 542 -11.08 -30.13 -44.37
N PHE B 543 -10.59 -31.37 -44.36
CA PHE B 543 -9.28 -31.63 -44.89
C PHE B 543 -9.17 -31.29 -46.37
N GLU B 544 -10.27 -31.45 -47.11
CA GLU B 544 -10.28 -31.14 -48.54
C GLU B 544 -10.36 -29.63 -48.72
N ASN B 545 -11.14 -29.03 -47.83
CA ASN B 545 -11.42 -27.60 -47.78
C ASN B 545 -10.24 -26.71 -47.36
N PHE B 546 -9.49 -27.14 -46.35
CA PHE B 546 -8.36 -26.37 -45.83
C PHE B 546 -7.23 -26.15 -46.81
N LYS B 547 -7.11 -24.93 -47.30
CA LYS B 547 -6.05 -24.60 -48.26
C LYS B 547 -6.06 -23.11 -48.57
N VAL B 548 -4.93 -22.62 -49.08
CA VAL B 548 -4.80 -21.21 -49.43
C VAL B 548 -5.92 -20.91 -50.43
N GLY B 549 -6.65 -19.82 -50.18
CA GLY B 549 -7.74 -19.46 -51.06
C GLY B 549 -9.08 -19.66 -50.37
N PHE B 550 -9.09 -20.51 -49.34
CA PHE B 550 -10.32 -20.75 -48.58
C PHE B 550 -10.86 -19.39 -48.18
N SER B 551 -12.13 -19.15 -48.48
CA SER B 551 -12.75 -17.89 -48.14
C SER B 551 -14.18 -18.11 -47.66
N ARG B 552 -14.67 -17.17 -46.85
CA ARG B 552 -16.02 -17.25 -46.32
C ARG B 552 -16.36 -15.90 -45.71
N LYS B 553 -17.44 -15.29 -46.21
CA LYS B 553 -17.89 -13.98 -45.72
C LYS B 553 -18.65 -14.18 -44.42
N MET B 554 -17.93 -14.17 -43.30
CA MET B 554 -18.56 -14.38 -42.00
C MET B 554 -17.92 -13.62 -40.84
N LYS B 555 -16.59 -13.49 -40.86
CA LYS B 555 -15.90 -12.81 -39.77
C LYS B 555 -16.46 -11.43 -39.48
N PRO B 556 -17.17 -11.26 -38.36
CA PRO B 556 -17.75 -9.97 -37.98
C PRO B 556 -16.65 -8.95 -37.69
N LYS B 557 -16.67 -7.84 -38.40
CA LYS B 557 -15.69 -6.79 -38.22
C LYS B 557 -16.35 -5.52 -37.69
N PRO B 558 -15.66 -4.78 -36.82
CA PRO B 558 -16.20 -3.54 -36.25
C PRO B 558 -16.12 -2.42 -37.29
N VAL B 559 -17.22 -1.70 -37.47
CA VAL B 559 -17.24 -0.61 -38.43
C VAL B 559 -17.72 0.69 -37.80
N GLN B 560 -16.98 1.78 -38.04
CA GLN B 560 -17.35 3.08 -37.50
C GLN B 560 -18.59 3.60 -38.24
N VAL B 561 -19.61 3.90 -37.46
CA VAL B 561 -20.89 4.40 -37.94
C VAL B 561 -21.26 5.67 -37.18
N PRO B 562 -22.09 6.54 -37.78
CA PRO B 562 -22.47 7.77 -37.06
C PRO B 562 -23.03 7.44 -35.67
N GLY B 563 -22.32 7.86 -34.64
CA GLY B 563 -22.76 7.60 -33.28
C GLY B 563 -21.89 6.62 -32.53
N GLY B 564 -21.61 5.47 -33.15
CA GLY B 564 -20.78 4.46 -32.50
C GLY B 564 -20.17 3.42 -33.43
N VAL B 565 -20.26 2.15 -33.05
CA VAL B 565 -19.72 1.05 -33.83
C VAL B 565 -20.68 -0.14 -33.87
N VAL B 566 -20.80 -0.74 -35.05
CA VAL B 566 -21.66 -1.90 -35.25
C VAL B 566 -20.82 -2.99 -35.90
N LEU B 567 -21.28 -4.23 -35.81
CA LEU B 567 -20.56 -5.36 -36.40
C LEU B 567 -21.18 -5.76 -37.73
N VAL B 568 -20.35 -5.82 -38.76
CA VAL B 568 -20.79 -6.19 -40.09
C VAL B 568 -19.97 -7.37 -40.59
N ASP B 569 -20.61 -8.32 -41.26
CA ASP B 569 -19.94 -9.51 -41.77
C ASP B 569 -19.06 -9.23 -42.99
N ASP B 570 -17.76 -9.47 -42.83
CA ASP B 570 -16.80 -9.27 -43.91
C ASP B 570 -16.35 -10.62 -44.42
N THR B 571 -15.33 -10.59 -45.27
CA THR B 571 -14.81 -11.81 -45.85
C THR B 571 -13.46 -12.20 -45.27
N PHE B 572 -13.38 -13.44 -44.78
CA PHE B 572 -12.15 -13.97 -44.23
C PHE B 572 -11.53 -14.86 -45.29
N THR B 573 -10.25 -14.67 -45.57
CA THR B 573 -9.59 -15.49 -46.56
C THR B 573 -8.26 -15.98 -46.05
N ILE B 574 -7.94 -17.23 -46.34
CA ILE B 574 -6.66 -17.78 -45.94
C ILE B 574 -5.68 -17.32 -47.01
N LYS B 575 -4.90 -16.30 -46.68
CA LYS B 575 -3.94 -15.73 -47.61
C LYS B 575 -2.51 -16.09 -47.25
N PRO C 5 -9.72 8.44 3.45
CA PRO C 5 -8.35 8.94 3.28
C PRO C 5 -8.00 9.93 4.40
N ARG C 6 -8.11 9.45 5.64
CA ARG C 6 -7.83 10.29 6.79
C ARG C 6 -6.44 10.93 6.75
N LYS C 7 -6.38 12.23 7.04
CA LYS C 7 -5.12 12.94 7.06
C LYS C 7 -4.30 12.52 8.25
N MET C 8 -3.01 12.86 8.24
CA MET C 8 -2.12 12.51 9.33
C MET C 8 -1.28 13.71 9.75
N TYR C 9 -1.25 13.99 11.05
CA TYR C 9 -0.48 15.11 11.55
C TYR C 9 0.49 14.74 12.68
N SER C 10 1.62 15.44 12.69
CA SER C 10 2.66 15.28 13.69
C SER C 10 2.50 16.51 14.58
N CYS C 11 2.35 16.29 15.88
CA CYS C 11 2.15 17.40 16.82
C CYS C 11 3.06 17.37 18.04
N ALA C 12 3.12 18.50 18.74
CA ALA C 12 3.93 18.65 19.94
C ALA C 12 3.41 19.77 20.84
N PHE C 13 3.71 19.68 22.13
CA PHE C 13 3.30 20.68 23.11
C PHE C 13 4.52 21.11 23.93
N GLU C 14 4.53 22.37 24.33
CA GLU C 14 5.56 22.90 25.20
C GLU C 14 4.80 23.30 26.43
N THR C 15 5.16 22.78 27.59
CA THR C 15 4.40 23.12 28.80
C THR C 15 5.21 23.76 29.92
N THR C 16 4.48 24.32 30.88
CA THR C 16 5.08 24.98 32.04
C THR C 16 5.49 23.97 33.10
N THR C 17 6.47 24.34 33.92
CA THR C 17 6.98 23.46 34.95
C THR C 17 6.45 23.74 36.37
N LYS C 18 5.51 24.66 36.49
CA LYS C 18 4.91 25.02 37.78
C LYS C 18 3.87 24.01 38.25
N VAL C 19 4.02 23.52 39.47
CA VAL C 19 3.08 22.56 40.03
C VAL C 19 1.69 23.18 40.15
N GLU C 20 1.66 24.47 40.47
CA GLU C 20 0.39 25.19 40.62
C GLU C 20 -0.11 25.62 39.24
N ASP C 21 0.74 26.33 38.52
CA ASP C 21 0.41 26.79 37.18
C ASP C 21 0.95 25.80 36.16
N CYS C 22 0.12 24.85 35.75
CA CYS C 22 0.53 23.84 34.78
C CYS C 22 -0.33 23.99 33.53
N ARG C 23 0.31 24.29 32.40
CA ARG C 23 -0.44 24.46 31.16
C ARG C 23 0.41 24.44 29.90
N VAL C 24 -0.26 24.36 28.76
CA VAL C 24 0.38 24.35 27.46
C VAL C 24 0.66 25.80 27.05
N TRP C 25 1.93 26.15 26.83
CA TRP C 25 2.25 27.50 26.40
C TRP C 25 2.65 27.55 24.91
N ALA C 26 2.59 26.40 24.24
CA ALA C 26 2.93 26.34 22.82
C ALA C 26 2.47 25.05 22.18
N TYR C 27 1.94 25.14 20.97
CA TYR C 27 1.50 23.96 20.25
C TYR C 27 1.98 24.03 18.82
N GLY C 28 1.99 22.89 18.14
CA GLY C 28 2.42 22.84 16.76
C GLY C 28 1.92 21.57 16.11
N TYR C 29 1.60 21.66 14.83
CA TYR C 29 1.12 20.51 14.09
C TYR C 29 1.59 20.66 12.65
N MET C 30 1.74 19.54 11.97
CA MET C 30 2.20 19.56 10.59
C MET C 30 1.65 18.35 9.88
N ASN C 31 1.26 18.53 8.63
CA ASN C 31 0.71 17.44 7.86
C ASN C 31 1.86 16.53 7.44
N ILE C 32 1.76 15.26 7.82
CA ILE C 32 2.78 14.29 7.50
C ILE C 32 3.07 14.21 6.00
N GLU C 33 2.03 14.28 5.19
CA GLU C 33 2.19 14.19 3.73
C GLU C 33 2.44 15.52 3.03
N ASP C 34 2.39 16.62 3.77
CA ASP C 34 2.61 17.95 3.18
C ASP C 34 3.09 18.95 4.22
N HIS C 35 4.41 18.98 4.42
CA HIS C 35 5.03 19.86 5.40
C HIS C 35 4.75 21.34 5.22
N SER C 36 4.07 21.71 4.15
CA SER C 36 3.75 23.12 3.92
C SER C 36 2.57 23.51 4.82
N GLU C 37 1.65 22.56 5.02
CA GLU C 37 0.49 22.79 5.87
C GLU C 37 0.86 22.54 7.32
N TYR C 38 1.20 23.61 8.04
CA TYR C 38 1.56 23.48 9.44
C TYR C 38 1.11 24.71 10.21
N LYS C 39 1.19 24.66 11.54
CA LYS C 39 0.76 25.77 12.38
C LYS C 39 1.32 25.65 13.79
N ILE C 40 1.76 26.80 14.31
CA ILE C 40 2.32 26.88 15.65
C ILE C 40 1.62 28.04 16.35
N GLY C 41 1.14 27.80 17.56
CA GLY C 41 0.46 28.85 18.31
C GLY C 41 0.78 28.77 19.79
N ASN C 42 0.20 29.67 20.58
CA ASN C 42 0.47 29.70 22.01
C ASN C 42 -0.78 29.44 22.86
N SER C 43 -1.80 28.84 22.27
CA SER C 43 -3.04 28.58 23.02
C SER C 43 -3.56 27.16 22.85
N LEU C 44 -3.81 26.49 23.97
CA LEU C 44 -4.34 25.13 23.92
C LEU C 44 -5.74 25.14 23.35
N ASP C 45 -6.49 26.20 23.64
CA ASP C 45 -7.85 26.30 23.14
C ASP C 45 -7.87 26.44 21.62
N GLU C 46 -6.97 27.25 21.10
CA GLU C 46 -6.90 27.43 19.66
C GLU C 46 -6.59 26.08 19.01
N PHE C 47 -5.72 25.30 19.66
CA PHE C 47 -5.33 23.98 19.15
C PHE C 47 -6.47 22.96 19.26
N MET C 48 -7.09 22.90 20.44
CA MET C 48 -8.19 21.99 20.69
C MET C 48 -9.34 22.24 19.74
N ALA C 49 -9.52 23.50 19.36
CA ALA C 49 -10.58 23.87 18.43
C ALA C 49 -10.28 23.24 17.08
N TRP C 50 -9.01 23.28 16.69
CA TRP C 50 -8.56 22.70 15.43
C TRP C 50 -8.81 21.18 15.47
N VAL C 51 -8.44 20.57 16.58
CA VAL C 51 -8.60 19.13 16.77
C VAL C 51 -10.00 18.64 16.45
N LEU C 52 -11.00 19.35 16.94
CA LEU C 52 -12.39 18.96 16.73
C LEU C 52 -12.86 19.10 15.28
N LYS C 53 -12.21 19.98 14.52
CA LYS C 53 -12.64 20.22 13.14
C LYS C 53 -11.91 19.37 12.09
N VAL C 54 -10.60 19.16 12.27
CA VAL C 54 -9.77 18.46 11.30
C VAL C 54 -10.21 17.06 10.86
N GLN C 55 -10.65 16.23 11.80
CA GLN C 55 -11.05 14.87 11.46
C GLN C 55 -9.89 14.13 10.81
N ALA C 56 -8.82 13.92 11.59
CA ALA C 56 -7.64 13.22 11.09
C ALA C 56 -6.99 12.43 12.22
N ASP C 57 -5.84 11.82 11.91
CA ASP C 57 -5.11 11.05 12.90
C ASP C 57 -3.92 11.89 13.35
N LEU C 58 -3.84 12.15 14.66
CA LEU C 58 -2.77 12.96 15.19
C LEU C 58 -1.70 12.11 15.88
N TYR C 59 -0.45 12.55 15.80
CA TYR C 59 0.66 11.85 16.41
C TYR C 59 1.48 12.75 17.30
N PHE C 60 1.68 12.31 18.54
CA PHE C 60 2.51 13.03 19.51
C PHE C 60 3.64 12.04 19.81
N HIS C 61 4.85 12.54 20.03
CA HIS C 61 5.93 11.61 20.26
C HIS C 61 5.98 10.97 21.64
N ASN C 62 5.18 11.49 22.57
CA ASN C 62 5.11 10.91 23.90
C ASN C 62 3.73 11.21 24.47
N LEU C 63 2.72 10.62 23.84
CA LEU C 63 1.31 10.81 24.21
C LEU C 63 1.05 10.84 25.70
N LYS C 64 1.61 9.88 26.44
CA LYS C 64 1.41 9.83 27.87
C LYS C 64 1.53 11.20 28.52
N PHE C 65 2.40 12.05 27.98
CA PHE C 65 2.62 13.39 28.53
C PHE C 65 1.60 14.38 27.98
N ALA C 66 1.55 14.49 26.66
CA ALA C 66 0.63 15.40 25.99
C ALA C 66 -0.83 15.02 26.19
N GLY C 67 -1.09 13.73 26.37
CA GLY C 67 -2.47 13.28 26.57
C GLY C 67 -3.05 13.74 27.89
N ALA C 68 -2.17 14.01 28.86
CA ALA C 68 -2.62 14.46 30.16
C ALA C 68 -3.21 15.86 30.05
N PHE C 69 -2.62 16.68 29.20
CA PHE C 69 -3.12 18.05 29.03
C PHE C 69 -4.40 18.05 28.21
N ILE C 70 -4.45 17.15 27.23
CA ILE C 70 -5.62 17.02 26.37
C ILE C 70 -6.86 16.55 27.14
N ILE C 71 -6.71 15.51 27.94
CA ILE C 71 -7.83 15.01 28.72
C ILE C 71 -8.33 16.11 29.66
N ASN C 72 -7.41 16.76 30.36
CA ASN C 72 -7.76 17.85 31.27
C ASN C 72 -8.64 18.88 30.56
N TRP C 73 -8.36 19.13 29.28
CA TRP C 73 -9.12 20.09 28.51
C TRP C 73 -10.48 19.54 28.12
N LEU C 74 -10.50 18.30 27.66
CA LEU C 74 -11.75 17.67 27.25
C LEU C 74 -12.77 17.62 28.38
N GLU C 75 -12.35 17.09 29.53
CA GLU C 75 -13.22 16.99 30.69
C GLU C 75 -13.84 18.31 31.11
N ARG C 76 -13.21 19.41 30.71
CA ARG C 76 -13.69 20.74 31.06
C ARG C 76 -14.27 21.47 29.86
N ASN C 77 -14.66 20.71 28.84
CA ASN C 77 -15.22 21.33 27.64
C ASN C 77 -16.32 20.51 27.00
N GLY C 78 -17.12 19.84 27.82
CA GLY C 78 -18.23 19.05 27.31
C GLY C 78 -17.92 17.64 26.88
N PHE C 79 -16.99 17.00 27.58
CA PHE C 79 -16.61 15.62 27.26
C PHE C 79 -16.40 14.82 28.54
N LYS C 80 -16.41 13.50 28.40
CA LYS C 80 -16.18 12.60 29.51
C LYS C 80 -15.96 11.19 28.95
N TRP C 81 -15.05 10.45 29.57
CA TRP C 81 -14.72 9.10 29.10
C TRP C 81 -15.96 8.25 28.83
N SER C 82 -15.92 7.52 27.72
CA SER C 82 -17.03 6.64 27.32
C SER C 82 -16.57 5.58 26.34
N ALA C 83 -16.69 4.32 26.75
CA ALA C 83 -16.28 3.20 25.92
C ALA C 83 -16.80 3.30 24.48
N ASP C 84 -18.12 3.13 24.32
CA ASP C 84 -18.71 3.21 22.99
C ASP C 84 -18.95 4.65 22.55
N GLY C 85 -18.51 4.96 21.34
CA GLY C 85 -18.65 6.30 20.80
C GLY C 85 -19.99 6.99 20.94
N LEU C 86 -20.01 8.03 21.77
CA LEU C 86 -21.21 8.82 22.00
C LEU C 86 -20.79 10.28 21.83
N PRO C 87 -21.42 11.00 20.88
CA PRO C 87 -21.10 12.40 20.64
C PRO C 87 -20.67 13.15 21.89
N ASN C 88 -19.62 13.95 21.76
CA ASN C 88 -19.08 14.72 22.88
C ASN C 88 -18.58 13.83 24.01
N THR C 89 -17.80 12.83 23.63
CA THR C 89 -17.21 11.89 24.57
C THR C 89 -15.94 11.35 23.93
N TYR C 90 -15.09 10.70 24.70
CA TYR C 90 -13.85 10.17 24.16
C TYR C 90 -13.50 8.81 24.73
N ASN C 91 -12.82 8.00 23.94
CA ASN C 91 -12.40 6.67 24.37
C ASN C 91 -10.88 6.64 24.44
N THR C 92 -10.33 5.72 25.23
CA THR C 92 -8.88 5.63 25.36
C THR C 92 -8.35 4.21 25.46
N ILE C 93 -7.03 4.11 25.39
CA ILE C 93 -6.31 2.85 25.49
C ILE C 93 -5.09 3.17 26.32
N ILE C 94 -5.08 2.70 27.57
CA ILE C 94 -3.97 2.95 28.48
C ILE C 94 -3.76 1.70 29.34
N SER C 95 -2.74 0.92 29.00
CA SER C 95 -2.45 -0.31 29.73
C SER C 95 -2.30 -0.06 31.22
N ARG C 96 -2.48 -1.10 32.02
CA ARG C 96 -2.37 -0.99 33.46
C ARG C 96 -0.96 -0.53 33.85
N MET C 97 -0.01 -0.74 32.94
CA MET C 97 1.37 -0.35 33.17
C MET C 97 1.53 1.16 33.10
N GLY C 98 0.58 1.81 32.43
CA GLY C 98 0.63 3.26 32.29
C GLY C 98 1.07 3.69 30.90
N GLN C 99 0.93 2.79 29.94
CA GLN C 99 1.31 3.08 28.56
C GLN C 99 0.11 3.49 27.71
N TRP C 100 0.14 4.72 27.21
CA TRP C 100 -0.93 5.27 26.39
C TRP C 100 -0.74 4.89 24.92
N TYR C 101 -1.84 4.46 24.28
CA TYR C 101 -1.78 4.06 22.89
C TYR C 101 -2.72 4.85 22.00
N MET C 102 -3.83 5.33 22.57
CA MET C 102 -4.80 6.05 21.77
C MET C 102 -5.80 6.89 22.56
N ILE C 103 -6.16 8.03 21.99
CA ILE C 103 -7.16 8.93 22.56
C ILE C 103 -8.12 9.19 21.41
N ASP C 104 -9.28 8.53 21.45
CA ASP C 104 -10.28 8.69 20.40
C ASP C 104 -11.40 9.62 20.84
N ILE C 105 -11.52 10.74 20.13
CA ILE C 105 -12.54 11.74 20.44
C ILE C 105 -13.65 11.78 19.40
N CYS C 106 -14.87 11.46 19.83
CA CYS C 106 -16.02 11.46 18.94
C CYS C 106 -16.86 12.70 19.13
N LEU C 107 -17.20 13.36 18.02
CA LEU C 107 -18.03 14.56 18.07
C LEU C 107 -19.45 14.20 17.67
N GLY C 108 -19.60 13.10 16.96
CA GLY C 108 -20.91 12.67 16.52
C GLY C 108 -20.87 11.88 15.22
N TYR C 109 -22.04 11.65 14.64
CA TYR C 109 -22.16 10.91 13.39
C TYR C 109 -22.99 11.71 12.37
N LYS C 110 -22.75 11.44 11.09
CA LYS C 110 -23.45 12.11 9.99
C LYS C 110 -23.73 11.05 8.94
N GLY C 111 -24.79 10.27 9.12
CA GLY C 111 -25.11 9.23 8.16
C GLY C 111 -24.27 7.99 8.39
N LYS C 112 -24.27 7.50 9.63
CA LYS C 112 -23.53 6.29 10.00
C LYS C 112 -22.01 6.47 10.08
N ARG C 113 -21.50 7.56 9.52
CA ARG C 113 -20.06 7.82 9.56
C ARG C 113 -19.68 8.60 10.81
N LYS C 114 -18.56 8.23 11.44
CA LYS C 114 -18.11 8.90 12.65
C LYS C 114 -17.24 10.13 12.38
N ILE C 115 -17.68 11.27 12.88
CA ILE C 115 -16.93 12.52 12.70
C ILE C 115 -15.93 12.57 13.86
N HIS C 116 -14.94 11.69 13.87
CA HIS C 116 -14.01 11.72 14.99
C HIS C 116 -12.61 12.22 14.69
N THR C 117 -11.79 12.17 15.75
CA THR C 117 -10.41 12.61 15.71
C THR C 117 -9.62 11.64 16.58
N VAL C 118 -8.58 11.03 16.01
CA VAL C 118 -7.77 10.09 16.77
C VAL C 118 -6.37 10.61 17.02
N ILE C 119 -5.89 10.38 18.24
CA ILE C 119 -4.56 10.81 18.65
C ILE C 119 -3.75 9.57 19.06
N TYR C 120 -2.70 9.29 18.29
CA TYR C 120 -1.83 8.14 18.56
C TYR C 120 -0.50 8.58 19.13
N ASP C 121 0.33 7.61 19.51
CA ASP C 121 1.65 7.88 20.07
C ASP C 121 2.72 7.42 19.08
N SER C 122 3.41 8.36 18.44
CA SER C 122 4.44 8.01 17.48
C SER C 122 5.60 7.21 18.09
N LEU C 123 5.77 7.35 19.41
CA LEU C 123 6.83 6.64 20.12
C LEU C 123 6.62 5.13 19.98
N LYS C 124 5.37 4.72 19.76
CA LYS C 124 5.05 3.30 19.59
C LYS C 124 5.47 2.78 18.22
N LYS C 125 5.65 3.68 17.27
CA LYS C 125 6.06 3.29 15.91
C LYS C 125 7.55 3.55 15.71
N LEU C 126 8.09 4.51 16.46
CA LEU C 126 9.51 4.85 16.41
C LEU C 126 9.95 5.04 17.86
N PRO C 127 10.33 3.94 18.53
CA PRO C 127 10.77 3.87 19.93
C PRO C 127 12.08 4.53 20.29
N PHE C 128 12.26 5.80 19.93
CA PHE C 128 13.50 6.48 20.26
C PHE C 128 13.23 7.97 20.46
N PRO C 129 14.16 8.67 21.13
CA PRO C 129 14.00 10.11 21.36
C PRO C 129 14.05 10.81 20.00
N VAL C 130 13.37 11.95 19.89
CA VAL C 130 13.36 12.71 18.65
C VAL C 130 14.79 12.92 18.13
N LYS C 131 15.67 13.36 19.02
CA LYS C 131 17.07 13.62 18.65
C LYS C 131 17.78 12.43 18.03
N LYS C 132 17.55 11.24 18.58
CA LYS C 132 18.19 10.04 18.06
C LYS C 132 17.62 9.66 16.70
N ILE C 133 16.29 9.79 16.56
CA ILE C 133 15.66 9.46 15.30
C ILE C 133 16.29 10.31 14.20
N ALA C 134 16.47 11.58 14.51
CA ALA C 134 17.05 12.54 13.59
C ALA C 134 18.43 12.10 13.09
N LYS C 135 19.34 11.84 14.02
CA LYS C 135 20.70 11.43 13.66
C LYS C 135 20.74 10.14 12.86
N ASP C 136 20.07 9.11 13.35
CA ASP C 136 20.06 7.82 12.67
C ASP C 136 19.33 7.84 11.33
N PHE C 137 18.30 8.67 11.19
CA PHE C 137 17.56 8.75 9.93
C PHE C 137 18.18 9.82 9.04
N LYS C 138 19.16 10.53 9.56
CA LYS C 138 19.85 11.59 8.81
C LYS C 138 18.91 12.71 8.41
N LEU C 139 18.07 13.10 9.35
CA LEU C 139 17.12 14.18 9.15
C LEU C 139 17.71 15.42 9.81
N THR C 140 17.43 16.58 9.25
CA THR C 140 17.95 17.84 9.78
C THR C 140 17.44 18.06 11.20
N VAL C 141 18.37 18.36 12.11
CA VAL C 141 18.01 18.61 13.51
C VAL C 141 18.83 19.76 14.07
N LEU C 142 18.15 20.71 14.70
CA LEU C 142 18.82 21.88 15.27
C LEU C 142 19.50 21.52 16.58
N LYS C 143 20.68 22.08 16.80
CA LYS C 143 21.42 21.83 18.01
C LYS C 143 21.00 22.84 19.08
N GLY C 144 20.95 22.39 20.33
CA GLY C 144 20.52 23.26 21.41
C GLY C 144 19.10 22.89 21.79
N ASP C 145 18.52 23.62 22.74
CA ASP C 145 17.17 23.32 23.18
C ASP C 145 16.50 24.55 23.74
N ILE C 146 15.19 24.47 23.91
CA ILE C 146 14.42 25.59 24.46
C ILE C 146 14.80 25.76 25.92
N ASP C 147 14.76 26.99 26.41
CA ASP C 147 15.09 27.27 27.81
C ASP C 147 13.84 27.06 28.65
N TYR C 148 13.71 25.88 29.25
CA TYR C 148 12.55 25.57 30.07
C TYR C 148 12.55 26.29 31.42
N HIS C 149 13.65 26.95 31.75
CA HIS C 149 13.78 27.69 33.00
C HIS C 149 13.27 29.11 32.78
N LYS C 150 12.34 29.28 31.85
CA LYS C 150 11.81 30.60 31.54
C LYS C 150 10.39 30.81 32.05
N GLU C 151 10.13 32.00 32.56
CA GLU C 151 8.82 32.36 33.09
C GLU C 151 7.93 32.78 31.92
N ARG C 152 6.92 31.98 31.63
CA ARG C 152 6.01 32.27 30.52
C ARG C 152 4.55 32.40 30.99
N PRO C 153 4.11 33.63 31.26
CA PRO C 153 2.73 33.88 31.71
C PRO C 153 1.75 33.50 30.62
N VAL C 154 0.45 33.55 30.92
CA VAL C 154 -0.54 33.21 29.92
C VAL C 154 -0.44 34.23 28.79
N GLY C 155 -0.67 33.78 27.56
CA GLY C 155 -0.59 34.69 26.43
C GLY C 155 0.83 34.93 25.98
N TYR C 156 1.79 34.39 26.73
CA TYR C 156 3.20 34.53 26.40
C TYR C 156 3.42 34.26 24.92
N LYS C 157 4.22 35.10 24.26
CA LYS C 157 4.46 34.92 22.85
C LYS C 157 5.79 34.25 22.51
N ILE C 158 5.68 33.21 21.71
CA ILE C 158 6.78 32.38 21.25
C ILE C 158 7.87 33.13 20.49
N THR C 159 9.11 33.01 20.98
CA THR C 159 10.25 33.66 20.33
C THR C 159 10.58 32.92 19.02
N PRO C 160 11.25 33.60 18.08
CA PRO C 160 11.63 33.00 16.80
C PRO C 160 12.43 31.71 16.98
N GLU C 161 13.32 31.70 17.96
CA GLU C 161 14.13 30.52 18.24
C GLU C 161 13.25 29.35 18.71
N GLU C 162 12.32 29.62 19.61
CA GLU C 162 11.43 28.58 20.11
C GLU C 162 10.57 28.05 18.97
N TYR C 163 10.23 28.94 18.06
CA TYR C 163 9.43 28.59 16.90
C TYR C 163 10.18 27.57 16.04
N ALA C 164 11.45 27.86 15.76
CA ALA C 164 12.27 27.00 14.95
C ALA C 164 12.41 25.63 15.61
N TYR C 165 12.61 25.62 16.93
CA TYR C 165 12.74 24.37 17.69
C TYR C 165 11.48 23.55 17.60
N ILE C 166 10.33 24.18 17.84
CA ILE C 166 9.08 23.45 17.79
C ILE C 166 8.80 22.90 16.39
N LYS C 167 9.06 23.69 15.35
CA LYS C 167 8.79 23.22 14.00
C LYS C 167 9.74 22.09 13.63
N ASN C 168 10.99 22.22 14.06
CA ASN C 168 11.97 21.19 13.76
C ASN C 168 11.51 19.87 14.38
N ASP C 169 11.08 19.92 15.64
CA ASP C 169 10.61 18.72 16.33
C ASP C 169 9.50 17.99 15.59
N ILE C 170 8.45 18.70 15.19
CA ILE C 170 7.34 18.06 14.50
C ILE C 170 7.69 17.64 13.08
N GLN C 171 8.61 18.35 12.43
CA GLN C 171 8.98 18.00 11.08
C GLN C 171 9.82 16.72 11.09
N ILE C 172 10.73 16.61 12.06
CA ILE C 172 11.56 15.42 12.20
C ILE C 172 10.67 14.20 12.30
N ILE C 173 9.66 14.26 13.17
CA ILE C 173 8.74 13.14 13.34
C ILE C 173 7.88 12.92 12.09
N ALA C 174 7.49 14.02 11.43
CA ALA C 174 6.67 13.93 10.22
C ALA C 174 7.41 13.17 9.12
N GLU C 175 8.69 13.50 8.92
CA GLU C 175 9.49 12.85 7.88
C GLU C 175 9.72 11.38 8.17
N ALA C 176 9.99 11.06 9.43
CA ALA C 176 10.25 9.69 9.82
C ALA C 176 9.02 8.83 9.63
N LEU C 177 7.87 9.35 10.05
CA LEU C 177 6.61 8.62 9.92
C LEU C 177 6.25 8.43 8.45
N LEU C 178 6.44 9.47 7.65
CA LEU C 178 6.12 9.39 6.24
C LEU C 178 6.87 8.23 5.58
N ILE C 179 8.17 8.14 5.86
CA ILE C 179 8.97 7.06 5.29
C ILE C 179 8.41 5.70 5.68
N GLN C 180 7.77 5.63 6.84
CA GLN C 180 7.19 4.37 7.30
C GLN C 180 5.87 4.08 6.60
N PHE C 181 4.95 5.05 6.61
CA PHE C 181 3.66 4.88 5.98
C PHE C 181 3.82 4.58 4.50
N LYS C 182 4.93 5.06 3.94
CA LYS C 182 5.23 4.85 2.54
C LYS C 182 5.59 3.41 2.22
N GLN C 183 5.29 2.48 3.12
CA GLN C 183 5.63 1.08 2.88
C GLN C 183 4.66 0.11 3.52
N GLY C 184 3.40 0.52 3.63
CA GLY C 184 2.41 -0.35 4.22
C GLY C 184 2.53 -0.46 5.73
N LEU C 185 3.54 0.20 6.29
CA LEU C 185 3.73 0.18 7.74
C LEU C 185 2.67 1.09 8.33
N ASP C 186 1.41 0.73 8.12
CA ASP C 186 0.26 1.50 8.59
C ASP C 186 -0.02 1.28 10.07
N ARG C 187 0.30 0.10 10.56
CA ARG C 187 0.08 -0.28 11.94
C ARG C 187 0.40 0.74 13.03
N MET C 188 -0.19 0.50 14.20
CA MET C 188 -0.04 1.37 15.37
C MET C 188 1.27 1.16 16.15
N THR C 189 1.84 -0.04 16.04
CA THR C 189 3.10 -0.33 16.75
C THR C 189 4.16 -0.91 15.82
N ALA C 190 5.42 -0.86 16.24
CA ALA C 190 6.50 -1.41 15.44
C ALA C 190 6.27 -2.91 15.25
N GLY C 191 6.00 -3.60 16.36
CA GLY C 191 5.76 -5.03 16.31
C GLY C 191 4.69 -5.37 15.29
N SER C 192 3.64 -4.56 15.25
CA SER C 192 2.54 -4.81 14.32
C SER C 192 3.00 -4.63 12.88
N ASP C 193 3.92 -3.69 12.63
CA ASP C 193 4.42 -3.48 11.28
C ASP C 193 5.21 -4.74 10.88
N SER C 194 6.05 -5.21 11.80
CA SER C 194 6.86 -6.39 11.57
C SER C 194 5.99 -7.59 11.24
N LEU C 195 4.94 -7.78 12.03
CA LEU C 195 4.05 -8.91 11.82
C LEU C 195 3.35 -8.79 10.49
N LYS C 196 3.01 -7.57 10.10
CA LYS C 196 2.35 -7.36 8.83
C LYS C 196 3.33 -7.75 7.73
N GLY C 197 4.55 -7.22 7.82
CA GLY C 197 5.56 -7.54 6.83
C GLY C 197 5.78 -9.04 6.78
N PHE C 198 5.70 -9.70 7.93
CA PHE C 198 5.91 -11.14 7.96
C PHE C 198 4.78 -11.86 7.23
N LYS C 199 3.55 -11.41 7.45
CA LYS C 199 2.40 -12.02 6.79
C LYS C 199 2.53 -11.86 5.26
N ASP C 200 2.85 -10.65 4.82
CA ASP C 200 3.00 -10.39 3.41
C ASP C 200 3.97 -11.35 2.74
N ILE C 201 4.97 -11.81 3.48
CA ILE C 201 5.95 -12.73 2.92
C ILE C 201 5.55 -14.19 2.86
N ILE C 202 5.13 -14.77 3.99
CA ILE C 202 4.75 -16.19 3.99
C ILE C 202 3.30 -16.42 3.58
N THR C 203 2.55 -15.34 3.42
CA THR C 203 1.14 -15.42 3.03
C THR C 203 0.21 -15.51 4.22
N THR C 204 -0.91 -14.79 4.16
CA THR C 204 -1.90 -14.78 5.23
C THR C 204 -2.49 -16.17 5.47
N LYS C 205 -2.67 -16.94 4.40
CA LYS C 205 -3.23 -18.28 4.52
C LYS C 205 -2.28 -19.25 5.20
N LYS C 206 -0.98 -19.14 4.92
CA LYS C 206 -0.04 -20.06 5.55
C LYS C 206 0.03 -19.67 7.01
N PHE C 207 0.07 -18.37 7.25
CA PHE C 207 0.13 -17.82 8.58
C PHE C 207 -0.98 -18.42 9.46
N LYS C 208 -2.21 -18.40 8.97
CA LYS C 208 -3.32 -18.95 9.75
C LYS C 208 -3.18 -20.45 9.94
N LYS C 209 -2.51 -21.13 9.00
CA LYS C 209 -2.32 -22.57 9.12
C LYS C 209 -1.28 -22.93 10.17
N VAL C 210 -0.15 -22.23 10.17
CA VAL C 210 0.92 -22.51 11.12
C VAL C 210 0.74 -21.85 12.49
N PHE C 211 -0.01 -20.74 12.54
CA PHE C 211 -0.25 -20.04 13.79
C PHE C 211 -1.74 -19.97 14.11
N PRO C 212 -2.39 -21.13 14.22
CA PRO C 212 -3.82 -21.14 14.52
C PRO C 212 -4.10 -20.60 15.91
N THR C 213 -5.37 -20.39 16.21
CA THR C 213 -5.76 -19.92 17.53
C THR C 213 -5.91 -21.16 18.40
N LEU C 214 -5.41 -21.10 19.63
CA LEU C 214 -5.50 -22.22 20.55
C LEU C 214 -6.71 -22.00 21.47
N SER C 215 -7.17 -23.07 22.11
CA SER C 215 -8.29 -22.92 23.03
C SER C 215 -7.82 -22.17 24.27
N LEU C 216 -8.76 -21.68 25.08
CA LEU C 216 -8.43 -20.93 26.29
C LEU C 216 -7.50 -21.70 27.23
N GLY C 217 -7.78 -22.99 27.39
CA GLY C 217 -6.98 -23.83 28.26
C GLY C 217 -5.55 -23.99 27.77
N LEU C 218 -5.39 -24.30 26.49
CA LEU C 218 -4.05 -24.47 25.92
C LEU C 218 -3.19 -23.26 26.15
N ASP C 219 -3.70 -22.09 25.77
CA ASP C 219 -2.98 -20.82 25.94
C ASP C 219 -2.63 -20.62 27.40
N LYS C 220 -3.50 -21.06 28.29
CA LYS C 220 -3.27 -20.93 29.73
C LYS C 220 -2.05 -21.74 30.15
N GLU C 221 -2.01 -23.01 29.74
CA GLU C 221 -0.89 -23.87 30.09
C GLU C 221 0.40 -23.41 29.43
N VAL C 222 0.33 -23.02 28.16
CA VAL C 222 1.53 -22.56 27.46
C VAL C 222 2.14 -21.36 28.15
N ARG C 223 1.29 -20.47 28.64
CA ARG C 223 1.77 -19.28 29.33
C ARG C 223 2.49 -19.56 30.65
N TYR C 224 2.25 -20.72 31.24
CA TYR C 224 2.90 -21.03 32.50
C TYR C 224 4.41 -20.99 32.36
N ALA C 225 4.91 -21.48 31.23
CA ALA C 225 6.34 -21.50 31.00
C ALA C 225 6.92 -20.08 30.92
N TYR C 226 8.04 -19.89 31.59
CA TYR C 226 8.72 -18.60 31.62
C TYR C 226 9.01 -18.17 30.18
N ARG C 227 8.96 -16.87 29.92
CA ARG C 227 9.17 -16.36 28.58
C ARG C 227 9.97 -15.05 28.60
N GLY C 228 11.00 -14.99 29.44
CA GLY C 228 11.80 -13.78 29.52
C GLY C 228 13.25 -13.97 29.13
N GLY C 229 14.09 -12.97 29.38
CA GLY C 229 15.50 -13.06 29.05
C GLY C 229 16.34 -13.59 30.21
N PHE C 230 17.66 -13.58 30.05
CA PHE C 230 18.59 -14.06 31.07
C PHE C 230 19.57 -12.97 31.49
N THR C 231 19.43 -12.48 32.73
CA THR C 231 20.30 -11.45 33.27
C THR C 231 20.78 -11.96 34.62
N TRP C 232 22.09 -12.14 34.75
CA TRP C 232 22.68 -12.71 35.97
C TRP C 232 24.08 -12.21 36.32
N LEU C 233 24.31 -11.94 37.60
CA LEU C 233 25.62 -11.49 38.07
C LEU C 233 26.21 -12.51 39.03
N ASN C 234 27.35 -13.08 38.64
CA ASN C 234 28.07 -14.05 39.45
C ASN C 234 28.35 -13.41 40.83
N ASP C 235 27.96 -14.08 41.91
CA ASP C 235 28.20 -13.55 43.26
C ASP C 235 29.68 -13.33 43.58
N ARG C 236 30.54 -14.05 42.89
CA ARG C 236 31.97 -13.95 43.07
C ARG C 236 32.50 -12.53 42.81
N PHE C 237 31.85 -11.79 41.92
CA PHE C 237 32.27 -10.43 41.58
C PHE C 237 31.35 -9.34 42.10
N LYS C 238 30.29 -9.73 42.79
CA LYS C 238 29.32 -8.77 43.31
C LYS C 238 29.92 -7.69 44.21
N GLU C 239 29.66 -6.44 43.87
CA GLU C 239 30.13 -5.28 44.62
C GLU C 239 31.63 -5.21 44.80
N LYS C 240 32.37 -5.63 43.78
CA LYS C 240 33.82 -5.59 43.85
C LYS C 240 34.43 -4.92 42.64
N GLU C 241 35.43 -4.07 42.88
CA GLU C 241 36.10 -3.39 41.76
C GLU C 241 37.07 -4.44 41.21
N ILE C 242 37.01 -4.68 39.91
CA ILE C 242 37.89 -5.67 39.28
C ILE C 242 38.77 -5.07 38.19
N GLY C 243 39.77 -5.85 37.76
CA GLY C 243 40.69 -5.41 36.74
C GLY C 243 40.17 -5.49 35.30
N GLU C 244 41.06 -5.83 34.38
CA GLU C 244 40.69 -5.92 32.97
C GLU C 244 39.69 -7.02 32.66
N GLY C 245 38.94 -6.81 31.59
CA GLY C 245 37.95 -7.78 31.18
C GLY C 245 37.45 -7.43 29.79
N MET C 246 36.55 -8.26 29.26
CA MET C 246 36.01 -8.03 27.94
C MET C 246 34.55 -8.39 27.88
N VAL C 247 33.87 -7.88 26.86
CA VAL C 247 32.45 -8.11 26.66
C VAL C 247 32.23 -8.70 25.25
N PHE C 248 31.36 -9.70 25.17
CA PHE C 248 31.01 -10.33 23.91
C PHE C 248 29.50 -10.19 23.72
N ASP C 249 29.08 -9.81 22.53
CA ASP C 249 27.66 -9.63 22.22
C ASP C 249 27.31 -10.47 21.02
N VAL C 250 26.15 -11.13 21.08
CA VAL C 250 25.73 -11.95 19.95
C VAL C 250 25.22 -11.01 18.86
N ASN C 251 25.53 -11.35 17.62
CA ASN C 251 25.02 -10.56 16.51
C ASN C 251 23.55 -10.98 16.28
N SER C 252 22.63 -10.09 16.67
CA SER C 252 21.19 -10.29 16.51
C SER C 252 20.73 -11.60 17.13
N LEU C 253 20.66 -11.61 18.45
CA LEU C 253 20.28 -12.80 19.19
C LEU C 253 18.98 -13.47 18.75
N TYR C 254 17.87 -12.75 18.84
CA TYR C 254 16.59 -13.33 18.49
C TYR C 254 16.43 -13.65 17.01
N PRO C 255 16.77 -12.71 16.12
CA PRO C 255 16.60 -13.06 14.71
C PRO C 255 17.39 -14.33 14.40
N ALA C 256 18.50 -14.50 15.10
CA ALA C 256 19.34 -15.68 14.89
C ALA C 256 18.66 -16.95 15.36
N GLN C 257 18.00 -16.90 16.52
CA GLN C 257 17.31 -18.09 17.01
C GLN C 257 16.20 -18.41 16.00
N MET C 258 15.49 -17.36 15.58
CA MET C 258 14.40 -17.52 14.64
C MET C 258 14.87 -18.06 13.29
N TYR C 259 16.09 -17.71 12.91
CA TYR C 259 16.62 -18.15 11.64
C TYR C 259 16.96 -19.63 11.51
N SER C 260 17.44 -20.26 12.58
CA SER C 260 17.87 -21.67 12.44
C SER C 260 17.37 -22.67 13.48
N ARG C 261 16.92 -22.23 14.66
CA ARG C 261 16.47 -23.19 15.67
C ARG C 261 15.17 -23.89 15.28
N LEU C 262 14.95 -25.07 15.88
CA LEU C 262 13.73 -25.82 15.65
C LEU C 262 12.61 -25.08 16.41
N LEU C 263 11.60 -24.61 15.69
CA LEU C 263 10.50 -23.85 16.30
C LEU C 263 9.14 -24.48 16.11
N PRO C 264 8.22 -24.27 17.07
CA PRO C 264 6.86 -24.83 17.05
C PRO C 264 5.86 -24.17 16.11
N TYR C 265 4.90 -24.96 15.64
CA TYR C 265 3.82 -24.45 14.79
C TYR C 265 2.64 -25.44 14.86
N GLY C 266 1.46 -25.00 14.42
CA GLY C 266 0.31 -25.88 14.42
C GLY C 266 -0.36 -26.03 15.78
N GLU C 267 -1.42 -26.81 15.85
CA GLU C 267 -2.07 -26.96 17.13
C GLU C 267 -1.39 -28.03 17.96
N PRO C 268 -1.15 -27.73 19.24
CA PRO C 268 -0.51 -28.61 20.22
C PRO C 268 -1.38 -29.81 20.58
N ILE C 269 -0.74 -30.88 21.02
CA ILE C 269 -1.43 -32.09 21.46
C ILE C 269 -1.14 -32.27 22.94
N VAL C 270 -2.19 -32.46 23.73
CA VAL C 270 -2.02 -32.66 25.17
C VAL C 270 -1.60 -34.10 25.43
N PHE C 271 -0.74 -34.30 26.43
CA PHE C 271 -0.30 -35.63 26.79
C PHE C 271 -0.16 -35.75 28.30
N GLU C 272 -0.26 -36.98 28.79
CA GLU C 272 -0.18 -37.26 30.22
C GLU C 272 1.14 -37.93 30.51
N GLY C 273 1.68 -37.71 31.70
CA GLY C 273 2.94 -38.31 32.10
C GLY C 273 4.19 -37.68 31.53
N LYS C 274 5.21 -38.51 31.35
CA LYS C 274 6.50 -38.09 30.82
C LYS C 274 6.50 -38.11 29.29
N TYR C 275 7.01 -37.05 28.68
CA TYR C 275 7.07 -36.98 27.23
C TYR C 275 7.89 -38.14 26.69
N VAL C 276 7.39 -38.77 25.63
CA VAL C 276 8.13 -39.86 24.99
C VAL C 276 8.39 -39.36 23.58
N TRP C 277 9.60 -39.59 23.07
CA TRP C 277 9.94 -39.11 21.74
C TRP C 277 8.82 -39.31 20.72
N ASP C 278 8.54 -38.25 19.97
CA ASP C 278 7.49 -38.29 18.96
C ASP C 278 8.04 -37.66 17.69
N GLU C 279 8.28 -38.50 16.69
CA GLU C 279 8.80 -38.08 15.41
C GLU C 279 8.11 -36.85 14.81
N ASP C 280 6.79 -36.78 14.95
CA ASP C 280 6.03 -35.67 14.37
C ASP C 280 5.82 -34.46 15.29
N TYR C 281 6.01 -34.66 16.59
CA TYR C 281 5.86 -33.58 17.57
C TYR C 281 7.14 -33.59 18.41
N PRO C 282 8.26 -33.17 17.80
CA PRO C 282 9.59 -33.11 18.43
C PRO C 282 9.86 -32.10 19.53
N LEU C 283 8.97 -31.13 19.69
CA LEU C 283 9.15 -30.12 20.73
C LEU C 283 8.06 -30.28 21.77
N HIS C 284 8.35 -29.92 23.01
CA HIS C 284 7.33 -30.02 24.04
C HIS C 284 7.62 -29.15 25.26
N ILE C 285 6.54 -28.94 26.01
CA ILE C 285 6.58 -28.23 27.26
C ILE C 285 6.12 -29.25 28.29
N GLN C 286 6.93 -29.48 29.31
CA GLN C 286 6.61 -30.48 30.32
C GLN C 286 6.30 -29.94 31.71
N HIS C 287 5.21 -30.41 32.28
CA HIS C 287 4.84 -30.04 33.64
C HIS C 287 5.52 -31.11 34.50
N ILE C 288 6.56 -30.72 35.23
CA ILE C 288 7.27 -31.65 36.10
C ILE C 288 7.22 -31.23 37.58
N ARG C 289 7.07 -32.22 38.46
CA ARG C 289 7.03 -31.95 39.89
C ARG C 289 8.31 -32.55 40.46
N CYS C 290 9.11 -31.75 41.15
CA CYS C 290 10.36 -32.25 41.69
C CYS C 290 11.06 -31.31 42.66
N GLU C 291 12.19 -31.78 43.18
CA GLU C 291 13.04 -31.03 44.08
C GLU C 291 14.35 -30.93 43.32
N PHE C 292 15.09 -29.85 43.52
CA PHE C 292 16.33 -29.71 42.78
C PHE C 292 17.44 -28.97 43.50
N GLU C 293 18.67 -29.29 43.13
CA GLU C 293 19.85 -28.68 43.69
C GLU C 293 20.85 -28.29 42.61
N LEU C 294 21.23 -27.01 42.59
CA LEU C 294 22.19 -26.52 41.61
C LEU C 294 23.54 -27.18 41.84
N LYS C 295 24.15 -27.69 40.78
CA LYS C 295 25.45 -28.33 40.90
C LYS C 295 26.54 -27.31 41.17
N GLU C 296 27.64 -27.80 41.73
CA GLU C 296 28.78 -26.95 42.04
C GLU C 296 29.51 -26.66 40.73
N GLY C 297 29.77 -25.38 40.48
CA GLY C 297 30.46 -24.99 39.26
C GLY C 297 29.52 -24.75 38.09
N TYR C 298 28.23 -24.53 38.39
CA TYR C 298 27.23 -24.27 37.37
C TYR C 298 26.41 -23.02 37.64
N ILE C 299 26.01 -22.36 36.56
CA ILE C 299 25.19 -21.15 36.61
C ILE C 299 23.71 -21.52 36.82
N PRO C 300 22.99 -20.77 37.67
CA PRO C 300 21.58 -21.06 37.93
C PRO C 300 20.83 -20.81 36.62
N THR C 301 19.82 -21.62 36.32
CA THR C 301 19.05 -21.43 35.08
C THR C 301 17.54 -21.39 35.32
N ILE C 302 17.10 -21.81 36.50
CA ILE C 302 15.68 -21.82 36.80
C ILE C 302 15.17 -20.47 37.27
N GLN C 303 14.28 -19.87 36.49
CA GLN C 303 13.71 -18.60 36.91
C GLN C 303 12.20 -18.61 36.74
N ILE C 304 11.53 -17.94 37.67
CA ILE C 304 10.08 -17.87 37.72
C ILE C 304 9.47 -16.72 36.91
N LYS C 305 8.22 -16.92 36.49
CA LYS C 305 7.51 -15.88 35.78
C LYS C 305 7.02 -14.95 36.89
N ARG C 306 7.25 -13.65 36.73
CA ARG C 306 6.86 -12.70 37.76
C ARG C 306 5.73 -11.76 37.32
N SER C 307 5.40 -10.83 38.20
CA SER C 307 4.34 -9.86 37.94
C SER C 307 4.84 -8.77 36.99
N ARG C 308 3.91 -8.23 36.21
CA ARG C 308 4.22 -7.17 35.26
C ARG C 308 4.92 -6.00 35.94
N PHE C 309 4.87 -5.97 37.26
CA PHE C 309 5.48 -4.89 38.03
C PHE C 309 6.89 -5.18 38.55
N TYR C 310 7.12 -6.40 39.03
CA TYR C 310 8.43 -6.77 39.56
C TYR C 310 9.50 -6.64 38.46
N LYS C 311 10.65 -6.08 38.83
CA LYS C 311 11.72 -5.92 37.86
C LYS C 311 13.02 -6.59 38.31
N GLY C 312 13.68 -7.23 37.36
CA GLY C 312 14.91 -7.94 37.64
C GLY C 312 14.65 -9.42 37.46
N ASN C 313 15.69 -10.23 37.63
CA ASN C 313 15.56 -11.66 37.49
C ASN C 313 15.92 -12.37 38.79
N GLU C 314 15.05 -13.30 39.21
CA GLU C 314 15.28 -14.06 40.43
C GLU C 314 15.48 -15.53 40.04
N TYR C 315 16.64 -16.07 40.40
CA TYR C 315 16.94 -17.47 40.09
C TYR C 315 16.82 -18.39 41.29
N LEU C 316 16.53 -19.66 41.02
CA LEU C 316 16.40 -20.63 42.09
C LEU C 316 17.61 -21.56 42.15
N LYS C 317 18.31 -21.55 43.28
CA LYS C 317 19.46 -22.42 43.48
C LYS C 317 18.99 -23.79 43.97
N SER C 318 17.82 -23.82 44.59
CA SER C 318 17.26 -25.06 45.11
C SER C 318 15.75 -24.89 45.35
N SER C 319 15.05 -26.00 45.54
CA SER C 319 13.62 -25.96 45.78
C SER C 319 13.26 -25.70 47.25
N GLY C 320 14.28 -25.44 48.08
CA GLY C 320 14.05 -25.16 49.49
C GLY C 320 13.40 -26.25 50.30
N GLY C 321 13.91 -27.48 50.17
CA GLY C 321 13.36 -28.60 50.93
C GLY C 321 11.90 -28.91 50.67
N GLU C 322 11.36 -28.38 49.57
CA GLU C 322 9.96 -28.61 49.22
C GLU C 322 9.88 -28.93 47.73
N ILE C 323 8.84 -29.66 47.32
CA ILE C 323 8.73 -29.98 45.90
C ILE C 323 8.33 -28.71 45.15
N ALA C 324 8.59 -28.70 43.85
CA ALA C 324 8.23 -27.56 43.01
C ALA C 324 7.57 -28.06 41.73
N ASP C 325 6.59 -27.30 41.25
CA ASP C 325 5.87 -27.61 40.01
C ASP C 325 6.40 -26.64 38.95
N LEU C 326 6.95 -27.17 37.86
CA LEU C 326 7.48 -26.33 36.81
C LEU C 326 6.99 -26.71 35.42
N TRP C 327 6.81 -25.69 34.60
CA TRP C 327 6.41 -25.92 33.21
C TRP C 327 7.63 -25.52 32.40
N LEU C 328 8.32 -26.50 31.84
CA LEU C 328 9.56 -26.27 31.10
C LEU C 328 9.52 -26.75 29.66
N SER C 329 10.15 -26.01 28.76
CA SER C 329 10.22 -26.43 27.36
C SER C 329 11.32 -27.51 27.31
N ASN C 330 11.35 -28.32 26.25
CA ASN C 330 12.39 -29.34 26.20
C ASN C 330 13.78 -28.71 26.21
N VAL C 331 13.89 -27.49 25.70
CA VAL C 331 15.16 -26.79 25.69
C VAL C 331 15.55 -26.46 27.14
N ASP C 332 14.60 -25.90 27.88
CA ASP C 332 14.85 -25.56 29.29
C ASP C 332 15.17 -26.78 30.14
N LEU C 333 14.36 -27.83 29.97
CA LEU C 333 14.54 -29.04 30.74
C LEU C 333 15.91 -29.68 30.53
N GLU C 334 16.35 -29.76 29.29
CA GLU C 334 17.65 -30.36 29.03
C GLU C 334 18.75 -29.58 29.74
N LEU C 335 18.60 -28.26 29.76
CA LEU C 335 19.56 -27.37 30.40
C LEU C 335 19.52 -27.53 31.91
N MET C 336 18.34 -27.77 32.47
CA MET C 336 18.18 -27.94 33.92
C MET C 336 18.81 -29.24 34.40
N LYS C 337 18.62 -30.30 33.63
CA LYS C 337 19.16 -31.61 33.98
C LYS C 337 20.69 -31.62 33.93
N GLU C 338 21.27 -30.64 33.26
CA GLU C 338 22.73 -30.55 33.18
C GLU C 338 23.31 -29.63 34.28
N HIS C 339 22.54 -28.62 34.68
CA HIS C 339 23.01 -27.69 35.70
C HIS C 339 22.55 -28.06 37.10
N TYR C 340 21.47 -28.83 37.21
CA TYR C 340 20.97 -29.20 38.53
C TYR C 340 20.85 -30.68 38.80
N ASP C 341 20.73 -31.00 40.07
CA ASP C 341 20.48 -32.36 40.52
C ASP C 341 18.99 -32.39 40.84
N LEU C 342 18.27 -33.33 40.24
CA LEU C 342 16.83 -33.46 40.47
C LEU C 342 16.48 -34.66 41.34
N TYR C 343 15.55 -34.46 42.26
CA TYR C 343 15.12 -35.50 43.18
C TYR C 343 13.60 -35.65 43.15
N ASN C 344 13.11 -36.82 43.56
CA ASN C 344 11.68 -37.13 43.60
C ASN C 344 10.98 -36.53 42.40
N VAL C 345 11.48 -36.88 41.22
CA VAL C 345 10.93 -36.37 39.97
C VAL C 345 9.63 -37.06 39.59
N GLU C 346 8.64 -36.25 39.23
CA GLU C 346 7.34 -36.77 38.83
C GLU C 346 6.87 -36.01 37.58
N TYR C 347 6.70 -36.72 36.47
CA TYR C 347 6.23 -36.09 35.24
C TYR C 347 4.71 -36.14 35.21
N ILE C 348 4.07 -34.99 35.31
CA ILE C 348 2.60 -34.88 35.33
C ILE C 348 1.88 -34.87 33.99
N SER C 349 2.19 -33.90 33.15
CA SER C 349 1.57 -33.79 31.83
C SER C 349 2.31 -32.74 31.00
N GLY C 350 1.79 -32.41 29.82
CA GLY C 350 2.46 -31.42 29.00
C GLY C 350 1.85 -31.21 27.64
N LEU C 351 2.57 -30.50 26.78
CA LEU C 351 2.11 -30.22 25.43
C LEU C 351 3.25 -30.39 24.43
N LYS C 352 2.97 -31.07 23.32
CA LYS C 352 3.98 -31.27 22.28
C LYS C 352 3.54 -30.58 20.99
N PHE C 353 4.51 -30.10 20.23
CA PHE C 353 4.22 -29.37 19.00
C PHE C 353 4.99 -29.86 17.79
N LYS C 354 4.36 -29.67 16.63
CA LYS C 354 5.03 -29.96 15.37
C LYS C 354 6.10 -28.88 15.29
N ALA C 355 7.16 -29.10 14.53
CA ALA C 355 8.21 -28.09 14.45
C ALA C 355 8.91 -28.05 13.12
N THR C 356 9.60 -26.94 12.88
CA THR C 356 10.32 -26.71 11.64
C THR C 356 11.39 -25.65 11.85
N THR C 357 12.35 -25.58 10.93
CA THR C 357 13.43 -24.61 11.03
C THR C 357 13.34 -23.50 9.99
N GLY C 358 12.30 -23.48 9.18
CA GLY C 358 12.29 -22.45 8.13
C GLY C 358 11.09 -21.49 8.08
N LEU C 359 10.46 -21.16 9.18
CA LEU C 359 9.31 -20.27 9.12
C LEU C 359 9.71 -18.80 8.89
N PHE C 360 10.86 -18.38 9.40
CA PHE C 360 11.27 -16.99 9.27
C PHE C 360 12.39 -16.67 8.27
N LYS C 361 13.04 -17.69 7.72
CA LYS C 361 14.14 -17.47 6.78
C LYS C 361 13.95 -16.45 5.67
N ASP C 362 12.85 -16.51 4.93
CA ASP C 362 12.65 -15.52 3.85
C ASP C 362 12.55 -14.12 4.43
N PHE C 363 11.77 -13.98 5.50
CA PHE C 363 11.61 -12.68 6.14
C PHE C 363 12.95 -12.13 6.60
N ILE C 364 13.79 -12.97 7.20
CA ILE C 364 15.07 -12.49 7.68
C ILE C 364 16.05 -12.21 6.55
N ASP C 365 16.02 -13.02 5.50
CA ASP C 365 16.89 -12.79 4.35
C ASP C 365 16.57 -11.46 3.68
N LYS C 366 15.28 -11.20 3.45
CA LYS C 366 14.85 -9.96 2.82
C LYS C 366 15.32 -8.73 3.58
N TRP C 367 14.92 -8.63 4.85
CA TRP C 367 15.28 -7.45 5.65
C TRP C 367 16.78 -7.35 5.99
N THR C 368 17.51 -8.45 6.00
CA THR C 368 18.94 -8.34 6.27
C THR C 368 19.58 -7.71 5.03
N TYR C 369 19.18 -8.19 3.86
CA TYR C 369 19.68 -7.66 2.59
C TYR C 369 19.48 -6.15 2.55
N ILE C 370 18.25 -5.72 2.82
CA ILE C 370 17.90 -4.32 2.83
C ILE C 370 18.72 -3.57 3.89
N LYS C 371 18.94 -4.22 5.02
CA LYS C 371 19.72 -3.58 6.08
C LYS C 371 21.19 -3.46 5.65
N THR C 372 21.71 -4.54 5.10
CA THR C 372 23.10 -4.63 4.65
C THR C 372 23.47 -3.77 3.43
N THR C 373 22.52 -3.53 2.54
CA THR C 373 22.80 -2.73 1.36
C THR C 373 22.26 -1.33 1.47
N SER C 374 21.97 -0.87 2.67
CA SER C 374 21.43 0.47 2.85
C SER C 374 22.09 1.25 3.98
N GLU C 375 21.75 2.53 4.06
CA GLU C 375 22.24 3.42 5.11
C GLU C 375 21.10 4.34 5.55
N GLY C 376 21.29 5.06 6.65
CA GLY C 376 20.27 5.98 7.13
C GLY C 376 18.89 5.42 7.46
N ALA C 377 17.88 6.23 7.23
CA ALA C 377 16.49 5.87 7.50
C ALA C 377 16.10 4.43 7.14
N ILE C 378 16.27 4.07 5.88
CA ILE C 378 15.90 2.73 5.41
C ILE C 378 16.58 1.63 6.23
N LYS C 379 17.87 1.81 6.51
CA LYS C 379 18.63 0.83 7.28
C LYS C 379 18.04 0.66 8.68
N GLN C 380 17.69 1.78 9.29
CA GLN C 380 17.11 1.77 10.64
C GLN C 380 15.73 1.12 10.66
N LEU C 381 14.95 1.30 9.60
CA LEU C 381 13.62 0.70 9.54
C LEU C 381 13.78 -0.80 9.36
N ALA C 382 14.80 -1.20 8.61
CA ALA C 382 15.05 -2.60 8.39
C ALA C 382 15.44 -3.23 9.73
N LYS C 383 16.25 -2.54 10.53
CA LYS C 383 16.61 -3.09 11.83
C LYS C 383 15.36 -3.19 12.72
N LEU C 384 14.48 -2.20 12.63
CA LEU C 384 13.24 -2.21 13.40
C LEU C 384 12.39 -3.44 13.04
N MET C 385 12.23 -3.68 11.74
CA MET C 385 11.45 -4.83 11.27
C MET C 385 11.99 -6.14 11.84
N LEU C 386 13.30 -6.37 11.67
CA LEU C 386 13.93 -7.57 12.18
C LEU C 386 13.79 -7.73 13.70
N ASN C 387 14.07 -6.65 14.43
CA ASN C 387 14.01 -6.69 15.88
C ASN C 387 12.63 -6.66 16.55
N SER C 388 11.59 -6.25 15.82
CA SER C 388 10.28 -6.14 16.42
C SER C 388 9.34 -7.32 16.22
N LEU C 389 9.72 -8.26 15.37
CA LEU C 389 8.86 -9.41 15.12
C LEU C 389 8.73 -10.34 16.33
N TYR C 390 9.86 -10.65 16.98
CA TYR C 390 9.89 -11.55 18.14
C TYR C 390 8.87 -11.10 19.22
N GLY C 391 8.87 -9.81 19.56
CA GLY C 391 7.97 -9.31 20.58
C GLY C 391 6.50 -9.61 20.34
N LYS C 392 6.08 -9.62 19.08
CA LYS C 392 4.69 -9.88 18.76
C LYS C 392 4.29 -11.31 19.09
N PHE C 393 5.29 -12.17 19.30
CA PHE C 393 5.00 -13.55 19.65
C PHE C 393 5.09 -13.77 21.16
N ALA C 394 5.51 -12.74 21.88
CA ALA C 394 5.66 -12.84 23.34
C ALA C 394 4.79 -11.89 24.15
N SER C 395 4.21 -10.88 23.50
CA SER C 395 3.38 -9.90 24.18
C SER C 395 2.47 -10.49 25.26
N ASN C 396 2.23 -9.71 26.31
CA ASN C 396 1.38 -10.14 27.42
C ASN C 396 -0.04 -9.59 27.24
N PRO C 397 -1.05 -10.38 27.62
CA PRO C 397 -2.49 -10.07 27.54
C PRO C 397 -3.05 -9.07 28.56
N ASP C 398 -2.46 -7.88 28.66
CA ASP C 398 -2.97 -6.88 29.59
C ASP C 398 -4.47 -6.71 29.38
N VAL C 399 -5.25 -7.34 30.27
CA VAL C 399 -6.71 -7.30 30.18
C VAL C 399 -7.33 -6.22 31.06
N THR C 400 -6.62 -5.80 32.10
CA THR C 400 -7.13 -4.79 33.02
C THR C 400 -7.32 -3.40 32.38
N GLY C 401 -6.21 -2.69 32.13
CA GLY C 401 -6.32 -1.37 31.52
C GLY C 401 -6.64 -0.26 32.50
N LYS C 402 -6.52 0.99 32.05
CA LYS C 402 -6.79 2.15 32.90
C LYS C 402 -7.75 3.15 32.25
N VAL C 403 -8.65 3.69 33.06
CA VAL C 403 -9.63 4.68 32.59
C VAL C 403 -9.46 6.01 33.32
N PRO C 404 -9.41 7.12 32.57
CA PRO C 404 -9.24 8.47 33.10
C PRO C 404 -10.51 9.10 33.66
N TYR C 405 -10.34 9.95 34.66
CA TYR C 405 -11.45 10.66 35.27
C TYR C 405 -10.87 11.90 35.93
N LEU C 406 -11.56 13.03 35.80
CA LEU C 406 -11.08 14.27 36.40
C LEU C 406 -11.29 14.24 37.90
N LYS C 407 -10.19 14.33 38.65
CA LYS C 407 -10.24 14.28 40.11
C LYS C 407 -10.96 15.40 40.83
N GLU C 408 -11.09 15.21 42.13
CA GLU C 408 -11.76 16.13 43.04
C GLU C 408 -11.00 17.43 43.26
N ASN C 409 -9.80 17.56 42.71
CA ASN C 409 -8.99 18.75 42.89
C ASN C 409 -8.54 19.42 41.59
N GLY C 410 -8.98 18.88 40.47
CA GLY C 410 -8.58 19.45 39.19
C GLY C 410 -7.55 18.59 38.47
N ALA C 411 -6.86 17.75 39.24
CA ALA C 411 -5.84 16.87 38.68
C ALA C 411 -6.51 15.69 38.01
N LEU C 412 -5.74 14.94 37.23
CA LEU C 412 -6.27 13.78 36.52
C LEU C 412 -6.05 12.53 37.36
N GLY C 413 -7.00 11.60 37.30
CA GLY C 413 -6.87 10.37 38.05
C GLY C 413 -7.28 9.18 37.22
N PHE C 414 -6.88 7.99 37.65
CA PHE C 414 -7.22 6.77 36.93
C PHE C 414 -7.74 5.70 37.86
N ARG C 415 -8.50 4.76 37.30
CA ARG C 415 -9.05 3.64 38.04
C ARG C 415 -9.09 2.47 37.08
N LEU C 416 -8.56 1.33 37.51
CA LEU C 416 -8.53 0.14 36.67
C LEU C 416 -9.81 -0.02 35.88
N GLY C 417 -9.80 0.48 34.64
CA GLY C 417 -10.97 0.37 33.80
C GLY C 417 -11.35 -1.10 33.72
N GLU C 418 -12.56 -1.37 33.28
CA GLU C 418 -13.00 -2.76 33.18
C GLU C 418 -12.24 -3.52 32.11
N GLU C 419 -12.19 -4.83 32.29
CA GLU C 419 -11.44 -5.76 31.40
C GLU C 419 -11.83 -5.76 29.93
N GLU C 420 -10.81 -5.75 29.12
CA GLU C 420 -10.85 -5.81 27.67
C GLU C 420 -9.76 -6.81 27.30
N THR C 421 -9.69 -7.28 26.05
CA THR C 421 -8.64 -8.22 25.70
C THR C 421 -8.49 -8.58 24.23
N LYS C 422 -7.26 -8.91 23.85
CA LYS C 422 -6.92 -9.30 22.48
C LYS C 422 -6.14 -10.61 22.57
N ASP C 423 -6.74 -11.71 22.12
CA ASP C 423 -6.07 -13.01 22.19
C ASP C 423 -4.82 -13.04 21.32
N PRO C 424 -3.68 -13.45 21.93
CA PRO C 424 -2.33 -13.56 21.35
C PRO C 424 -2.18 -14.16 19.95
N VAL C 425 -1.01 -13.93 19.38
CA VAL C 425 -0.67 -14.42 18.05
C VAL C 425 -0.46 -15.93 18.09
N TYR C 426 0.47 -16.38 18.92
CA TYR C 426 0.79 -17.80 19.02
C TYR C 426 1.86 -17.97 20.09
N THR C 427 1.40 -18.09 21.31
CA THR C 427 2.28 -18.21 22.50
C THR C 427 3.41 -19.22 22.44
N PRO C 428 3.20 -20.42 21.88
CA PRO C 428 4.29 -21.39 21.85
C PRO C 428 5.59 -20.86 21.21
N MET C 429 5.46 -19.95 20.24
CA MET C 429 6.62 -19.42 19.55
C MET C 429 7.44 -18.50 20.48
N GLY C 430 6.75 -17.75 21.33
CA GLY C 430 7.44 -16.87 22.24
C GLY C 430 8.20 -17.67 23.29
N VAL C 431 7.62 -18.79 23.69
CA VAL C 431 8.25 -19.66 24.68
C VAL C 431 9.54 -20.24 24.12
N PHE C 432 9.49 -20.79 22.91
CA PHE C 432 10.68 -21.41 22.36
C PHE C 432 11.78 -20.47 21.86
N ILE C 433 11.39 -19.35 21.28
CA ILE C 433 12.40 -18.41 20.82
C ILE C 433 13.22 -17.90 21.99
N THR C 434 12.56 -17.48 23.07
CA THR C 434 13.27 -17.00 24.26
C THR C 434 14.05 -18.14 24.91
N ALA C 435 13.49 -19.34 24.89
CA ALA C 435 14.17 -20.49 25.45
C ALA C 435 15.50 -20.74 24.71
N TRP C 436 15.45 -20.75 23.37
CA TRP C 436 16.66 -20.93 22.57
C TRP C 436 17.64 -19.77 22.81
N ALA C 437 17.12 -18.56 22.91
CA ALA C 437 17.98 -17.40 23.15
C ALA C 437 18.70 -17.55 24.49
N ARG C 438 17.97 -17.96 25.52
CA ARG C 438 18.59 -18.16 26.83
C ARG C 438 19.60 -19.31 26.76
N TYR C 439 19.27 -20.32 26.00
CA TYR C 439 20.17 -21.46 25.87
C TYR C 439 21.51 -21.01 25.28
N THR C 440 21.45 -20.23 24.20
CA THR C 440 22.64 -19.72 23.54
C THR C 440 23.60 -19.03 24.50
N THR C 441 23.08 -18.07 25.26
CA THR C 441 23.89 -17.33 26.19
C THR C 441 24.39 -18.13 27.37
N ILE C 442 23.52 -18.89 28.00
CA ILE C 442 23.89 -19.69 29.16
C ILE C 442 24.97 -20.74 28.91
N THR C 443 24.90 -21.43 27.77
CA THR C 443 25.89 -22.46 27.47
C THR C 443 27.23 -21.83 27.14
N ALA C 444 27.22 -20.63 26.56
CA ALA C 444 28.48 -19.97 26.23
C ALA C 444 29.13 -19.55 27.54
N ALA C 445 28.35 -18.94 28.42
CA ALA C 445 28.86 -18.48 29.70
C ALA C 445 29.34 -19.65 30.57
N GLN C 446 28.61 -20.76 30.54
CA GLN C 446 28.99 -21.93 31.34
C GLN C 446 30.31 -22.51 30.83
N ALA C 447 30.52 -22.42 29.52
CA ALA C 447 31.75 -22.92 28.93
C ALA C 447 32.94 -22.02 29.34
N CYS C 448 32.66 -20.80 29.78
CA CYS C 448 33.73 -19.87 30.21
C CYS C 448 33.53 -19.60 31.69
N TYR C 449 32.96 -20.58 32.40
CA TYR C 449 32.67 -20.43 33.81
C TYR C 449 33.79 -19.88 34.67
N ASP C 450 35.03 -20.27 34.40
CA ASP C 450 36.17 -19.82 35.18
C ASP C 450 36.42 -18.31 35.09
N ARG C 451 35.86 -17.66 34.08
CA ARG C 451 36.07 -16.22 33.91
C ARG C 451 34.78 -15.40 33.83
N ILE C 452 33.63 -16.07 33.93
CA ILE C 452 32.35 -15.37 33.80
C ILE C 452 32.01 -14.41 34.93
N ILE C 453 31.68 -13.19 34.55
CA ILE C 453 31.31 -12.15 35.51
C ILE C 453 29.82 -11.82 35.50
N TYR C 454 29.30 -11.56 34.31
CA TYR C 454 27.93 -11.11 34.16
C TYR C 454 27.34 -11.48 32.81
N CYS C 455 26.03 -11.73 32.81
CA CYS C 455 25.28 -12.06 31.60
C CYS C 455 24.08 -11.15 31.47
N ASP C 456 23.73 -10.78 30.25
CA ASP C 456 22.56 -9.96 30.04
C ASP C 456 21.97 -10.20 28.68
N THR C 457 21.14 -11.24 28.58
CA THR C 457 20.44 -11.59 27.36
C THR C 457 21.33 -11.95 26.17
N ASP C 458 21.92 -10.95 25.53
CA ASP C 458 22.77 -11.19 24.37
C ASP C 458 24.26 -10.96 24.61
N SER C 459 24.68 -10.92 25.87
CA SER C 459 26.10 -10.72 26.13
C SER C 459 26.66 -11.37 27.38
N ILE C 460 27.96 -11.63 27.35
CA ILE C 460 28.66 -12.20 28.49
C ILE C 460 29.89 -11.33 28.79
N HIS C 461 30.12 -11.06 30.06
CA HIS C 461 31.26 -10.25 30.46
C HIS C 461 32.23 -11.18 31.19
N LEU C 462 33.47 -11.20 30.72
CA LEU C 462 34.51 -12.06 31.28
C LEU C 462 35.76 -11.30 31.74
N THR C 463 36.47 -11.89 32.71
CA THR C 463 37.72 -11.31 33.20
C THR C 463 38.75 -11.66 32.15
N GLY C 464 39.84 -10.91 32.08
CA GLY C 464 40.85 -11.23 31.09
C GLY C 464 40.60 -10.53 29.76
N THR C 465 41.61 -10.49 28.90
CA THR C 465 41.50 -9.81 27.62
C THR C 465 41.67 -10.70 26.40
N GLU C 466 42.00 -11.96 26.63
CA GLU C 466 42.17 -12.89 25.52
C GLU C 466 40.90 -13.74 25.34
N ILE C 467 40.51 -13.94 24.08
CA ILE C 467 39.33 -14.73 23.75
C ILE C 467 39.48 -16.17 24.21
N PRO C 468 38.53 -16.66 25.02
CA PRO C 468 38.57 -18.04 25.53
C PRO C 468 38.66 -19.02 24.37
N ASP C 469 39.49 -20.06 24.52
CA ASP C 469 39.61 -21.04 23.44
C ASP C 469 38.33 -21.79 23.16
N VAL C 470 37.55 -22.08 24.20
CA VAL C 470 36.30 -22.82 24.02
C VAL C 470 35.29 -22.19 23.06
N ILE C 471 35.35 -20.87 22.89
CA ILE C 471 34.41 -20.17 22.01
C ILE C 471 35.06 -19.47 20.83
N LYS C 472 36.35 -19.70 20.61
CA LYS C 472 37.04 -19.04 19.50
C LYS C 472 36.41 -19.34 18.15
N ASP C 473 35.73 -20.49 18.05
CA ASP C 473 35.08 -20.88 16.80
C ASP C 473 33.80 -20.12 16.52
N ILE C 474 33.01 -19.89 17.56
CA ILE C 474 31.74 -19.18 17.42
C ILE C 474 31.90 -17.66 17.57
N VAL C 475 33.11 -17.17 17.34
CA VAL C 475 33.36 -15.74 17.45
C VAL C 475 33.52 -15.14 16.06
N ASP C 476 32.99 -13.94 15.89
CA ASP C 476 33.07 -13.23 14.63
C ASP C 476 32.40 -11.86 14.76
N PRO C 477 32.92 -10.86 14.04
CA PRO C 477 32.37 -9.49 14.08
C PRO C 477 30.98 -9.26 13.49
N LYS C 478 30.61 -10.03 12.43
CA LYS C 478 29.32 -9.77 11.79
C LYS C 478 28.34 -10.93 11.62
N LYS C 479 28.84 -12.14 11.34
CA LYS C 479 27.97 -13.30 11.13
C LYS C 479 26.79 -13.46 12.10
N LEU C 480 25.61 -13.64 11.54
CA LEU C 480 24.40 -13.81 12.33
C LEU C 480 24.54 -14.94 13.35
N GLY C 481 24.16 -14.68 14.60
CA GLY C 481 24.24 -15.72 15.61
C GLY C 481 25.61 -15.99 16.21
N TYR C 482 26.64 -15.28 15.74
CA TYR C 482 27.98 -15.46 16.29
C TYR C 482 28.22 -14.42 17.37
N TRP C 483 29.24 -14.65 18.20
CA TRP C 483 29.57 -13.72 19.27
C TRP C 483 30.61 -12.72 18.78
N ALA C 484 30.37 -11.45 19.01
CA ALA C 484 31.33 -10.43 18.61
C ALA C 484 32.00 -9.88 19.86
N HIS C 485 33.25 -9.57 19.71
CA HIS C 485 34.05 -8.96 20.75
C HIS C 485 33.67 -7.48 20.73
N GLU C 486 32.81 -7.05 21.64
CA GLU C 486 32.36 -5.65 21.64
C GLU C 486 33.34 -4.67 22.25
N SER C 487 33.88 -4.99 23.42
CA SER C 487 34.81 -4.09 24.07
C SER C 487 35.67 -4.78 25.12
N THR C 488 36.69 -4.05 25.55
CA THR C 488 37.63 -4.51 26.55
C THR C 488 37.73 -3.37 27.57
N PHE C 489 37.66 -3.68 28.86
CA PHE C 489 37.76 -2.63 29.86
C PHE C 489 38.98 -2.84 30.76
N LYS C 490 39.53 -1.73 31.27
CA LYS C 490 40.70 -1.78 32.14
C LYS C 490 40.31 -2.09 33.58
N ARG C 491 39.12 -1.66 33.97
CA ARG C 491 38.59 -1.95 35.30
C ARG C 491 37.08 -1.80 35.26
N ALA C 492 36.40 -2.34 36.27
CA ALA C 492 34.96 -2.26 36.30
C ALA C 492 34.44 -2.55 37.70
N LYS C 493 33.14 -2.39 37.88
CA LYS C 493 32.51 -2.68 39.15
C LYS C 493 31.04 -3.01 38.93
N TYR C 494 30.60 -4.17 39.38
CA TYR C 494 29.20 -4.58 39.21
C TYR C 494 28.50 -4.68 40.55
N LEU C 495 27.41 -3.93 40.70
CA LEU C 495 26.65 -3.95 41.95
C LEU C 495 25.55 -5.01 41.89
N ARG C 496 24.79 -5.02 40.78
CA ARG C 496 23.70 -5.98 40.58
C ARG C 496 23.37 -6.11 39.09
N GLN C 497 22.31 -6.84 38.79
CA GLN C 497 21.87 -6.99 37.41
C GLN C 497 21.58 -5.60 36.84
N LYS C 498 22.14 -5.31 35.67
CA LYS C 498 21.92 -4.02 35.01
C LYS C 498 22.38 -2.85 35.87
N THR C 499 23.45 -3.08 36.63
CA THR C 499 23.98 -2.04 37.51
C THR C 499 25.49 -2.19 37.60
N TYR C 500 26.22 -1.53 36.71
CA TYR C 500 27.67 -1.62 36.71
C TYR C 500 28.34 -0.46 35.99
N ILE C 501 29.65 -0.35 36.17
CA ILE C 501 30.43 0.69 35.53
C ILE C 501 31.70 0.06 34.97
N GLN C 502 32.26 0.65 33.93
CA GLN C 502 33.48 0.13 33.30
C GLN C 502 34.29 1.29 32.73
N ASP C 503 35.58 1.13 32.62
CA ASP C 503 36.50 2.10 32.03
C ASP C 503 36.96 1.42 30.75
N ILE C 504 36.34 1.79 29.63
CA ILE C 504 36.62 1.16 28.35
C ILE C 504 37.78 1.70 27.53
N TYR C 505 38.63 0.79 27.05
CA TYR C 505 39.72 1.21 26.20
C TYR C 505 39.09 1.76 24.94
N MET C 506 39.40 3.01 24.60
CA MET C 506 38.87 3.63 23.39
C MET C 506 40.02 4.14 22.51
N LYS C 507 39.75 4.26 21.21
CA LYS C 507 40.76 4.76 20.28
C LYS C 507 40.15 5.73 19.27
N GLU C 508 40.96 6.68 18.83
CA GLU C 508 40.52 7.68 17.86
C GLU C 508 40.75 7.20 16.44
N VAL C 509 39.71 7.25 15.62
CA VAL C 509 39.81 6.84 14.23
C VAL C 509 38.94 7.80 13.42
N ASP C 510 39.56 8.43 12.43
CA ASP C 510 38.86 9.38 11.57
C ASP C 510 38.06 10.39 12.39
N GLY C 511 38.73 11.04 13.34
CA GLY C 511 38.07 12.04 14.17
C GLY C 511 37.00 11.57 15.14
N LYS C 512 36.80 10.27 15.26
CA LYS C 512 35.79 9.75 16.19
C LYS C 512 36.34 8.67 17.11
N LEU C 513 35.75 8.57 18.30
CA LEU C 513 36.18 7.60 19.29
C LEU C 513 35.43 6.26 19.19
N VAL C 514 36.16 5.17 19.00
CA VAL C 514 35.55 3.84 18.92
C VAL C 514 36.24 2.86 19.86
N GLU C 515 35.67 1.66 20.00
CA GLU C 515 36.23 0.65 20.88
C GLU C 515 37.64 0.28 20.48
N GLY C 516 38.51 0.16 21.47
CA GLY C 516 39.89 -0.20 21.19
C GLY C 516 40.31 -1.36 22.06
N SER C 517 41.61 -1.54 22.19
CA SER C 517 42.16 -2.62 23.00
C SER C 517 43.37 -2.15 23.81
N PRO C 518 43.81 -2.96 24.78
CA PRO C 518 44.97 -2.59 25.59
C PRO C 518 46.21 -2.33 24.75
N ASP C 519 46.30 -2.99 23.59
CA ASP C 519 47.45 -2.84 22.73
C ASP C 519 47.26 -1.75 21.68
N ASP C 520 46.09 -1.14 21.65
CA ASP C 520 45.81 -0.10 20.69
C ASP C 520 44.67 0.77 21.18
N TYR C 521 45.02 1.80 21.96
CA TYR C 521 44.04 2.71 22.52
C TYR C 521 44.62 4.11 22.63
N THR C 522 43.75 5.09 22.88
CA THR C 522 44.15 6.48 23.04
C THR C 522 43.43 7.10 24.21
N ASP C 523 42.38 6.42 24.70
CA ASP C 523 41.57 6.92 25.79
C ASP C 523 40.96 5.79 26.62
N ILE C 524 40.60 6.15 27.86
CA ILE C 524 39.87 5.30 28.76
C ILE C 524 38.56 5.99 28.97
N LYS C 525 37.47 5.40 28.48
CA LYS C 525 36.17 6.03 28.62
C LYS C 525 35.36 5.38 29.72
N PHE C 526 34.79 6.22 30.58
CA PHE C 526 33.97 5.77 31.68
C PHE C 526 32.57 5.51 31.16
N SER C 527 31.99 4.39 31.55
CA SER C 527 30.66 4.05 31.10
C SER C 527 29.81 3.57 32.28
N VAL C 528 28.64 4.18 32.44
CA VAL C 528 27.75 3.85 33.53
C VAL C 528 26.52 3.12 33.00
N LYS C 529 26.15 2.03 33.66
CA LYS C 529 24.97 1.26 33.26
C LYS C 529 24.13 1.01 34.51
N CYS C 530 22.98 1.66 34.59
CA CYS C 530 22.12 1.48 35.74
C CYS C 530 20.66 1.74 35.41
N ALA C 531 19.86 0.68 35.47
CA ALA C 531 18.43 0.78 35.19
C ALA C 531 17.78 1.90 35.99
N GLY C 532 17.17 2.85 35.30
CA GLY C 532 16.50 3.94 35.98
C GLY C 532 17.30 5.23 36.09
N MET C 533 18.61 5.14 36.07
CA MET C 533 19.46 6.32 36.18
C MET C 533 19.38 7.16 34.92
N THR C 534 19.41 8.48 35.10
CA THR C 534 19.34 9.42 33.97
C THR C 534 20.72 9.91 33.63
N ASP C 535 20.91 10.35 32.38
CA ASP C 535 22.21 10.84 31.94
C ASP C 535 22.75 11.91 32.86
N LYS C 536 21.86 12.76 33.37
CA LYS C 536 22.28 13.82 34.25
C LYS C 536 22.89 13.23 35.52
N ILE C 537 22.29 12.15 36.02
CA ILE C 537 22.78 11.49 37.23
C ILE C 537 24.05 10.68 36.97
N LYS C 538 24.12 10.02 35.81
CA LYS C 538 25.29 9.22 35.47
C LYS C 538 26.56 10.06 35.50
N LYS C 539 26.43 11.36 35.22
CA LYS C 539 27.57 12.25 35.20
C LYS C 539 28.10 12.61 36.58
N GLU C 540 27.57 11.98 37.62
CA GLU C 540 28.03 12.24 38.97
C GLU C 540 28.59 10.99 39.63
N VAL C 541 28.59 9.88 38.90
CA VAL C 541 29.10 8.62 39.42
C VAL C 541 30.61 8.50 39.27
N THR C 542 31.24 7.85 40.24
CA THR C 542 32.68 7.60 40.23
C THR C 542 32.91 6.25 40.92
N PHE C 543 34.03 5.60 40.63
CA PHE C 543 34.32 4.30 41.21
C PHE C 543 34.17 4.16 42.72
N GLU C 544 34.49 5.23 43.46
CA GLU C 544 34.39 5.19 44.93
C GLU C 544 32.96 5.48 45.30
N ASN C 545 32.39 6.45 44.60
CA ASN C 545 31.03 6.91 44.79
C ASN C 545 29.96 5.91 44.35
N PHE C 546 30.30 5.07 43.37
CA PHE C 546 29.37 4.08 42.84
C PHE C 546 29.32 2.81 43.69
N LYS C 547 28.26 2.68 44.48
CA LYS C 547 28.10 1.52 45.35
C LYS C 547 26.68 1.54 45.88
N VAL C 548 26.22 0.41 46.40
CA VAL C 548 24.87 0.34 46.94
C VAL C 548 24.67 1.45 47.95
N GLY C 549 23.54 2.16 47.84
CA GLY C 549 23.27 3.26 48.74
C GLY C 549 23.37 4.60 48.06
N PHE C 550 24.11 4.65 46.96
CA PHE C 550 24.29 5.88 46.19
C PHE C 550 22.90 6.52 45.99
N SER C 551 22.73 7.74 46.48
CA SER C 551 21.45 8.42 46.36
C SER C 551 21.59 9.82 45.80
N ARG C 552 20.50 10.35 45.26
CA ARG C 552 20.52 11.69 44.68
C ARG C 552 19.09 12.09 44.26
N LYS C 553 18.72 13.34 44.52
CA LYS C 553 17.39 13.84 44.16
C LYS C 553 17.48 14.54 42.81
N MET C 554 17.52 13.77 41.73
CA MET C 554 17.62 14.37 40.41
C MET C 554 16.83 13.66 39.33
N LYS C 555 16.05 12.65 39.70
CA LYS C 555 15.27 11.94 38.68
C LYS C 555 13.88 12.52 38.49
N PRO C 556 13.68 13.22 37.37
CA PRO C 556 12.36 13.81 37.08
C PRO C 556 11.30 12.72 37.00
N LYS C 557 10.16 12.96 37.63
CA LYS C 557 9.07 12.00 37.60
C LYS C 557 7.72 12.66 37.39
N PRO C 558 6.90 12.07 36.49
CA PRO C 558 5.56 12.58 36.17
C PRO C 558 4.68 12.68 37.41
N VAL C 559 3.94 13.78 37.49
CA VAL C 559 3.03 14.03 38.62
C VAL C 559 1.79 14.77 38.12
N GLN C 560 0.63 14.11 38.21
CA GLN C 560 -0.62 14.72 37.79
C GLN C 560 -1.01 15.90 38.66
N VAL C 561 -1.28 17.04 38.04
CA VAL C 561 -1.68 18.23 38.74
C VAL C 561 -2.74 18.95 37.91
N PRO C 562 -3.48 19.87 38.52
CA PRO C 562 -4.52 20.59 37.77
C PRO C 562 -3.97 21.16 36.45
N GLY C 563 -4.42 20.61 35.33
CA GLY C 563 -3.96 21.09 34.04
C GLY C 563 -3.25 20.03 33.22
N GLY C 564 -2.43 19.22 33.87
CA GLY C 564 -1.72 18.16 33.15
C GLY C 564 -0.67 17.44 33.97
N VAL C 565 0.54 17.35 33.43
CA VAL C 565 1.63 16.68 34.12
C VAL C 565 2.82 17.59 34.27
N VAL C 566 3.49 17.46 35.41
CA VAL C 566 4.68 18.23 35.72
C VAL C 566 5.71 17.27 36.28
N LEU C 567 6.96 17.43 35.85
CA LEU C 567 8.04 16.57 36.31
C LEU C 567 8.69 17.12 37.57
N VAL C 568 8.69 16.33 38.63
CA VAL C 568 9.29 16.75 39.89
C VAL C 568 10.49 15.87 40.22
N ASP C 569 11.63 16.49 40.49
CA ASP C 569 12.84 15.74 40.80
C ASP C 569 12.67 14.94 42.09
N ASP C 570 12.59 13.62 41.95
CA ASP C 570 12.44 12.74 43.09
C ASP C 570 13.76 12.03 43.39
N THR C 571 13.85 11.47 44.58
CA THR C 571 15.04 10.77 45.03
C THR C 571 15.28 9.46 44.27
N PHE C 572 16.51 9.29 43.79
CA PHE C 572 16.89 8.08 43.08
C PHE C 572 17.98 7.39 43.90
N THR C 573 17.76 6.14 44.28
CA THR C 573 18.75 5.44 45.08
C THR C 573 19.04 4.01 44.60
N ILE C 574 20.31 3.62 44.69
CA ILE C 574 20.73 2.28 44.31
C ILE C 574 20.44 1.39 45.51
N LYS C 575 19.49 0.48 45.35
CA LYS C 575 19.11 -0.42 46.43
C LYS C 575 19.46 -1.88 46.14
N PRO D 5 -21.92 5.81 92.60
CA PRO D 5 -22.14 4.64 91.72
C PRO D 5 -23.42 4.84 90.93
N ARG D 6 -23.30 4.83 89.60
CA ARG D 6 -24.45 5.03 88.72
C ARG D 6 -25.40 3.84 88.68
N LYS D 7 -26.69 4.13 88.79
CA LYS D 7 -27.70 3.09 88.72
C LYS D 7 -27.85 2.68 87.26
N MET D 8 -28.42 1.51 87.03
CA MET D 8 -28.62 1.00 85.68
C MET D 8 -30.09 0.60 85.52
N TYR D 9 -30.66 0.91 84.36
CA TYR D 9 -32.05 0.57 84.12
C TYR D 9 -32.26 -0.14 82.78
N SER D 10 -33.26 -1.01 82.78
CA SER D 10 -33.68 -1.78 81.62
C SER D 10 -34.92 -1.05 81.08
N CYS D 11 -34.89 -0.65 79.82
CA CYS D 11 -35.99 0.11 79.24
C CYS D 11 -36.52 -0.44 77.92
N ALA D 12 -37.71 0.03 77.54
CA ALA D 12 -38.35 -0.36 76.28
C ALA D 12 -39.40 0.66 75.86
N PHE D 13 -39.65 0.67 74.57
CA PHE D 13 -40.62 1.54 73.99
C PHE D 13 -41.61 0.71 73.18
N GLU D 14 -42.86 1.13 73.25
CA GLU D 14 -43.88 0.58 72.38
C GLU D 14 -44.20 1.75 71.49
N THR D 15 -44.13 1.56 70.16
CA THR D 15 -44.36 2.67 69.21
C THR D 15 -45.44 2.33 68.15
N THR D 16 -45.93 3.39 67.50
CA THR D 16 -46.95 3.25 66.47
C THR D 16 -46.35 2.96 65.11
N THR D 17 -47.17 2.37 64.23
CA THR D 17 -46.75 2.00 62.89
C THR D 17 -47.12 3.01 61.80
N LYS D 18 -47.90 4.02 62.17
CA LYS D 18 -48.34 5.05 61.22
C LYS D 18 -47.19 5.92 60.68
N VAL D 19 -46.89 5.76 59.40
CA VAL D 19 -45.82 6.54 58.78
C VAL D 19 -46.04 8.03 58.93
N GLU D 20 -47.30 8.44 59.06
CA GLU D 20 -47.62 9.86 59.20
C GLU D 20 -47.93 10.22 60.64
N ASP D 21 -47.79 9.25 61.53
CA ASP D 21 -48.07 9.45 62.95
C ASP D 21 -47.23 8.45 63.76
N CYS D 22 -45.92 8.59 63.64
CA CYS D 22 -44.95 7.72 64.30
C CYS D 22 -44.58 8.26 65.68
N ARG D 23 -45.01 7.58 66.73
CA ARG D 23 -44.71 8.04 68.08
C ARG D 23 -44.72 6.95 69.14
N VAL D 24 -44.22 7.31 70.31
CA VAL D 24 -44.17 6.42 71.46
C VAL D 24 -45.49 6.45 72.20
N TRP D 25 -46.15 5.29 72.33
CA TRP D 25 -47.41 5.24 73.06
C TRP D 25 -47.21 4.64 74.44
N ALA D 26 -46.11 3.92 74.63
CA ALA D 26 -45.79 3.31 75.91
C ALA D 26 -44.30 3.25 76.15
N TYR D 27 -43.90 3.45 77.40
CA TYR D 27 -42.50 3.39 77.77
C TYR D 27 -42.42 2.57 79.06
N GLY D 28 -41.26 1.99 79.32
CA GLY D 28 -41.08 1.22 80.53
C GLY D 28 -39.64 1.26 80.99
N TYR D 29 -39.41 1.37 82.30
CA TYR D 29 -38.06 1.35 82.81
C TYR D 29 -38.02 0.58 84.12
N MET D 30 -36.92 -0.14 84.35
CA MET D 30 -36.77 -0.92 85.55
C MET D 30 -35.33 -0.96 86.05
N ASN D 31 -35.17 -0.72 87.35
CA ASN D 31 -33.86 -0.75 87.97
C ASN D 31 -33.34 -2.19 87.91
N ILE D 32 -32.22 -2.37 87.24
CA ILE D 32 -31.60 -3.68 87.07
C ILE D 32 -31.19 -4.31 88.42
N GLU D 33 -30.80 -3.47 89.36
CA GLU D 33 -30.40 -3.95 90.67
C GLU D 33 -31.55 -4.04 91.66
N ASP D 34 -32.71 -3.52 91.30
CA ASP D 34 -33.88 -3.56 92.16
C ASP D 34 -35.16 -3.53 91.30
N HIS D 35 -35.59 -4.71 90.90
CA HIS D 35 -36.76 -4.89 90.04
C HIS D 35 -38.07 -4.32 90.58
N SER D 36 -38.10 -3.90 91.84
CA SER D 36 -39.33 -3.33 92.39
C SER D 36 -39.41 -1.86 92.02
N GLU D 37 -38.27 -1.27 91.65
CA GLU D 37 -38.22 0.14 91.23
C GLU D 37 -38.38 0.18 89.72
N TYR D 38 -39.59 0.44 89.24
CA TYR D 38 -39.83 0.48 87.82
C TYR D 38 -41.05 1.33 87.56
N LYS D 39 -41.29 1.65 86.29
CA LYS D 39 -42.44 2.44 85.93
C LYS D 39 -42.82 2.25 84.48
N ILE D 40 -44.13 2.26 84.22
CA ILE D 40 -44.65 2.12 82.88
C ILE D 40 -45.58 3.30 82.64
N GLY D 41 -45.32 4.07 81.60
CA GLY D 41 -46.13 5.23 81.29
C GLY D 41 -46.44 5.33 79.80
N ASN D 42 -47.19 6.35 79.43
CA ASN D 42 -47.57 6.52 78.03
C ASN D 42 -47.16 7.86 77.41
N SER D 43 -46.15 8.51 77.98
CA SER D 43 -45.68 9.78 77.46
C SER D 43 -44.17 9.86 77.31
N LEU D 44 -43.69 9.95 76.07
CA LEU D 44 -42.25 10.05 75.82
C LEU D 44 -41.68 11.29 76.52
N ASP D 45 -42.49 12.33 76.65
CA ASP D 45 -42.06 13.57 77.31
C ASP D 45 -41.83 13.35 78.80
N GLU D 46 -42.69 12.53 79.39
CA GLU D 46 -42.61 12.21 80.82
C GLU D 46 -41.36 11.36 81.07
N PHE D 47 -41.07 10.48 80.11
CA PHE D 47 -39.91 9.61 80.18
C PHE D 47 -38.60 10.37 80.01
N MET D 48 -38.57 11.30 79.05
CA MET D 48 -37.36 12.07 78.79
C MET D 48 -37.03 13.02 79.94
N ALA D 49 -38.06 13.52 80.60
CA ALA D 49 -37.85 14.41 81.74
C ALA D 49 -37.10 13.60 82.78
N TRP D 50 -37.51 12.34 82.94
CA TRP D 50 -36.88 11.42 83.88
C TRP D 50 -35.43 11.15 83.44
N VAL D 51 -35.25 10.87 82.15
CA VAL D 51 -33.93 10.60 81.61
C VAL D 51 -32.95 11.72 81.95
N LEU D 52 -33.38 12.96 81.75
CA LEU D 52 -32.52 14.11 81.98
C LEU D 52 -32.11 14.29 83.44
N LYS D 53 -32.86 13.69 84.35
CA LYS D 53 -32.57 13.84 85.77
C LYS D 53 -31.97 12.64 86.51
N VAL D 54 -32.17 11.42 86.00
CA VAL D 54 -31.62 10.24 86.69
C VAL D 54 -30.11 10.10 86.73
N GLN D 55 -29.40 10.72 85.77
CA GLN D 55 -27.93 10.59 85.75
C GLN D 55 -27.57 9.10 85.85
N ALA D 56 -28.13 8.28 84.97
CA ALA D 56 -27.86 6.84 85.05
C ALA D 56 -27.47 6.24 83.70
N ASP D 57 -27.35 4.92 83.68
CA ASP D 57 -27.03 4.18 82.48
C ASP D 57 -28.31 3.41 82.12
N LEU D 58 -28.90 3.73 80.97
CA LEU D 58 -30.12 3.09 80.52
C LEU D 58 -29.77 2.07 79.45
N TYR D 59 -30.52 0.98 79.40
CA TYR D 59 -30.30 -0.07 78.41
C TYR D 59 -31.56 -0.39 77.62
N PHE D 60 -31.47 -0.28 76.29
CA PHE D 60 -32.58 -0.63 75.41
C PHE D 60 -32.12 -1.84 74.62
N HIS D 61 -33.02 -2.80 74.41
CA HIS D 61 -32.68 -3.98 73.64
C HIS D 61 -33.05 -3.72 72.17
N ASN D 62 -32.05 -3.23 71.44
CA ASN D 62 -32.10 -2.83 70.03
C ASN D 62 -32.20 -1.30 69.98
N LEU D 63 -31.15 -0.66 70.49
CA LEU D 63 -31.06 0.79 70.56
C LEU D 63 -31.22 1.48 69.20
N LYS D 64 -31.04 0.74 68.12
CA LYS D 64 -31.18 1.29 66.77
C LYS D 64 -32.60 1.81 66.57
N PHE D 65 -33.57 1.04 67.05
CA PHE D 65 -34.97 1.40 66.94
C PHE D 65 -35.35 2.54 67.90
N ALA D 66 -35.29 2.26 69.19
CA ALA D 66 -35.63 3.24 70.22
C ALA D 66 -34.81 4.53 70.14
N GLY D 67 -33.53 4.39 69.79
CA GLY D 67 -32.65 5.54 69.69
C GLY D 67 -33.11 6.60 68.70
N ALA D 68 -33.81 6.19 67.65
CA ALA D 68 -34.30 7.13 66.66
C ALA D 68 -35.38 8.00 67.29
N PHE D 69 -36.15 7.44 68.20
CA PHE D 69 -37.19 8.21 68.87
C PHE D 69 -36.54 9.12 69.90
N ILE D 70 -35.46 8.66 70.51
CA ILE D 70 -34.78 9.46 71.49
C ILE D 70 -34.10 10.67 70.85
N ILE D 71 -33.33 10.45 69.77
CA ILE D 71 -32.66 11.56 69.10
C ILE D 71 -33.70 12.57 68.60
N ASN D 72 -34.77 12.07 67.99
CA ASN D 72 -35.83 12.94 67.50
C ASN D 72 -36.34 13.88 68.58
N TRP D 73 -36.52 13.35 69.79
CA TRP D 73 -37.00 14.17 70.90
C TRP D 73 -35.95 15.21 71.27
N LEU D 74 -34.72 14.74 71.49
CA LEU D 74 -33.60 15.61 71.85
C LEU D 74 -33.42 16.76 70.86
N GLU D 75 -33.55 16.48 69.56
CA GLU D 75 -33.39 17.49 68.53
C GLU D 75 -34.47 18.58 68.60
N ARG D 76 -35.62 18.23 69.14
CA ARG D 76 -36.72 19.19 69.24
C ARG D 76 -36.89 19.76 70.64
N ASN D 77 -35.89 19.54 71.49
CA ASN D 77 -35.99 20.01 72.86
C ASN D 77 -34.72 20.63 73.40
N GLY D 78 -34.04 21.42 72.59
CA GLY D 78 -32.85 22.14 73.03
C GLY D 78 -31.50 21.40 72.98
N PHE D 79 -31.44 20.24 72.36
CA PHE D 79 -30.16 19.55 72.25
C PHE D 79 -29.71 19.47 70.81
N LYS D 80 -28.41 19.39 70.61
CA LYS D 80 -27.80 19.23 69.29
C LYS D 80 -26.63 18.28 69.49
N TRP D 81 -26.17 17.64 68.42
CA TRP D 81 -25.07 16.68 68.52
C TRP D 81 -23.73 17.37 68.79
N SER D 82 -22.86 16.67 69.52
CA SER D 82 -21.55 17.19 69.85
C SER D 82 -20.70 16.09 70.47
N ALA D 83 -19.48 15.95 69.98
CA ALA D 83 -18.57 14.94 70.49
C ALA D 83 -17.72 15.47 71.65
N ASP D 84 -17.86 16.75 71.94
CA ASP D 84 -17.07 17.36 73.01
C ASP D 84 -17.72 17.29 74.38
N GLY D 85 -19.00 16.97 74.43
CA GLY D 85 -19.68 16.88 75.71
C GLY D 85 -19.97 18.23 76.34
N LEU D 86 -20.60 19.11 75.57
CA LEU D 86 -20.96 20.44 76.04
C LEU D 86 -22.36 20.41 76.64
N PRO D 87 -22.69 21.38 77.50
CA PRO D 87 -24.03 21.39 78.10
C PRO D 87 -25.11 21.33 77.03
N ASN D 88 -26.21 20.63 77.34
CA ASN D 88 -27.31 20.48 76.41
C ASN D 88 -26.98 19.95 75.02
N THR D 89 -26.04 19.02 74.98
CA THR D 89 -25.65 18.37 73.72
C THR D 89 -25.58 16.88 74.05
N TYR D 90 -25.56 16.05 73.01
CA TYR D 90 -25.47 14.61 73.21
C TYR D 90 -24.46 14.05 72.22
N ASN D 91 -23.75 13.00 72.65
CA ASN D 91 -22.78 12.35 71.80
C ASN D 91 -23.33 10.96 71.47
N THR D 92 -22.89 10.39 70.35
CA THR D 92 -23.35 9.06 69.97
C THR D 92 -22.20 8.23 69.45
N ILE D 93 -22.42 6.91 69.44
CA ILE D 93 -21.47 5.97 68.89
C ILE D 93 -22.26 5.09 67.98
N ILE D 94 -22.31 5.49 66.71
CA ILE D 94 -23.05 4.79 65.67
C ILE D 94 -22.04 4.53 64.55
N SER D 95 -21.89 3.28 64.14
CA SER D 95 -20.90 2.95 63.10
C SER D 95 -21.34 3.29 61.68
N ARG D 96 -20.37 3.25 60.75
CA ARG D 96 -20.62 3.52 59.35
C ARG D 96 -21.73 2.61 58.84
N MET D 97 -21.65 1.35 59.24
CA MET D 97 -22.61 0.35 58.82
C MET D 97 -23.94 0.45 59.55
N GLY D 98 -24.06 1.45 60.42
CA GLY D 98 -25.31 1.64 61.14
C GLY D 98 -25.57 0.80 62.38
N GLN D 99 -24.54 0.57 63.18
CA GLN D 99 -24.71 -0.17 64.41
C GLN D 99 -24.62 0.79 65.58
N TRP D 100 -25.70 0.89 66.36
CA TRP D 100 -25.74 1.80 67.51
C TRP D 100 -25.18 1.17 68.78
N TYR D 101 -24.35 1.91 69.49
CA TYR D 101 -23.76 1.41 70.72
C TYR D 101 -24.07 2.35 71.89
N MET D 102 -24.12 3.65 71.63
CA MET D 102 -24.33 4.59 72.72
C MET D 102 -24.87 5.98 72.36
N ILE D 103 -25.63 6.53 73.31
CA ILE D 103 -26.16 7.88 73.22
C ILE D 103 -25.87 8.48 74.58
N ASP D 104 -24.98 9.47 74.63
CA ASP D 104 -24.60 10.13 75.88
C ASP D 104 -25.17 11.55 75.90
N ILE D 105 -26.20 11.76 76.72
CA ILE D 105 -26.87 13.05 76.83
C ILE D 105 -26.23 13.87 77.97
N CYS D 106 -25.66 15.02 77.61
CA CYS D 106 -25.01 15.87 78.61
C CYS D 106 -25.80 17.14 78.94
N LEU D 107 -26.10 17.31 80.22
CA LEU D 107 -26.84 18.48 80.69
C LEU D 107 -25.89 19.61 81.08
N GLY D 108 -24.75 19.24 81.66
CA GLY D 108 -23.79 20.24 82.07
C GLY D 108 -22.78 19.69 83.06
N TYR D 109 -22.19 20.57 83.85
CA TYR D 109 -21.20 20.13 84.83
C TYR D 109 -21.37 20.82 86.19
N LYS D 110 -20.93 20.11 87.23
CA LYS D 110 -20.92 20.61 88.59
C LYS D 110 -19.48 20.58 88.97
N GLY D 111 -18.74 21.60 88.54
CA GLY D 111 -17.32 21.63 88.82
C GLY D 111 -16.66 20.82 87.71
N LYS D 112 -16.07 19.70 88.07
CA LYS D 112 -15.42 18.86 87.08
C LYS D 112 -16.25 17.60 86.82
N ARG D 113 -17.34 17.45 87.57
CA ARG D 113 -18.21 16.28 87.44
C ARG D 113 -19.25 16.44 86.33
N LYS D 114 -19.24 15.50 85.38
CA LYS D 114 -20.18 15.53 84.26
C LYS D 114 -21.57 15.02 84.66
N ILE D 115 -22.56 15.88 84.46
CA ILE D 115 -23.95 15.54 84.76
C ILE D 115 -24.57 15.02 83.46
N HIS D 116 -24.69 13.71 83.35
CA HIS D 116 -25.22 13.09 82.13
C HIS D 116 -25.90 11.75 82.34
N THR D 117 -26.59 11.30 81.31
CA THR D 117 -27.25 10.01 81.31
C THR D 117 -26.81 9.33 80.02
N VAL D 118 -26.32 8.10 80.13
CA VAL D 118 -25.86 7.36 78.96
C VAL D 118 -26.82 6.22 78.64
N ILE D 119 -27.09 6.05 77.36
CA ILE D 119 -27.99 5.00 76.90
C ILE D 119 -27.23 3.99 76.04
N TYR D 120 -27.34 2.71 76.40
CA TYR D 120 -26.65 1.65 75.69
C TYR D 120 -27.59 0.64 75.04
N ASP D 121 -27.02 -0.17 74.15
CA ASP D 121 -27.76 -1.21 73.48
C ASP D 121 -27.43 -2.54 74.16
N SER D 122 -28.40 -3.12 74.86
CA SER D 122 -28.16 -4.39 75.55
C SER D 122 -28.03 -5.55 74.56
N LEU D 123 -28.44 -5.32 73.32
CA LEU D 123 -28.33 -6.36 72.30
C LEU D 123 -26.84 -6.61 71.98
N LYS D 124 -25.99 -5.63 72.31
CA LYS D 124 -24.55 -5.76 72.08
C LYS D 124 -23.93 -6.66 73.16
N LYS D 125 -24.51 -6.63 74.37
CA LYS D 125 -24.02 -7.47 75.48
C LYS D 125 -24.68 -8.85 75.48
N LEU D 126 -25.92 -8.90 75.00
CA LEU D 126 -26.68 -10.14 74.93
C LEU D 126 -27.21 -10.20 73.49
N PRO D 127 -26.42 -10.77 72.58
CA PRO D 127 -26.78 -10.88 71.17
C PRO D 127 -27.84 -11.90 70.76
N PHE D 128 -29.05 -11.73 71.27
CA PHE D 128 -30.19 -12.59 70.94
C PHE D 128 -31.45 -11.80 71.23
N PRO D 129 -32.55 -12.12 70.53
CA PRO D 129 -33.85 -11.45 70.73
C PRO D 129 -34.35 -11.77 72.13
N VAL D 130 -35.15 -10.87 72.70
CA VAL D 130 -35.69 -11.09 74.06
C VAL D 130 -36.37 -12.45 74.21
N LYS D 131 -37.13 -12.85 73.20
CA LYS D 131 -37.80 -14.14 73.23
C LYS D 131 -36.81 -15.30 73.36
N LYS D 132 -35.72 -15.24 72.59
CA LYS D 132 -34.74 -16.31 72.62
C LYS D 132 -34.00 -16.34 73.95
N ILE D 133 -33.62 -15.17 74.44
CA ILE D 133 -32.94 -15.09 75.73
C ILE D 133 -33.80 -15.75 76.81
N ALA D 134 -35.06 -15.33 76.90
CA ALA D 134 -35.97 -15.86 77.89
C ALA D 134 -36.05 -17.39 77.82
N LYS D 135 -36.22 -17.89 76.60
CA LYS D 135 -36.32 -19.31 76.37
C LYS D 135 -35.05 -20.08 76.69
N ASP D 136 -33.92 -19.68 76.11
CA ASP D 136 -32.67 -20.38 76.39
C ASP D 136 -32.17 -20.18 77.81
N PHE D 137 -32.43 -19.01 78.37
CA PHE D 137 -32.00 -18.70 79.73
C PHE D 137 -33.06 -19.20 80.73
N LYS D 138 -34.17 -19.70 80.20
CA LYS D 138 -35.25 -20.21 81.04
C LYS D 138 -35.72 -19.13 82.01
N LEU D 139 -36.14 -18.00 81.45
CA LEU D 139 -36.65 -16.89 82.25
C LEU D 139 -38.12 -16.82 81.89
N THR D 140 -38.97 -16.54 82.85
CA THR D 140 -40.40 -16.47 82.60
C THR D 140 -40.71 -15.50 81.47
N VAL D 141 -41.45 -15.97 80.48
CA VAL D 141 -41.84 -15.13 79.36
C VAL D 141 -43.29 -15.44 78.97
N LEU D 142 -44.11 -14.41 78.93
CA LEU D 142 -45.51 -14.57 78.58
C LEU D 142 -45.68 -14.94 77.11
N LYS D 143 -46.62 -15.83 76.83
CA LYS D 143 -46.88 -16.24 75.46
C LYS D 143 -47.71 -15.15 74.78
N GLY D 144 -47.54 -15.02 73.46
CA GLY D 144 -48.29 -14.01 72.72
C GLY D 144 -47.57 -12.67 72.67
N ASP D 145 -48.18 -11.70 72.02
CA ASP D 145 -47.58 -10.36 71.90
C ASP D 145 -48.67 -9.30 71.95
N ILE D 146 -48.23 -8.05 71.88
CA ILE D 146 -49.15 -6.91 71.88
C ILE D 146 -49.52 -6.73 70.40
N ASP D 147 -50.80 -6.57 70.10
CA ASP D 147 -51.18 -6.38 68.71
C ASP D 147 -50.84 -4.96 68.28
N TYR D 148 -49.82 -4.83 67.44
CA TYR D 148 -49.33 -3.54 66.98
C TYR D 148 -50.27 -2.77 66.06
N HIS D 149 -51.22 -3.48 65.43
CA HIS D 149 -52.15 -2.83 64.52
C HIS D 149 -53.16 -1.93 65.23
N LYS D 150 -53.62 -2.37 66.40
CA LYS D 150 -54.58 -1.65 67.23
C LYS D 150 -54.37 -0.12 67.20
N GLU D 151 -55.48 0.62 67.10
CA GLU D 151 -55.41 2.07 67.07
C GLU D 151 -55.13 2.63 68.46
N ARG D 152 -54.08 3.44 68.57
CA ARG D 152 -53.71 4.05 69.85
C ARG D 152 -53.41 5.54 69.67
N PRO D 153 -54.36 6.40 70.05
CA PRO D 153 -54.21 7.85 69.95
C PRO D 153 -53.39 8.45 71.09
N VAL D 154 -52.97 9.69 70.94
CA VAL D 154 -52.20 10.35 71.98
C VAL D 154 -53.02 10.28 73.28
N GLY D 155 -52.37 9.92 74.38
CA GLY D 155 -53.07 9.81 75.64
C GLY D 155 -53.71 8.45 75.82
N TYR D 156 -53.55 7.58 74.82
CA TYR D 156 -54.11 6.23 74.87
C TYR D 156 -53.82 5.63 76.25
N LYS D 157 -54.81 4.94 76.80
CA LYS D 157 -54.69 4.33 78.12
C LYS D 157 -54.14 2.92 77.98
N ILE D 158 -53.05 2.64 78.68
CA ILE D 158 -52.44 1.32 78.62
C ILE D 158 -53.26 0.32 79.42
N THR D 159 -53.65 -0.77 78.77
CA THR D 159 -54.44 -1.83 79.39
C THR D 159 -53.57 -2.75 80.25
N PRO D 160 -54.19 -3.48 81.18
CA PRO D 160 -53.45 -4.40 82.07
C PRO D 160 -52.62 -5.43 81.32
N GLU D 161 -53.11 -5.88 80.16
CA GLU D 161 -52.37 -6.86 79.39
C GLU D 161 -51.10 -6.24 78.83
N GLU D 162 -51.25 -5.06 78.22
CA GLU D 162 -50.12 -4.35 77.63
C GLU D 162 -49.05 -4.06 78.68
N TYR D 163 -49.52 -3.64 79.85
CA TYR D 163 -48.67 -3.34 80.97
C TYR D 163 -47.83 -4.57 81.33
N ALA D 164 -48.48 -5.73 81.42
CA ALA D 164 -47.80 -6.96 81.77
C ALA D 164 -46.73 -7.34 80.75
N TYR D 165 -47.03 -7.16 79.45
CA TYR D 165 -46.07 -7.49 78.40
C TYR D 165 -44.85 -6.58 78.47
N ILE D 166 -45.09 -5.30 78.75
CA ILE D 166 -43.99 -4.35 78.84
C ILE D 166 -43.11 -4.66 80.05
N LYS D 167 -43.74 -4.96 81.18
CA LYS D 167 -42.97 -5.25 82.38
C LYS D 167 -42.13 -6.50 82.16
N ASN D 168 -42.77 -7.54 81.61
CA ASN D 168 -42.09 -8.80 81.35
C ASN D 168 -40.87 -8.60 80.45
N ASP D 169 -41.02 -7.82 79.40
CA ASP D 169 -39.91 -7.58 78.47
C ASP D 169 -38.69 -6.95 79.13
N ILE D 170 -38.89 -5.86 79.86
CA ILE D 170 -37.78 -5.18 80.50
C ILE D 170 -37.21 -6.00 81.67
N GLN D 171 -38.03 -6.84 82.28
CA GLN D 171 -37.56 -7.63 83.41
C GLN D 171 -36.70 -8.81 82.94
N ILE D 172 -37.02 -9.36 81.78
CA ILE D 172 -36.25 -10.46 81.23
C ILE D 172 -34.81 -9.96 81.01
N ILE D 173 -34.68 -8.80 80.38
CA ILE D 173 -33.36 -8.23 80.13
C ILE D 173 -32.65 -7.83 81.42
N ALA D 174 -33.40 -7.33 82.39
CA ALA D 174 -32.81 -6.93 83.67
C ALA D 174 -32.19 -8.14 84.37
N GLU D 175 -32.91 -9.26 84.38
CA GLU D 175 -32.40 -10.47 85.02
C GLU D 175 -31.12 -10.95 84.37
N ALA D 176 -31.07 -10.92 83.04
CA ALA D 176 -29.90 -11.36 82.29
C ALA D 176 -28.71 -10.42 82.53
N LEU D 177 -28.94 -9.12 82.36
CA LEU D 177 -27.88 -8.13 82.58
C LEU D 177 -27.29 -8.21 83.98
N LEU D 178 -28.16 -8.31 85.00
CA LEU D 178 -27.71 -8.36 86.39
C LEU D 178 -26.69 -9.48 86.64
N ILE D 179 -26.90 -10.64 86.04
CA ILE D 179 -25.97 -11.74 86.23
C ILE D 179 -24.58 -11.31 85.74
N GLN D 180 -24.54 -10.60 84.62
CA GLN D 180 -23.28 -10.13 84.05
C GLN D 180 -22.60 -9.08 84.94
N PHE D 181 -23.35 -8.04 85.32
CA PHE D 181 -22.80 -6.98 86.17
C PHE D 181 -22.30 -7.45 87.52
N LYS D 182 -22.98 -8.42 88.12
CA LYS D 182 -22.55 -8.92 89.42
C LYS D 182 -21.16 -9.54 89.39
N GLN D 183 -20.71 -9.96 88.21
CA GLN D 183 -19.41 -10.57 88.10
C GLN D 183 -18.38 -9.57 87.59
N GLY D 184 -18.77 -8.31 87.46
CA GLY D 184 -17.85 -7.30 86.96
C GLY D 184 -17.80 -7.17 85.44
N LEU D 185 -18.61 -7.96 84.75
CA LEU D 185 -18.66 -7.93 83.29
C LEU D 185 -19.54 -6.74 82.91
N ASP D 186 -18.92 -5.56 82.94
CA ASP D 186 -19.61 -4.29 82.67
C ASP D 186 -19.22 -3.60 81.38
N ARG D 187 -18.92 -4.37 80.34
CA ARG D 187 -18.53 -3.75 79.09
C ARG D 187 -19.71 -3.56 78.16
N MET D 188 -19.48 -2.83 77.09
CA MET D 188 -20.51 -2.54 76.11
C MET D 188 -20.88 -3.75 75.26
N THR D 189 -19.92 -4.64 75.02
CA THR D 189 -20.17 -5.80 74.17
C THR D 189 -19.75 -7.13 74.79
N ALA D 190 -20.34 -8.22 74.29
CA ALA D 190 -20.04 -9.56 74.75
C ALA D 190 -18.55 -9.82 74.57
N GLY D 191 -18.03 -9.41 73.41
CA GLY D 191 -16.61 -9.58 73.13
C GLY D 191 -15.71 -8.93 74.16
N SER D 192 -16.03 -7.71 74.55
CA SER D 192 -15.22 -7.03 75.55
C SER D 192 -15.39 -7.66 76.93
N ASP D 193 -16.58 -8.23 77.19
CA ASP D 193 -16.83 -8.89 78.46
C ASP D 193 -15.97 -10.15 78.52
N SER D 194 -15.89 -10.88 77.40
CA SER D 194 -15.04 -12.07 77.37
C SER D 194 -13.61 -11.64 77.59
N LEU D 195 -13.20 -10.56 76.94
CA LEU D 195 -11.82 -10.08 77.07
C LEU D 195 -11.51 -9.75 78.52
N LYS D 196 -12.40 -9.00 79.17
CA LYS D 196 -12.17 -8.64 80.57
C LYS D 196 -12.08 -9.93 81.39
N GLY D 197 -12.94 -10.88 81.09
CA GLY D 197 -12.91 -12.15 81.82
C GLY D 197 -11.61 -12.89 81.61
N PHE D 198 -11.10 -12.84 80.38
CA PHE D 198 -9.84 -13.50 80.06
C PHE D 198 -8.68 -12.85 80.85
N LYS D 199 -8.68 -11.53 80.93
CA LYS D 199 -7.63 -10.84 81.65
C LYS D 199 -7.75 -11.14 83.16
N ASP D 200 -8.97 -11.28 83.64
CA ASP D 200 -9.18 -11.55 85.06
C ASP D 200 -8.52 -12.87 85.44
N ILE D 201 -8.34 -13.78 84.48
CA ILE D 201 -7.72 -15.05 84.79
C ILE D 201 -6.21 -15.10 84.55
N ILE D 202 -5.74 -14.49 83.46
CA ILE D 202 -4.30 -14.51 83.18
C ILE D 202 -3.60 -13.24 83.64
N THR D 203 -4.37 -12.31 84.20
CA THR D 203 -3.89 -11.02 84.71
C THR D 203 -3.58 -10.06 83.57
N THR D 204 -3.86 -8.78 83.80
CA THR D 204 -3.61 -7.76 82.79
C THR D 204 -2.11 -7.57 82.53
N LYS D 205 -1.29 -7.85 83.53
CA LYS D 205 0.15 -7.71 83.37
C LYS D 205 0.63 -8.66 82.27
N LYS D 206 0.23 -9.92 82.39
CA LYS D 206 0.61 -10.94 81.42
C LYS D 206 0.04 -10.64 80.03
N PHE D 207 -1.13 -10.00 80.00
CA PHE D 207 -1.77 -9.68 78.73
C PHE D 207 -0.94 -8.69 77.92
N LYS D 208 -0.54 -7.59 78.56
CA LYS D 208 0.25 -6.57 77.90
C LYS D 208 1.61 -7.10 77.46
N LYS D 209 2.10 -8.11 78.16
CA LYS D 209 3.40 -8.70 77.83
C LYS D 209 3.33 -9.63 76.61
N VAL D 210 2.33 -10.52 76.58
CA VAL D 210 2.21 -11.47 75.47
C VAL D 210 1.44 -10.97 74.25
N PHE D 211 0.58 -9.96 74.42
CA PHE D 211 -0.20 -9.44 73.31
C PHE D 211 0.04 -7.95 73.13
N PRO D 212 1.25 -7.57 72.70
CA PRO D 212 1.55 -6.15 72.51
C PRO D 212 0.73 -5.50 71.40
N THR D 213 0.71 -4.17 71.40
CA THR D 213 0.00 -3.43 70.38
C THR D 213 0.93 -3.31 69.19
N LEU D 214 0.43 -3.65 68.00
CA LEU D 214 1.25 -3.59 66.80
C LEU D 214 1.04 -2.26 66.08
N SER D 215 1.99 -1.89 65.23
CA SER D 215 1.87 -0.66 64.48
C SER D 215 0.67 -0.89 63.56
N LEU D 216 -0.14 0.14 63.36
CA LEU D 216 -1.31 0.02 62.50
C LEU D 216 -0.89 -0.47 61.12
N GLY D 217 0.32 -0.12 60.70
CA GLY D 217 0.81 -0.53 59.40
C GLY D 217 1.17 -2.01 59.33
N LEU D 218 1.46 -2.59 60.47
CA LEU D 218 1.83 -4.01 60.57
C LEU D 218 0.54 -4.81 60.79
N ASP D 219 -0.39 -4.22 61.55
CA ASP D 219 -1.67 -4.87 61.83
C ASP D 219 -2.47 -4.94 60.53
N LYS D 220 -2.19 -3.99 59.63
CA LYS D 220 -2.87 -3.93 58.35
C LYS D 220 -2.44 -5.10 57.48
N GLU D 221 -1.17 -5.49 57.57
CA GLU D 221 -0.66 -6.60 56.79
C GLU D 221 -1.17 -7.93 57.35
N VAL D 222 -1.16 -8.06 58.68
CA VAL D 222 -1.64 -9.28 59.31
C VAL D 222 -3.10 -9.50 58.94
N ARG D 223 -3.84 -8.40 58.86
CA ARG D 223 -5.27 -8.46 58.53
C ARG D 223 -5.51 -9.05 57.14
N TYR D 224 -4.56 -8.84 56.23
CA TYR D 224 -4.67 -9.39 54.88
C TYR D 224 -4.86 -10.91 54.93
N ALA D 225 -4.35 -11.54 55.98
CA ALA D 225 -4.46 -13.00 56.09
C ALA D 225 -5.65 -13.46 56.95
N TYR D 226 -6.47 -12.51 57.38
CA TYR D 226 -7.63 -12.85 58.18
C TYR D 226 -8.80 -13.21 57.26
N ARG D 227 -9.58 -14.18 57.68
CA ARG D 227 -10.74 -14.62 56.92
C ARG D 227 -11.70 -15.26 57.91
N GLY D 228 -12.97 -15.38 57.53
CA GLY D 228 -13.96 -15.97 58.42
C GLY D 228 -14.07 -17.48 58.30
N GLY D 229 -15.26 -18.02 58.53
CA GLY D 229 -15.44 -19.45 58.43
C GLY D 229 -15.51 -19.93 56.99
N PHE D 230 -15.45 -21.24 56.83
CA PHE D 230 -15.50 -21.87 55.51
C PHE D 230 -16.93 -22.34 55.22
N THR D 231 -17.57 -21.66 54.28
CA THR D 231 -18.93 -22.00 53.89
C THR D 231 -18.88 -22.28 52.39
N TRP D 232 -19.14 -23.52 52.03
CA TRP D 232 -19.08 -23.90 50.63
C TRP D 232 -20.11 -24.95 50.24
N LEU D 233 -20.70 -24.77 49.06
CA LEU D 233 -21.68 -25.71 48.53
C LEU D 233 -21.09 -26.43 47.33
N ASN D 234 -21.12 -27.76 47.38
CA ASN D 234 -20.60 -28.58 46.30
C ASN D 234 -21.52 -28.39 45.07
N ASP D 235 -20.96 -27.88 43.98
CA ASP D 235 -21.75 -27.63 42.75
C ASP D 235 -22.50 -28.88 42.29
N ARG D 236 -21.88 -30.03 42.51
CA ARG D 236 -22.46 -31.31 42.16
C ARG D 236 -23.86 -31.46 42.75
N PHE D 237 -24.19 -30.63 43.75
CA PHE D 237 -25.49 -30.69 44.41
C PHE D 237 -26.33 -29.42 44.31
N LYS D 238 -25.84 -28.41 43.59
CA LYS D 238 -26.55 -27.15 43.46
C LYS D 238 -27.96 -27.20 42.85
N GLU D 239 -28.93 -26.65 43.60
CA GLU D 239 -30.33 -26.57 43.19
C GLU D 239 -30.97 -27.92 42.82
N LYS D 240 -30.63 -28.97 43.56
CA LYS D 240 -31.16 -30.29 43.30
C LYS D 240 -31.73 -30.94 44.56
N GLU D 241 -32.89 -31.58 44.43
CA GLU D 241 -33.50 -32.25 45.57
C GLU D 241 -32.73 -33.55 45.78
N ILE D 242 -32.42 -33.86 47.04
CA ILE D 242 -31.70 -35.08 47.34
C ILE D 242 -32.36 -35.82 48.49
N GLY D 243 -32.00 -37.09 48.66
CA GLY D 243 -32.59 -37.90 49.71
C GLY D 243 -31.91 -37.83 51.06
N GLU D 244 -31.77 -38.99 51.70
CA GLU D 244 -31.17 -39.07 53.02
C GLU D 244 -29.73 -38.56 53.14
N GLY D 245 -29.48 -37.82 54.21
CA GLY D 245 -28.17 -37.27 54.46
C GLY D 245 -28.00 -37.05 55.95
N MET D 246 -26.83 -36.58 56.36
CA MET D 246 -26.57 -36.33 57.78
C MET D 246 -25.69 -35.09 57.96
N VAL D 247 -25.78 -34.51 59.15
CA VAL D 247 -25.02 -33.31 59.48
C VAL D 247 -24.16 -33.49 60.73
N PHE D 248 -22.89 -33.11 60.63
CA PHE D 248 -21.97 -33.19 61.76
C PHE D 248 -21.56 -31.76 62.12
N ASP D 249 -21.57 -31.46 63.43
CA ASP D 249 -21.19 -30.15 63.95
C ASP D 249 -20.07 -30.37 64.96
N VAL D 250 -19.06 -29.50 64.92
CA VAL D 250 -17.95 -29.63 65.85
C VAL D 250 -18.39 -29.13 67.23
N ASN D 251 -18.01 -29.85 68.27
CA ASN D 251 -18.37 -29.46 69.63
C ASN D 251 -17.48 -28.28 70.04
N SER D 252 -18.07 -27.08 70.00
CA SER D 252 -17.39 -25.84 70.37
C SER D 252 -16.14 -25.58 69.52
N LEU D 253 -16.36 -25.35 68.22
CA LEU D 253 -15.29 -25.10 67.26
C LEU D 253 -14.16 -24.15 67.69
N TYR D 254 -14.48 -22.89 67.92
CA TYR D 254 -13.47 -21.93 68.30
C TYR D 254 -12.77 -22.17 69.63
N PRO D 255 -13.53 -22.48 70.69
CA PRO D 255 -12.87 -22.73 71.98
C PRO D 255 -11.97 -23.95 71.87
N ALA D 256 -12.37 -24.86 70.99
CA ALA D 256 -11.60 -26.08 70.77
C ALA D 256 -10.24 -25.73 70.16
N GLN D 257 -10.22 -24.77 69.23
CA GLN D 257 -8.96 -24.38 68.61
C GLN D 257 -8.08 -23.69 69.65
N MET D 258 -8.68 -22.81 70.44
CA MET D 258 -7.94 -22.09 71.47
C MET D 258 -7.39 -22.98 72.56
N TYR D 259 -8.04 -24.10 72.81
CA TYR D 259 -7.57 -24.99 73.85
C TYR D 259 -6.36 -25.84 73.48
N SER D 260 -6.19 -26.24 72.21
CA SER D 260 -5.05 -27.10 71.89
C SER D 260 -4.17 -26.76 70.70
N ARG D 261 -4.56 -25.84 69.83
CA ARG D 261 -3.73 -25.52 68.67
C ARG D 261 -2.58 -24.61 69.03
N LEU D 262 -1.53 -24.67 68.20
CA LEU D 262 -0.37 -23.81 68.38
C LEU D 262 -0.85 -22.41 67.95
N LEU D 263 -0.80 -21.45 68.86
CA LEU D 263 -1.27 -20.09 68.56
C LEU D 263 -0.18 -19.04 68.76
N PRO D 264 -0.27 -17.92 68.05
CA PRO D 264 0.71 -16.84 68.12
C PRO D 264 0.60 -15.82 69.24
N TYR D 265 1.74 -15.23 69.58
CA TYR D 265 1.80 -14.18 70.58
C TYR D 265 3.11 -13.46 70.38
N GLY D 266 3.24 -12.30 71.04
CA GLY D 266 4.46 -11.54 70.94
C GLY D 266 4.61 -10.65 69.73
N GLU D 267 5.76 -9.96 69.68
CA GLU D 267 6.09 -9.07 68.58
C GLU D 267 6.54 -9.92 67.40
N PRO D 268 6.01 -9.63 66.20
CA PRO D 268 6.36 -10.39 64.99
C PRO D 268 7.74 -10.01 64.48
N ILE D 269 8.43 -10.95 63.86
CA ILE D 269 9.73 -10.67 63.27
C ILE D 269 9.55 -10.68 61.76
N VAL D 270 10.06 -9.65 61.10
CA VAL D 270 9.95 -9.54 59.65
C VAL D 270 11.03 -10.35 58.97
N PHE D 271 10.66 -11.04 57.90
CA PHE D 271 11.61 -11.81 57.13
C PHE D 271 11.33 -11.59 55.65
N GLU D 272 12.37 -11.66 54.84
CA GLU D 272 12.26 -11.46 53.40
C GLU D 272 12.31 -12.80 52.70
N GLY D 273 11.66 -12.89 51.54
CA GLY D 273 11.68 -14.14 50.80
C GLY D 273 10.83 -15.23 51.46
N LYS D 274 11.26 -16.47 51.27
CA LYS D 274 10.54 -17.61 51.82
C LYS D 274 10.87 -17.88 53.28
N TYR D 275 9.83 -18.05 54.09
CA TYR D 275 9.98 -18.35 55.51
C TYR D 275 10.92 -19.54 55.64
N VAL D 276 11.80 -19.50 56.62
CA VAL D 276 12.71 -20.62 56.85
C VAL D 276 12.44 -21.15 58.25
N TRP D 277 12.23 -22.46 58.36
CA TRP D 277 11.95 -23.06 59.64
C TRP D 277 12.77 -22.43 60.76
N ASP D 278 12.07 -21.97 61.78
CA ASP D 278 12.69 -21.34 62.94
C ASP D 278 11.92 -21.92 64.12
N GLU D 279 12.54 -22.85 64.83
CA GLU D 279 11.91 -23.51 65.96
C GLU D 279 11.39 -22.48 66.97
N ASP D 280 12.04 -21.33 67.00
CA ASP D 280 11.68 -20.27 67.92
C ASP D 280 10.42 -19.49 67.48
N TYR D 281 10.20 -19.41 66.18
CA TYR D 281 9.05 -18.71 65.62
C TYR D 281 8.42 -19.68 64.64
N PRO D 282 7.68 -20.66 65.17
CA PRO D 282 7.01 -21.69 64.38
C PRO D 282 5.79 -21.31 63.55
N LEU D 283 5.26 -20.12 63.73
CA LEU D 283 4.09 -19.72 62.96
C LEU D 283 4.45 -18.54 62.09
N HIS D 284 3.78 -18.42 60.95
CA HIS D 284 4.07 -17.29 60.10
C HIS D 284 2.97 -17.02 59.07
N ILE D 285 2.98 -15.80 58.62
CA ILE D 285 2.10 -15.28 57.60
C ILE D 285 3.05 -14.99 56.46
N GLN D 286 2.85 -15.66 55.32
CA GLN D 286 3.72 -15.47 54.17
C GLN D 286 3.05 -14.65 53.08
N HIS D 287 3.80 -13.75 52.47
CA HIS D 287 3.27 -12.96 51.38
C HIS D 287 3.76 -13.63 50.08
N ILE D 288 2.83 -14.06 49.24
CA ILE D 288 3.24 -14.69 47.99
C ILE D 288 2.38 -14.32 46.80
N ARG D 289 2.95 -14.54 45.63
CA ARG D 289 2.26 -14.28 44.38
C ARG D 289 2.43 -15.56 43.60
N CYS D 290 1.36 -16.05 42.97
CA CYS D 290 1.44 -17.29 42.23
C CYS D 290 0.22 -17.55 41.36
N GLU D 291 0.25 -18.64 40.63
CA GLU D 291 -0.83 -19.11 39.80
C GLU D 291 -1.16 -20.46 40.40
N PHE D 292 -2.44 -20.85 40.33
CA PHE D 292 -2.81 -22.12 40.93
C PHE D 292 -3.92 -22.83 40.21
N GLU D 293 -4.00 -24.12 40.47
CA GLU D 293 -5.01 -24.97 39.86
C GLU D 293 -5.48 -25.98 40.88
N LEU D 294 -6.80 -26.09 41.02
CA LEU D 294 -7.35 -27.03 41.97
C LEU D 294 -7.03 -28.45 41.49
N LYS D 295 -6.53 -29.29 42.39
CA LYS D 295 -6.20 -30.67 42.05
C LYS D 295 -7.49 -31.46 41.85
N GLU D 296 -7.40 -32.55 41.11
CA GLU D 296 -8.57 -33.39 40.85
C GLU D 296 -9.03 -34.12 42.11
N GLY D 297 -10.28 -33.90 42.50
CA GLY D 297 -10.81 -34.56 43.68
C GLY D 297 -10.62 -33.84 45.00
N TYR D 298 -10.35 -32.54 44.95
CA TYR D 298 -10.16 -31.74 46.15
C TYR D 298 -11.13 -30.57 46.20
N ILE D 299 -11.44 -30.14 47.42
CA ILE D 299 -12.35 -29.02 47.65
C ILE D 299 -11.56 -27.70 47.49
N PRO D 300 -12.17 -26.66 46.90
CA PRO D 300 -11.49 -25.37 46.74
C PRO D 300 -11.31 -24.74 48.12
N THR D 301 -10.24 -23.98 48.35
CA THR D 301 -10.04 -23.37 49.66
C THR D 301 -9.60 -21.92 49.62
N ILE D 302 -9.23 -21.43 48.44
CA ILE D 302 -8.79 -20.05 48.30
C ILE D 302 -9.95 -19.13 47.95
N GLN D 303 -9.98 -17.96 48.57
CA GLN D 303 -11.04 -17.00 48.35
C GLN D 303 -10.51 -15.59 48.48
N ILE D 304 -10.37 -14.90 47.35
CA ILE D 304 -9.89 -13.53 47.32
C ILE D 304 -11.08 -12.57 47.38
N LYS D 305 -10.90 -11.46 48.09
CA LYS D 305 -11.97 -10.46 48.20
C LYS D 305 -11.49 -9.11 47.69
N ARG D 306 -12.39 -8.41 46.98
CA ARG D 306 -12.11 -7.09 46.42
C ARG D 306 -11.05 -7.09 45.31
N SER D 307 -11.46 -7.55 44.13
CA SER D 307 -10.60 -7.59 42.96
C SER D 307 -11.46 -8.02 41.79
N ARG D 308 -10.84 -8.45 40.69
CA ARG D 308 -11.61 -8.87 39.55
C ARG D 308 -11.75 -10.39 39.42
N PHE D 309 -11.77 -11.07 40.58
CA PHE D 309 -11.94 -12.53 40.64
C PHE D 309 -13.35 -12.78 41.18
N TYR D 310 -13.73 -14.05 41.23
CA TYR D 310 -15.04 -14.47 41.79
C TYR D 310 -14.97 -14.18 43.30
N LYS D 311 -15.74 -13.20 43.78
CA LYS D 311 -15.63 -12.70 45.15
C LYS D 311 -16.31 -13.47 46.30
N GLY D 312 -16.70 -12.66 47.26
CA GLY D 312 -17.35 -13.06 48.51
C GLY D 312 -18.02 -14.44 48.59
N ASN D 313 -18.82 -14.81 47.58
CA ASN D 313 -19.50 -16.10 47.60
C ASN D 313 -18.61 -17.27 47.15
N GLU D 314 -17.66 -17.01 46.21
CA GLU D 314 -16.91 -18.09 45.58
C GLU D 314 -15.51 -18.48 46.09
N TYR D 315 -15.20 -19.75 45.83
CA TYR D 315 -13.91 -20.34 46.11
C TYR D 315 -13.33 -20.71 44.76
N LEU D 316 -12.17 -20.16 44.43
CA LEU D 316 -11.52 -20.33 43.10
C LEU D 316 -10.95 -21.70 42.75
N LYS D 317 -11.28 -22.17 41.55
CA LYS D 317 -10.75 -23.43 41.04
C LYS D 317 -9.37 -23.16 40.43
N SER D 318 -9.15 -21.92 40.01
CA SER D 318 -7.88 -21.52 39.42
C SER D 318 -7.74 -20.00 39.46
N SER D 319 -6.51 -19.53 39.23
CA SER D 319 -6.24 -18.10 39.22
C SER D 319 -6.53 -17.50 37.83
N GLY D 320 -7.00 -18.35 36.93
CA GLY D 320 -7.32 -17.91 35.57
C GLY D 320 -6.28 -17.02 34.91
N GLY D 321 -5.26 -17.65 34.33
CA GLY D 321 -4.21 -16.91 33.66
C GLY D 321 -3.68 -15.65 34.35
N GLU D 322 -4.04 -15.44 35.61
CA GLU D 322 -3.59 -14.27 36.34
C GLU D 322 -2.76 -14.65 37.56
N ILE D 323 -1.80 -13.79 37.91
CA ILE D 323 -0.95 -14.04 39.07
C ILE D 323 -1.60 -13.52 40.34
N ALA D 324 -2.07 -14.44 41.17
CA ALA D 324 -2.73 -14.08 42.41
C ALA D 324 -1.75 -13.55 43.47
N ASP D 325 -2.19 -12.54 44.20
CA ASP D 325 -1.39 -11.91 45.25
C ASP D 325 -2.05 -12.33 46.57
N LEU D 326 -1.32 -13.07 47.41
CA LEU D 326 -1.89 -13.56 48.66
C LEU D 326 -1.03 -13.39 49.92
N TRP D 327 -1.72 -13.25 51.05
CA TRP D 327 -1.08 -13.19 52.35
C TRP D 327 -1.72 -14.33 53.13
N LEU D 328 -0.94 -15.36 53.45
CA LEU D 328 -1.51 -16.54 54.11
C LEU D 328 -0.78 -17.05 55.35
N SER D 329 -1.58 -17.47 56.32
CA SER D 329 -1.05 -18.07 57.51
C SER D 329 -0.40 -19.35 57.07
N ASN D 330 0.52 -19.93 57.83
CA ASN D 330 1.13 -21.18 57.39
C ASN D 330 0.10 -22.31 57.38
N VAL D 331 -0.96 -22.18 58.18
CA VAL D 331 -1.97 -23.22 58.22
C VAL D 331 -2.73 -23.20 56.89
N ASP D 332 -3.08 -22.01 56.41
CA ASP D 332 -3.79 -21.89 55.14
C ASP D 332 -2.89 -22.25 53.95
N LEU D 333 -1.63 -21.83 53.99
CA LEU D 333 -0.69 -22.12 52.91
C LEU D 333 -0.45 -23.62 52.77
N GLU D 334 -0.30 -24.32 53.89
CA GLU D 334 -0.06 -25.74 53.79
C GLU D 334 -1.30 -26.49 53.31
N LEU D 335 -2.46 -25.92 53.57
CA LEU D 335 -3.69 -26.55 53.16
C LEU D 335 -3.86 -26.35 51.66
N MET D 336 -3.52 -25.15 51.21
CA MET D 336 -3.58 -24.78 49.81
C MET D 336 -2.65 -25.68 48.98
N LYS D 337 -1.43 -25.89 49.48
CA LYS D 337 -0.48 -26.72 48.76
C LYS D 337 -0.98 -28.15 48.59
N GLU D 338 -1.79 -28.61 49.55
CA GLU D 338 -2.34 -29.96 49.48
C GLU D 338 -3.54 -30.03 48.54
N HIS D 339 -4.29 -28.94 48.42
CA HIS D 339 -5.46 -28.96 47.55
C HIS D 339 -5.20 -28.45 46.13
N TYR D 340 -4.22 -27.58 45.97
CA TYR D 340 -3.89 -27.01 44.66
C TYR D 340 -2.46 -27.28 44.20
N ASP D 341 -2.26 -27.09 42.94
CA ASP D 341 -0.95 -27.13 42.32
C ASP D 341 -0.56 -25.66 42.23
N LEU D 342 0.65 -25.30 42.64
CA LEU D 342 1.09 -23.91 42.59
C LEU D 342 2.18 -23.78 41.53
N TYR D 343 2.12 -22.72 40.72
CA TYR D 343 3.12 -22.48 39.68
C TYR D 343 3.63 -21.06 39.83
N ASN D 344 4.82 -20.81 39.27
CA ASN D 344 5.46 -19.50 39.33
C ASN D 344 5.25 -18.86 40.70
N VAL D 345 5.71 -19.56 41.73
CA VAL D 345 5.55 -19.07 43.09
C VAL D 345 6.65 -18.11 43.53
N GLU D 346 6.27 -16.89 43.88
CA GLU D 346 7.25 -15.93 44.37
C GLU D 346 7.02 -15.66 45.85
N TYR D 347 7.98 -16.07 46.69
CA TYR D 347 7.89 -15.82 48.13
C TYR D 347 8.44 -14.40 48.35
N ILE D 348 7.55 -13.46 48.58
CA ILE D 348 7.97 -12.07 48.76
C ILE D 348 8.55 -11.76 50.14
N SER D 349 7.70 -11.83 51.17
CA SER D 349 8.12 -11.55 52.53
C SER D 349 7.05 -12.09 53.47
N GLY D 350 7.25 -11.90 54.77
CA GLY D 350 6.28 -12.37 55.73
C GLY D 350 6.58 -11.96 57.15
N LEU D 351 5.75 -12.46 58.06
CA LEU D 351 5.89 -12.19 59.49
C LEU D 351 5.84 -13.53 60.21
N LYS D 352 6.79 -13.76 61.11
CA LYS D 352 6.79 -15.00 61.87
C LYS D 352 6.53 -14.69 63.36
N PHE D 353 5.97 -15.65 64.08
CA PHE D 353 5.61 -15.43 65.47
C PHE D 353 5.99 -16.57 66.40
N LYS D 354 6.19 -16.21 67.64
CA LYS D 354 6.39 -17.17 68.71
C LYS D 354 5.04 -17.81 68.91
N ALA D 355 4.98 -19.05 69.37
CA ALA D 355 3.70 -19.71 69.57
C ALA D 355 3.74 -20.69 70.73
N THR D 356 2.54 -20.97 71.26
CA THR D 356 2.39 -21.89 72.38
C THR D 356 0.96 -22.42 72.38
N THR D 357 0.75 -23.56 73.03
CA THR D 357 -0.57 -24.13 73.08
C THR D 357 -1.26 -23.91 74.44
N GLY D 358 -0.66 -23.15 75.36
CA GLY D 358 -1.25 -23.05 76.69
C GLY D 358 -1.79 -21.71 77.16
N LEU D 359 -2.07 -20.77 76.26
CA LEU D 359 -2.57 -19.46 76.71
C LEU D 359 -4.03 -19.42 77.14
N PHE D 360 -4.86 -20.36 76.68
CA PHE D 360 -6.27 -20.32 77.03
C PHE D 360 -6.78 -21.45 77.93
N LYS D 361 -5.95 -22.45 78.18
CA LYS D 361 -6.38 -23.59 79.00
C LYS D 361 -7.01 -23.26 80.35
N ASP D 362 -6.44 -22.30 81.09
CA ASP D 362 -7.00 -21.95 82.39
C ASP D 362 -8.37 -21.32 82.22
N PHE D 363 -8.45 -20.42 81.26
CA PHE D 363 -9.68 -19.71 80.93
C PHE D 363 -10.81 -20.66 80.57
N ILE D 364 -10.53 -21.52 79.59
CA ILE D 364 -11.52 -22.48 79.10
C ILE D 364 -11.90 -23.52 80.15
N ASP D 365 -10.92 -23.97 80.95
CA ASP D 365 -11.21 -24.94 82.00
C ASP D 365 -12.21 -24.35 83.00
N LYS D 366 -12.02 -23.09 83.39
CA LYS D 366 -12.93 -22.49 84.36
C LYS D 366 -14.35 -22.27 83.88
N TRP D 367 -14.52 -21.63 82.73
CA TRP D 367 -15.87 -21.42 82.24
C TRP D 367 -16.54 -22.68 81.74
N THR D 368 -15.77 -23.69 81.36
CA THR D 368 -16.41 -24.92 80.92
C THR D 368 -16.99 -25.57 82.18
N TYR D 369 -16.25 -25.46 83.27
CA TYR D 369 -16.71 -26.04 84.54
C TYR D 369 -18.04 -25.40 84.89
N ILE D 370 -18.06 -24.08 84.89
CA ILE D 370 -19.26 -23.33 85.19
C ILE D 370 -20.37 -23.77 84.24
N LYS D 371 -20.03 -23.95 82.97
CA LYS D 371 -21.03 -24.37 81.99
C LYS D 371 -21.60 -25.73 82.39
N THR D 372 -20.70 -26.69 82.58
CA THR D 372 -21.07 -28.05 82.94
C THR D 372 -21.95 -28.17 84.18
N THR D 373 -21.53 -27.50 85.26
CA THR D 373 -22.23 -27.55 86.54
C THR D 373 -23.26 -26.47 86.82
N SER D 374 -23.90 -25.93 85.80
CA SER D 374 -24.92 -24.92 86.03
C SER D 374 -26.03 -25.08 85.01
N GLU D 375 -27.09 -24.29 85.17
CA GLU D 375 -28.24 -24.34 84.27
C GLU D 375 -28.82 -22.97 84.02
N GLY D 376 -29.78 -22.93 83.10
CA GLY D 376 -30.45 -21.68 82.78
C GLY D 376 -29.55 -20.55 82.35
N ALA D 377 -29.76 -19.38 82.95
CA ALA D 377 -29.00 -18.18 82.63
C ALA D 377 -27.48 -18.29 82.84
N ILE D 378 -27.06 -18.80 83.99
CA ILE D 378 -25.63 -18.94 84.27
C ILE D 378 -24.94 -19.76 83.19
N LYS D 379 -25.57 -20.86 82.78
CA LYS D 379 -25.01 -21.73 81.76
C LYS D 379 -24.87 -21.01 80.44
N GLN D 380 -25.95 -20.36 79.99
CA GLN D 380 -25.92 -19.65 78.72
C GLN D 380 -24.89 -18.52 78.70
N LEU D 381 -24.74 -17.80 79.81
CA LEU D 381 -23.77 -16.72 79.87
C LEU D 381 -22.34 -17.27 79.93
N ALA D 382 -22.18 -18.50 80.42
CA ALA D 382 -20.88 -19.14 80.47
C ALA D 382 -20.48 -19.47 79.01
N LYS D 383 -21.47 -19.86 78.22
CA LYS D 383 -21.23 -20.17 76.82
C LYS D 383 -20.80 -18.90 76.12
N LEU D 384 -21.58 -17.84 76.34
CA LEU D 384 -21.32 -16.53 75.74
C LEU D 384 -19.87 -16.09 76.03
N MET D 385 -19.40 -16.31 77.26
CA MET D 385 -18.05 -15.97 77.67
C MET D 385 -16.99 -16.73 76.83
N LEU D 386 -17.23 -18.03 76.64
CA LEU D 386 -16.34 -18.89 75.88
C LEU D 386 -16.42 -18.66 74.37
N ASN D 387 -17.61 -18.32 73.88
CA ASN D 387 -17.79 -18.12 72.45
C ASN D 387 -17.51 -16.72 71.93
N SER D 388 -17.34 -15.74 72.80
CA SER D 388 -17.12 -14.40 72.30
C SER D 388 -15.70 -13.86 72.40
N LEU D 389 -14.77 -14.66 72.89
CA LEU D 389 -13.39 -14.21 73.04
C LEU D 389 -12.59 -14.12 71.75
N TYR D 390 -12.75 -15.10 70.86
CA TYR D 390 -11.98 -15.09 69.63
C TYR D 390 -12.21 -13.87 68.73
N GLY D 391 -13.45 -13.45 68.58
CA GLY D 391 -13.75 -12.30 67.74
C GLY D 391 -13.11 -11.02 68.21
N LYS D 392 -12.85 -10.92 69.50
CA LYS D 392 -12.26 -9.72 70.07
C LYS D 392 -10.82 -9.45 69.61
N PHE D 393 -10.05 -10.51 69.36
CA PHE D 393 -8.66 -10.32 68.95
C PHE D 393 -8.51 -9.65 67.60
N ALA D 394 -9.48 -9.85 66.72
CA ALA D 394 -9.40 -9.25 65.40
C ALA D 394 -10.33 -8.05 65.24
N SER D 395 -10.66 -7.39 66.35
CA SER D 395 -11.54 -6.23 66.27
C SER D 395 -10.86 -5.12 65.46
N ASN D 396 -11.56 -4.66 64.44
CA ASN D 396 -11.09 -3.62 63.53
C ASN D 396 -10.76 -2.26 64.17
N PRO D 397 -9.57 -1.70 63.86
CA PRO D 397 -9.11 -0.41 64.40
C PRO D 397 -9.90 0.77 63.85
N ASP D 398 -10.53 0.59 62.70
CA ASP D 398 -11.32 1.65 62.07
C ASP D 398 -12.69 1.77 62.73
N VAL D 399 -12.86 2.82 63.54
CA VAL D 399 -14.14 3.04 64.23
C VAL D 399 -14.92 4.23 63.69
N THR D 400 -14.57 4.68 62.49
CA THR D 400 -15.26 5.81 61.87
C THR D 400 -16.76 5.56 61.92
N GLY D 401 -17.53 6.56 62.37
CA GLY D 401 -18.97 6.38 62.45
C GLY D 401 -19.83 7.38 61.69
N LYS D 402 -21.11 7.43 62.05
CA LYS D 402 -22.08 8.33 61.44
C LYS D 402 -22.47 9.40 62.46
N VAL D 403 -22.87 10.57 61.96
CA VAL D 403 -23.29 11.68 62.81
C VAL D 403 -24.75 11.97 62.50
N PRO D 404 -25.63 11.91 63.51
CA PRO D 404 -27.06 12.18 63.27
C PRO D 404 -27.41 13.67 63.25
N TYR D 405 -28.45 14.00 62.47
CA TYR D 405 -28.93 15.37 62.38
C TYR D 405 -30.38 15.29 61.92
N LEU D 406 -31.17 16.29 62.28
CA LEU D 406 -32.57 16.30 61.90
C LEU D 406 -32.74 16.96 60.54
N LYS D 407 -33.20 16.19 59.57
CA LYS D 407 -33.41 16.71 58.22
C LYS D 407 -34.54 17.73 58.20
N GLU D 408 -34.72 18.36 57.05
CA GLU D 408 -35.75 19.37 56.87
C GLU D 408 -37.14 18.79 57.10
N ASN D 409 -37.39 17.61 56.52
CA ASN D 409 -38.68 16.94 56.64
C ASN D 409 -39.01 16.53 58.08
N GLY D 410 -38.06 16.72 58.99
CA GLY D 410 -38.29 16.37 60.37
C GLY D 410 -37.94 14.94 60.73
N ALA D 411 -37.20 14.26 59.86
CA ALA D 411 -36.78 12.89 60.11
C ALA D 411 -35.28 12.86 60.31
N LEU D 412 -34.75 11.76 60.83
CA LEU D 412 -33.31 11.66 61.05
C LEU D 412 -32.50 11.33 59.80
N GLY D 413 -31.36 11.99 59.68
CA GLY D 413 -30.47 11.76 58.56
C GLY D 413 -29.07 11.55 59.13
N PHE D 414 -28.16 11.03 58.34
CA PHE D 414 -26.80 10.82 58.82
C PHE D 414 -25.77 11.31 57.82
N ARG D 415 -24.57 11.56 58.32
CA ARG D 415 -23.47 12.04 57.50
C ARG D 415 -22.22 11.32 57.99
N LEU D 416 -21.41 10.84 57.05
CA LEU D 416 -20.18 10.15 57.42
C LEU D 416 -19.39 11.10 58.32
N GLY D 417 -18.87 10.58 59.42
CA GLY D 417 -18.11 11.42 60.34
C GLY D 417 -16.62 11.40 60.05
N GLU D 418 -15.85 12.07 60.90
CA GLU D 418 -14.40 12.12 60.73
C GLU D 418 -13.82 10.72 60.94
N GLU D 419 -12.80 10.36 60.17
CA GLU D 419 -12.17 9.06 60.32
C GLU D 419 -11.53 8.99 61.70
N GLU D 420 -11.75 7.88 62.40
CA GLU D 420 -11.23 7.70 63.74
C GLU D 420 -10.62 6.31 63.88
N THR D 421 -9.57 6.21 64.68
CA THR D 421 -8.89 4.93 64.88
C THR D 421 -8.78 4.57 66.35
N LYS D 422 -8.72 3.26 66.62
CA LYS D 422 -8.56 2.76 67.99
C LYS D 422 -7.41 1.74 67.93
N ASP D 423 -6.73 1.54 69.06
CA ASP D 423 -5.63 0.58 69.08
C ASP D 423 -6.12 -0.84 68.84
N PRO D 424 -5.41 -1.60 67.99
CA PRO D 424 -5.81 -2.98 67.72
C PRO D 424 -5.54 -3.83 68.96
N VAL D 425 -6.22 -4.97 69.07
CA VAL D 425 -6.00 -5.84 70.22
C VAL D 425 -4.81 -6.72 69.89
N TYR D 426 -5.03 -7.76 69.10
CA TYR D 426 -3.96 -8.67 68.68
C TYR D 426 -4.47 -9.57 67.56
N THR D 427 -4.49 -9.00 66.36
CA THR D 427 -4.97 -9.64 65.15
C THR D 427 -4.39 -11.00 64.77
N PRO D 428 -3.06 -11.18 64.96
CA PRO D 428 -2.46 -12.48 64.62
C PRO D 428 -3.24 -13.65 65.24
N MET D 429 -3.71 -13.44 66.46
CA MET D 429 -4.46 -14.46 67.19
C MET D 429 -5.76 -14.81 66.47
N GLY D 430 -6.47 -13.78 65.99
CA GLY D 430 -7.71 -14.03 65.28
C GLY D 430 -7.46 -14.77 63.99
N VAL D 431 -6.42 -14.33 63.28
CA VAL D 431 -5.99 -14.95 62.03
C VAL D 431 -5.79 -16.44 62.21
N PHE D 432 -5.00 -16.81 63.21
CA PHE D 432 -4.73 -18.23 63.40
C PHE D 432 -5.84 -19.05 64.02
N ILE D 433 -6.72 -18.45 64.82
CA ILE D 433 -7.81 -19.21 65.41
C ILE D 433 -8.78 -19.60 64.29
N THR D 434 -9.13 -18.65 63.42
CA THR D 434 -10.05 -18.97 62.33
C THR D 434 -9.36 -19.85 61.27
N ALA D 435 -8.04 -19.70 61.11
CA ALA D 435 -7.35 -20.56 60.16
C ALA D 435 -7.39 -22.01 60.66
N TRP D 436 -7.23 -22.21 61.97
CA TRP D 436 -7.28 -23.56 62.50
C TRP D 436 -8.69 -24.14 62.43
N ALA D 437 -9.70 -23.28 62.53
CA ALA D 437 -11.08 -23.76 62.46
C ALA D 437 -11.37 -24.22 61.04
N ARG D 438 -10.93 -23.43 60.06
CA ARG D 438 -11.13 -23.79 58.65
C ARG D 438 -10.41 -25.11 58.34
N TYR D 439 -9.19 -25.23 58.84
CA TYR D 439 -8.41 -26.45 58.63
C TYR D 439 -9.15 -27.67 59.22
N THR D 440 -9.78 -27.47 60.37
CA THR D 440 -10.53 -28.55 61.03
C THR D 440 -11.68 -29.02 60.16
N THR D 441 -12.43 -28.07 59.63
CA THR D 441 -13.58 -28.38 58.80
C THR D 441 -13.21 -28.89 57.41
N ILE D 442 -12.29 -28.20 56.74
CA ILE D 442 -11.87 -28.61 55.40
C ILE D 442 -11.23 -29.98 55.33
N THR D 443 -10.39 -30.34 56.30
CA THR D 443 -9.76 -31.66 56.28
C THR D 443 -10.78 -32.76 56.52
N ALA D 444 -11.78 -32.50 57.35
CA ALA D 444 -12.81 -33.51 57.62
C ALA D 444 -13.71 -33.63 56.39
N ALA D 445 -14.09 -32.51 55.81
CA ALA D 445 -14.93 -32.51 54.62
C ALA D 445 -14.20 -33.20 53.46
N GLN D 446 -12.91 -32.91 53.31
CA GLN D 446 -12.10 -33.49 52.25
C GLN D 446 -11.98 -35.00 52.39
N ALA D 447 -11.93 -35.47 53.64
CA ALA D 447 -11.84 -36.91 53.88
C ALA D 447 -13.14 -37.62 53.51
N CYS D 448 -14.22 -36.86 53.37
CA CYS D 448 -15.53 -37.40 53.01
C CYS D 448 -15.97 -36.85 51.66
N TYR D 449 -14.99 -36.50 50.83
CA TYR D 449 -15.23 -35.92 49.51
C TYR D 449 -16.29 -36.64 48.70
N ASP D 450 -16.33 -37.96 48.80
CA ASP D 450 -17.29 -38.76 48.05
C ASP D 450 -18.73 -38.56 48.47
N ARG D 451 -18.94 -38.05 49.68
CA ARG D 451 -20.28 -37.84 50.20
C ARG D 451 -20.57 -36.40 50.61
N ILE D 452 -19.52 -35.56 50.58
CA ILE D 452 -19.68 -34.17 50.99
C ILE D 452 -20.66 -33.37 50.14
N ILE D 453 -21.61 -32.72 50.81
CA ILE D 453 -22.60 -31.90 50.12
C ILE D 453 -22.34 -30.43 50.36
N TYR D 454 -22.18 -30.08 51.64
CA TYR D 454 -22.04 -28.70 52.05
C TYR D 454 -21.23 -28.50 53.35
N CYS D 455 -20.63 -27.33 53.47
CA CYS D 455 -19.83 -26.99 54.64
C CYS D 455 -20.17 -25.60 55.14
N ASP D 456 -20.23 -25.44 56.44
CA ASP D 456 -20.47 -24.12 56.98
C ASP D 456 -19.82 -23.91 58.34
N THR D 457 -18.61 -23.37 58.30
CA THR D 457 -17.84 -23.05 59.49
C THR D 457 -17.52 -24.23 60.40
N ASP D 458 -18.51 -24.71 61.16
CA ASP D 458 -18.28 -25.82 62.05
C ASP D 458 -19.11 -27.06 61.75
N SER D 459 -19.68 -27.13 60.55
CA SER D 459 -20.49 -28.29 60.17
C SER D 459 -20.31 -28.74 58.73
N ILE D 460 -20.38 -30.05 58.54
CA ILE D 460 -20.28 -30.66 57.22
C ILE D 460 -21.57 -31.46 57.01
N HIS D 461 -22.08 -31.45 55.79
CA HIS D 461 -23.30 -32.20 55.46
C HIS D 461 -22.96 -33.29 54.43
N LEU D 462 -23.31 -34.53 54.76
CA LEU D 462 -23.02 -35.65 53.88
C LEU D 462 -24.27 -36.39 53.42
N THR D 463 -24.14 -37.11 52.31
CA THR D 463 -25.18 -37.96 51.78
C THR D 463 -25.09 -39.23 52.57
N GLY D 464 -26.17 -40.00 52.63
CA GLY D 464 -26.12 -41.25 53.38
C GLY D 464 -26.37 -41.00 54.84
N THR D 465 -26.58 -42.07 55.60
CA THR D 465 -26.85 -41.94 57.03
C THR D 465 -25.83 -42.69 57.86
N GLU D 466 -24.87 -43.30 57.19
CA GLU D 466 -23.83 -44.03 57.90
C GLU D 466 -22.69 -43.09 58.23
N ILE D 467 -22.06 -43.31 59.38
CA ILE D 467 -20.93 -42.48 59.79
C ILE D 467 -19.70 -42.96 59.02
N PRO D 468 -19.05 -42.07 58.27
CA PRO D 468 -17.86 -42.40 57.48
C PRO D 468 -16.75 -42.97 58.36
N ASP D 469 -16.24 -44.13 57.98
CA ASP D 469 -15.19 -44.78 58.75
C ASP D 469 -13.95 -43.90 58.96
N VAL D 470 -13.65 -43.05 57.99
CA VAL D 470 -12.49 -42.17 58.07
C VAL D 470 -12.56 -41.12 59.17
N ILE D 471 -13.73 -40.93 59.77
CA ILE D 471 -13.86 -39.94 60.82
C ILE D 471 -14.35 -40.50 62.16
N LYS D 472 -14.60 -41.81 62.20
CA LYS D 472 -15.08 -42.42 63.43
C LYS D 472 -14.21 -42.04 64.63
N ASP D 473 -12.90 -42.05 64.44
CA ASP D 473 -11.98 -41.70 65.51
C ASP D 473 -12.23 -40.30 66.08
N ILE D 474 -12.67 -39.37 65.24
CA ILE D 474 -12.90 -38.01 65.71
C ILE D 474 -14.37 -37.62 65.89
N VAL D 475 -15.22 -38.60 66.13
CA VAL D 475 -16.65 -38.34 66.35
C VAL D 475 -17.02 -38.61 67.81
N ASP D 476 -17.80 -37.71 68.40
CA ASP D 476 -18.26 -37.84 69.77
C ASP D 476 -19.41 -36.88 70.04
N PRO D 477 -20.36 -37.27 70.90
CA PRO D 477 -21.52 -36.43 71.23
C PRO D 477 -21.20 -35.11 71.92
N LYS D 478 -20.14 -35.06 72.73
CA LYS D 478 -19.82 -33.83 73.44
C LYS D 478 -18.35 -33.53 73.76
N LYS D 479 -17.43 -34.42 73.38
CA LYS D 479 -16.02 -34.18 73.64
C LYS D 479 -15.56 -32.94 72.85
N LEU D 480 -14.91 -32.00 73.54
CA LEU D 480 -14.43 -30.75 72.95
C LEU D 480 -13.59 -30.92 71.69
N GLY D 481 -13.99 -30.28 70.60
CA GLY D 481 -13.22 -30.38 69.38
C GLY D 481 -13.51 -31.56 68.47
N TYR D 482 -14.24 -32.56 68.96
CA TYR D 482 -14.58 -33.70 68.13
C TYR D 482 -15.86 -33.36 67.35
N TRP D 483 -16.26 -34.22 66.43
CA TRP D 483 -17.45 -33.98 65.63
C TRP D 483 -18.64 -34.75 66.18
N ALA D 484 -19.76 -34.09 66.34
CA ALA D 484 -20.94 -34.77 66.83
C ALA D 484 -21.96 -34.96 65.70
N HIS D 485 -22.51 -36.15 65.66
CA HIS D 485 -23.57 -36.41 64.70
C HIS D 485 -24.74 -35.57 65.17
N GLU D 486 -25.00 -34.45 64.50
CA GLU D 486 -26.06 -33.53 64.89
C GLU D 486 -27.45 -34.01 64.52
N SER D 487 -27.66 -34.31 63.24
CA SER D 487 -28.96 -34.75 62.76
C SER D 487 -28.89 -35.59 61.49
N THR D 488 -30.03 -36.13 61.09
CA THR D 488 -30.16 -36.94 59.89
C THR D 488 -31.44 -36.48 59.22
N PHE D 489 -31.42 -36.30 57.90
CA PHE D 489 -32.62 -35.84 57.21
C PHE D 489 -33.16 -36.77 56.13
N LYS D 490 -34.50 -36.81 56.02
CA LYS D 490 -35.17 -37.67 55.06
C LYS D 490 -34.80 -37.20 53.64
N ARG D 491 -34.85 -35.89 53.42
CA ARG D 491 -34.50 -35.31 52.13
C ARG D 491 -34.13 -33.84 52.32
N ALA D 492 -33.54 -33.23 51.30
CA ALA D 492 -33.13 -31.83 51.38
C ALA D 492 -32.92 -31.20 50.00
N LYS D 493 -32.71 -29.89 50.00
CA LYS D 493 -32.46 -29.12 48.78
C LYS D 493 -31.60 -27.89 49.06
N TYR D 494 -30.40 -27.84 48.48
CA TYR D 494 -29.47 -26.73 48.66
C TYR D 494 -29.35 -25.87 47.39
N LEU D 495 -29.59 -24.56 47.51
CA LEU D 495 -29.52 -23.65 46.37
C LEU D 495 -28.19 -22.88 46.33
N ARG D 496 -27.78 -22.39 47.50
CA ARG D 496 -26.54 -21.62 47.63
C ARG D 496 -25.98 -21.72 49.03
N GLN D 497 -24.86 -21.03 49.27
CA GLN D 497 -24.25 -21.02 50.58
C GLN D 497 -25.29 -20.41 51.51
N LYS D 498 -25.48 -21.03 52.67
CA LYS D 498 -26.43 -20.54 53.65
C LYS D 498 -27.86 -20.48 53.13
N THR D 499 -28.20 -21.32 52.16
CA THR D 499 -29.55 -21.32 51.59
C THR D 499 -29.96 -22.74 51.24
N TYR D 500 -30.71 -23.38 52.12
CA TYR D 500 -31.14 -24.75 51.91
C TYR D 500 -32.30 -25.14 52.83
N ILE D 501 -32.93 -26.27 52.52
CA ILE D 501 -34.05 -26.76 53.32
C ILE D 501 -33.89 -28.26 53.52
N GLN D 502 -34.38 -28.78 54.65
CA GLN D 502 -34.29 -30.21 54.94
C GLN D 502 -35.52 -30.70 55.69
N ASP D 503 -35.74 -31.99 55.70
CA ASP D 503 -36.80 -32.64 56.46
C ASP D 503 -36.06 -33.50 57.46
N ILE D 504 -35.86 -32.94 58.66
CA ILE D 504 -35.11 -33.63 59.71
C ILE D 504 -35.94 -34.67 60.45
N TYR D 505 -35.30 -35.75 60.86
CA TYR D 505 -35.97 -36.79 61.63
C TYR D 505 -35.99 -36.30 63.08
N MET D 506 -37.13 -36.43 63.75
CA MET D 506 -37.23 -36.00 65.13
C MET D 506 -37.94 -37.05 66.00
N LYS D 507 -37.86 -36.88 67.31
CA LYS D 507 -38.52 -37.78 68.24
C LYS D 507 -38.87 -36.98 69.48
N GLU D 508 -39.93 -37.38 70.18
CA GLU D 508 -40.37 -36.68 71.38
C GLU D 508 -39.78 -37.29 72.65
N VAL D 509 -38.93 -36.52 73.33
CA VAL D 509 -38.30 -36.99 74.55
C VAL D 509 -38.52 -36.03 75.72
N ASP D 510 -39.30 -36.48 76.69
CA ASP D 510 -39.60 -35.68 77.88
C ASP D 510 -40.21 -34.34 77.52
N GLY D 511 -41.33 -34.38 76.78
CA GLY D 511 -41.99 -33.15 76.39
C GLY D 511 -41.21 -32.37 75.34
N LYS D 512 -39.93 -32.68 75.21
CA LYS D 512 -39.07 -32.01 74.23
C LYS D 512 -39.07 -32.73 72.89
N LEU D 513 -38.72 -31.98 71.86
CA LEU D 513 -38.64 -32.52 70.52
C LEU D 513 -37.16 -32.48 70.15
N VAL D 514 -36.53 -33.64 70.12
CA VAL D 514 -35.10 -33.73 69.81
C VAL D 514 -34.80 -34.50 68.53
N GLU D 515 -33.60 -34.31 68.01
CA GLU D 515 -33.18 -34.98 66.79
C GLU D 515 -33.26 -36.48 66.94
N GLY D 516 -33.81 -37.15 65.92
CA GLY D 516 -33.93 -38.58 65.95
C GLY D 516 -33.25 -39.16 64.73
N SER D 517 -33.30 -40.47 64.57
CA SER D 517 -32.68 -41.13 63.42
C SER D 517 -33.73 -41.91 62.63
N PRO D 518 -33.39 -42.39 61.44
CA PRO D 518 -34.35 -43.14 60.62
C PRO D 518 -34.92 -44.33 61.38
N ASP D 519 -34.11 -44.93 62.25
CA ASP D 519 -34.51 -46.09 63.03
C ASP D 519 -35.71 -45.83 63.93
N ASP D 520 -35.64 -44.79 64.75
CA ASP D 520 -36.75 -44.46 65.65
C ASP D 520 -37.09 -42.97 65.66
N TYR D 521 -37.95 -42.56 64.72
CA TYR D 521 -38.37 -41.18 64.63
C TYR D 521 -39.88 -41.15 64.63
N THR D 522 -40.45 -40.21 65.38
CA THR D 522 -41.90 -40.09 65.46
C THR D 522 -42.42 -38.90 64.67
N ASP D 523 -41.58 -37.90 64.43
CA ASP D 523 -42.00 -36.72 63.69
C ASP D 523 -40.94 -36.24 62.70
N ILE D 524 -41.35 -35.37 61.78
CA ILE D 524 -40.44 -34.81 60.78
C ILE D 524 -40.52 -33.29 60.76
N LYS D 525 -39.41 -32.65 61.09
CA LYS D 525 -39.33 -31.20 61.14
C LYS D 525 -38.78 -30.61 59.83
N PHE D 526 -39.46 -29.56 59.36
CA PHE D 526 -39.09 -28.89 58.13
C PHE D 526 -38.34 -27.61 58.43
N SER D 527 -37.00 -27.67 58.35
CA SER D 527 -36.19 -26.49 58.63
C SER D 527 -35.74 -25.74 57.38
N VAL D 528 -35.88 -24.42 57.43
CA VAL D 528 -35.50 -23.56 56.33
C VAL D 528 -34.32 -22.69 56.74
N LYS D 529 -33.28 -22.67 55.91
CA LYS D 529 -32.10 -21.86 56.15
C LYS D 529 -31.91 -20.96 54.96
N CYS D 530 -31.92 -19.65 55.20
CA CYS D 530 -31.76 -18.68 54.12
C CYS D 530 -31.50 -17.28 54.67
N ALA D 531 -30.29 -16.79 54.45
CA ALA D 531 -29.90 -15.47 54.94
C ALA D 531 -30.88 -14.35 54.62
N GLY D 532 -31.38 -13.71 55.67
CA GLY D 532 -32.32 -12.61 55.49
C GLY D 532 -33.80 -12.97 55.58
N MET D 533 -34.11 -14.25 55.52
CA MET D 533 -35.50 -14.67 55.56
C MET D 533 -36.05 -14.74 56.99
N THR D 534 -37.15 -14.03 57.22
CA THR D 534 -37.79 -14.00 58.53
C THR D 534 -38.51 -15.31 58.80
N ASP D 535 -38.93 -15.53 60.05
CA ASP D 535 -39.64 -16.76 60.39
C ASP D 535 -41.00 -16.77 59.74
N LYS D 536 -41.59 -15.59 59.57
CA LYS D 536 -42.90 -15.49 58.96
C LYS D 536 -42.82 -15.83 57.47
N ILE D 537 -41.67 -15.52 56.84
CA ILE D 537 -41.49 -15.81 55.43
C ILE D 537 -41.09 -17.27 55.24
N LYS D 538 -40.40 -17.84 56.22
CA LYS D 538 -39.97 -19.23 56.12
C LYS D 538 -41.20 -20.13 56.10
N LYS D 539 -42.27 -19.68 56.75
CA LYS D 539 -43.50 -20.46 56.83
C LYS D 539 -44.19 -20.67 55.49
N GLU D 540 -43.84 -19.85 54.50
CA GLU D 540 -44.44 -19.98 53.18
C GLU D 540 -43.56 -20.69 52.16
N VAL D 541 -42.52 -21.33 52.66
CA VAL D 541 -41.60 -22.07 51.81
C VAL D 541 -42.01 -23.55 51.78
N THR D 542 -41.76 -24.20 50.65
CA THR D 542 -42.07 -25.62 50.49
C THR D 542 -41.04 -26.20 49.52
N PHE D 543 -40.83 -27.51 49.58
CA PHE D 543 -39.88 -28.16 48.69
C PHE D 543 -40.20 -27.80 47.25
N GLU D 544 -41.47 -27.53 46.99
CA GLU D 544 -41.92 -27.20 45.65
C GLU D 544 -41.60 -25.78 45.20
N ASN D 545 -41.70 -24.82 46.11
CA ASN D 545 -41.43 -23.42 45.75
C ASN D 545 -40.05 -22.91 46.15
N PHE D 546 -39.25 -23.76 46.79
CA PHE D 546 -37.92 -23.32 47.21
C PHE D 546 -36.96 -23.30 46.03
N LYS D 547 -36.67 -22.10 45.53
CA LYS D 547 -35.76 -21.95 44.41
C LYS D 547 -35.49 -20.47 44.15
N VAL D 548 -34.42 -20.19 43.41
CA VAL D 548 -34.07 -18.81 43.09
C VAL D 548 -35.30 -18.15 42.49
N GLY D 549 -35.56 -16.90 42.90
CA GLY D 549 -36.71 -16.19 42.39
C GLY D 549 -37.84 -16.13 43.38
N PHE D 550 -37.92 -17.11 44.27
CA PHE D 550 -38.97 -17.13 45.30
C PHE D 550 -39.06 -15.72 45.87
N SER D 551 -40.26 -15.18 45.97
CA SER D 551 -40.42 -13.83 46.52
C SER D 551 -41.73 -13.62 47.26
N ARG D 552 -41.69 -12.65 48.18
CA ARG D 552 -42.84 -12.28 48.99
C ARG D 552 -42.54 -11.05 49.83
N LYS D 553 -43.19 -9.95 49.49
CA LYS D 553 -43.02 -8.68 50.19
C LYS D 553 -43.53 -8.77 51.62
N MET D 554 -42.75 -9.42 52.49
CA MET D 554 -43.14 -9.60 53.88
C MET D 554 -41.98 -9.34 54.84
N LYS D 555 -40.89 -8.77 54.33
CA LYS D 555 -39.74 -8.49 55.17
C LYS D 555 -39.77 -7.03 55.66
N PRO D 556 -40.21 -6.81 56.90
CA PRO D 556 -40.30 -5.48 57.51
C PRO D 556 -38.96 -4.76 57.55
N LYS D 557 -38.85 -3.64 56.85
CA LYS D 557 -37.61 -2.89 56.82
C LYS D 557 -37.79 -1.47 57.34
N PRO D 558 -36.87 -1.03 58.23
CA PRO D 558 -36.83 0.30 58.86
C PRO D 558 -36.88 1.49 57.93
N VAL D 559 -37.62 2.52 58.35
CA VAL D 559 -37.74 3.75 57.57
C VAL D 559 -37.75 4.95 58.52
N GLN D 560 -36.74 5.81 58.39
CA GLN D 560 -36.67 7.01 59.22
C GLN D 560 -37.79 7.95 58.79
N VAL D 561 -38.72 8.22 59.69
CA VAL D 561 -39.85 9.08 59.41
C VAL D 561 -39.91 10.10 60.54
N PRO D 562 -40.54 11.27 60.32
CA PRO D 562 -40.61 12.27 61.39
C PRO D 562 -41.07 11.71 62.73
N GLY D 563 -40.28 11.97 63.77
CA GLY D 563 -40.62 11.49 65.10
C GLY D 563 -39.91 10.22 65.50
N GLY D 564 -39.60 9.36 64.53
CA GLY D 564 -38.92 8.11 64.83
C GLY D 564 -38.78 7.17 63.64
N VAL D 565 -38.92 5.88 63.89
CA VAL D 565 -38.79 4.87 62.84
C VAL D 565 -40.02 3.96 62.74
N VAL D 566 -40.32 3.55 61.53
CA VAL D 566 -41.46 2.67 61.27
C VAL D 566 -41.05 1.49 60.40
N LEU D 567 -41.71 0.35 60.61
CA LEU D 567 -41.43 -0.84 59.84
C LEU D 567 -42.39 -0.90 58.66
N VAL D 568 -41.84 -1.01 57.46
CA VAL D 568 -42.62 -1.08 56.24
C VAL D 568 -42.26 -2.36 55.51
N ASP D 569 -43.26 -3.15 55.14
CA ASP D 569 -43.03 -4.40 54.43
C ASP D 569 -42.31 -4.16 53.11
N ASP D 570 -41.19 -4.85 52.92
CA ASP D 570 -40.41 -4.73 51.69
C ASP D 570 -40.47 -6.08 50.97
N THR D 571 -39.75 -6.21 49.86
CA THR D 571 -39.74 -7.43 49.09
C THR D 571 -38.50 -8.28 49.35
N PHE D 572 -38.70 -9.58 49.55
CA PHE D 572 -37.59 -10.49 49.77
C PHE D 572 -37.50 -11.44 48.59
N THR D 573 -36.30 -11.62 48.06
CA THR D 573 -36.11 -12.50 46.92
C THR D 573 -34.84 -13.34 47.00
N ILE D 574 -35.00 -14.65 46.88
CA ILE D 574 -33.86 -15.55 46.91
C ILE D 574 -33.10 -15.35 45.61
N LYS D 575 -31.87 -14.85 45.74
CA LYS D 575 -31.03 -14.59 44.58
C LYS D 575 -29.65 -15.25 44.71
#